data_4ROF
# 
_entry.id   4ROF 
# 
_audit_conform.dict_name       mmcif_pdbx.dic 
_audit_conform.dict_version    5.397 
_audit_conform.dict_location   http://mmcif.pdb.org/dictionaries/ascii/mmcif_pdbx.dic 
# 
loop_
_database_2.database_id 
_database_2.database_code 
_database_2.pdbx_database_accession 
_database_2.pdbx_DOI 
PDB   4ROF         pdb_00004rof 10.2210/pdb4rof/pdb 
RCSB  RCSB087596   ?            ?                   
WWPDB D_1000087596 ?            ?                   
# 
loop_
_pdbx_audit_revision_history.ordinal 
_pdbx_audit_revision_history.data_content_type 
_pdbx_audit_revision_history.major_revision 
_pdbx_audit_revision_history.minor_revision 
_pdbx_audit_revision_history.revision_date 
1 'Structure model' 1 0 2014-12-10 
2 'Structure model' 1 1 2017-11-22 
3 'Structure model' 1 2 2023-09-20 
4 'Structure model' 1 3 2024-10-16 
# 
_pdbx_audit_revision_details.ordinal             1 
_pdbx_audit_revision_details.revision_ordinal    1 
_pdbx_audit_revision_details.data_content_type   'Structure model' 
_pdbx_audit_revision_details.provider            repository 
_pdbx_audit_revision_details.type                'Initial release' 
_pdbx_audit_revision_details.description         ? 
_pdbx_audit_revision_details.details             ? 
# 
loop_
_pdbx_audit_revision_group.ordinal 
_pdbx_audit_revision_group.revision_ordinal 
_pdbx_audit_revision_group.data_content_type 
_pdbx_audit_revision_group.group 
1 2 'Structure model' 'Refinement description' 
2 3 'Structure model' 'Data collection'        
3 3 'Structure model' 'Database references'    
4 3 'Structure model' 'Derived calculations'   
5 3 'Structure model' 'Refinement description' 
6 4 'Structure model' 'Structure summary'      
# 
loop_
_pdbx_audit_revision_category.ordinal 
_pdbx_audit_revision_category.revision_ordinal 
_pdbx_audit_revision_category.data_content_type 
_pdbx_audit_revision_category.category 
1 2 'Structure model' software                      
2 3 'Structure model' chem_comp_atom                
3 3 'Structure model' chem_comp_bond                
4 3 'Structure model' database_2                    
5 3 'Structure model' pdbx_initial_refinement_model 
6 3 'Structure model' struct_conn                   
7 3 'Structure model' struct_ref_seq_dif            
8 4 'Structure model' pdbx_entry_details            
9 4 'Structure model' pdbx_modification_feature     
# 
loop_
_pdbx_audit_revision_item.ordinal 
_pdbx_audit_revision_item.revision_ordinal 
_pdbx_audit_revision_item.data_content_type 
_pdbx_audit_revision_item.item 
1 3 'Structure model' '_database_2.pdbx_DOI'                
2 3 'Structure model' '_database_2.pdbx_database_accession' 
3 3 'Structure model' '_struct_conn.pdbx_leaving_atom_flag' 
4 3 'Structure model' '_struct_ref_seq_dif.details'         
# 
_pdbx_database_status.entry_id                        4ROF 
_pdbx_database_status.status_code                     REL 
_pdbx_database_status.deposit_site                    RCSB 
_pdbx_database_status.process_site                    RCSB 
_pdbx_database_status.recvd_initial_deposition_date   2014-10-28 
_pdbx_database_status.status_code_sf                  REL 
_pdbx_database_status.status_code_mr                  ? 
_pdbx_database_status.SG_entry                        Y 
_pdbx_database_status.status_code_cs                  ? 
_pdbx_database_status.methods_development_category    ? 
_pdbx_database_status.pdb_format_compatible           Y 
_pdbx_database_status.status_code_nmr_data            ? 
# 
loop_
_pdbx_database_related.db_name 
_pdbx_database_related.db_id 
_pdbx_database_related.details 
_pdbx_database_related.content_type 
PDB 4ROH . unspecified 
PDB 4ROI . unspecified 
PDB 4ROJ . unspecified 
# 
loop_
_audit_author.name 
_audit_author.pdbx_ordinal 
'Liu, Y.'                              1 
'Tempel, W.'                           2 
'Bountra, C.'                          3 
'Arrowsmith, C.H.'                     4 
'Edwards, A.M.'                        5 
'Min, J.'                              6 
'Structural Genomics Consortium (SGC)' 7 
# 
_citation.id                        primary 
_citation.title                     'Crystal Structure of WW3 domain of ITCH in complex with TXNIP peptide' 
_citation.journal_abbrev            'To be Published' 
_citation.journal_volume            ? 
_citation.page_first                ? 
_citation.page_last                 ? 
_citation.year                      ? 
_citation.journal_id_ASTM           ? 
_citation.country                   ? 
_citation.journal_id_ISSN           ? 
_citation.journal_id_CSD            0353 
_citation.book_publisher            ? 
_citation.pdbx_database_id_PubMed   ? 
_citation.pdbx_database_id_DOI      ? 
# 
loop_
_citation_author.citation_id 
_citation_author.name 
_citation_author.ordinal 
_citation_author.identifier_ORCID 
primary 'Liu, Y.'                              1 ? 
primary 'Tempel, W.'                           2 ? 
primary 'Bountra, C.'                          3 ? 
primary 'Arrowsmith, C.H.'                     4 ? 
primary 'Edwards, A.M.'                        5 ? 
primary 'Min, J.'                              6 ? 
primary 'Structural Genomics Consortium (SGC)' 7 ? 
# 
loop_
_entity.id 
_entity.type 
_entity.src_method 
_entity.pdbx_description 
_entity.formula_weight 
_entity.pdbx_number_of_molecules 
_entity.pdbx_ec 
_entity.pdbx_mutation 
_entity.pdbx_fragment 
_entity.details 
1 polymer man 'E3 ubiquitin-protein ligase Itchy homolog' 5411.962 2  6.3.2.- ? 'UNP residues 436-474' ? 
2 polymer syn 'Thioredoxin-interacting protein'           1359.589 2  ?       ? 'UNP residues 327-338' ? 
3 water   nat water                                       18.015   10 ?       ? ?                      ? 
# 
loop_
_entity_name_com.entity_id 
_entity_name_com.name 
1 'Itch, Atrophin-1-interacting protein 4, AIP4, NFE2-associated polypeptide 1, NAPP1' 
2 'Thioredoxin-binding protein 2, Vitamin D3 up-regulated protein 1,TXNIP peptide'     
# 
loop_
_entity_poly.entity_id 
_entity_poly.type 
_entity_poly.nstd_linkage 
_entity_poly.nstd_monomer 
_entity_poly.pdbx_seq_one_letter_code 
_entity_poly.pdbx_seq_one_letter_code_can 
_entity_poly.pdbx_strand_id 
_entity_poly.pdbx_target_identifier 
1 'polypeptide(L)' no no  GRRASVELPLGPLPPGWEKRTDSNGRVYFVNHNTRITQWEDPRSQGQ GRRASVELPLGPLPPGWEKRTDSNGRVYFVNHNTRITQWEDPRSQGQ A,B ? 
2 'polypeptide(L)' no yes '(ACE)TPEAPPCYMDVI(NH2)'                        XTPEAPPCYMDVIX                                  C,D ? 
# 
_pdbx_entity_nonpoly.entity_id   3 
_pdbx_entity_nonpoly.name        water 
_pdbx_entity_nonpoly.comp_id     HOH 
# 
loop_
_entity_poly_seq.entity_id 
_entity_poly_seq.num 
_entity_poly_seq.mon_id 
_entity_poly_seq.hetero 
1 1  GLY n 
1 2  ARG n 
1 3  ARG n 
1 4  ALA n 
1 5  SER n 
1 6  VAL n 
1 7  GLU n 
1 8  LEU n 
1 9  PRO n 
1 10 LEU n 
1 11 GLY n 
1 12 PRO n 
1 13 LEU n 
1 14 PRO n 
1 15 PRO n 
1 16 GLY n 
1 17 TRP n 
1 18 GLU n 
1 19 LYS n 
1 20 ARG n 
1 21 THR n 
1 22 ASP n 
1 23 SER n 
1 24 ASN n 
1 25 GLY n 
1 26 ARG n 
1 27 VAL n 
1 28 TYR n 
1 29 PHE n 
1 30 VAL n 
1 31 ASN n 
1 32 HIS n 
1 33 ASN n 
1 34 THR n 
1 35 ARG n 
1 36 ILE n 
1 37 THR n 
1 38 GLN n 
1 39 TRP n 
1 40 GLU n 
1 41 ASP n 
1 42 PRO n 
1 43 ARG n 
1 44 SER n 
1 45 GLN n 
1 46 GLY n 
1 47 GLN n 
2 1  ACE n 
2 2  THR n 
2 3  PRO n 
2 4  GLU n 
2 5  ALA n 
2 6  PRO n 
2 7  PRO n 
2 8  CYS n 
2 9  TYR n 
2 10 MET n 
2 11 ASP n 
2 12 VAL n 
2 13 ILE n 
2 14 NH2 n 
# 
_entity_src_gen.entity_id                          1 
_entity_src_gen.pdbx_src_id                        1 
_entity_src_gen.pdbx_alt_source_flag               sample 
_entity_src_gen.pdbx_seq_type                      ? 
_entity_src_gen.pdbx_beg_seq_num                   ? 
_entity_src_gen.pdbx_end_seq_num                   ? 
_entity_src_gen.gene_src_common_name               human 
_entity_src_gen.gene_src_genus                     ? 
_entity_src_gen.pdbx_gene_src_gene                 ITCH 
_entity_src_gen.gene_src_species                   ? 
_entity_src_gen.gene_src_strain                    ? 
_entity_src_gen.gene_src_tissue                    ? 
_entity_src_gen.gene_src_tissue_fraction           ? 
_entity_src_gen.gene_src_details                   ? 
_entity_src_gen.pdbx_gene_src_fragment             ? 
_entity_src_gen.pdbx_gene_src_scientific_name      'Homo sapiens' 
_entity_src_gen.pdbx_gene_src_ncbi_taxonomy_id     9606 
_entity_src_gen.pdbx_gene_src_variant              ? 
_entity_src_gen.pdbx_gene_src_cell_line            ? 
_entity_src_gen.pdbx_gene_src_atcc                 ? 
_entity_src_gen.pdbx_gene_src_organ                ? 
_entity_src_gen.pdbx_gene_src_organelle            ? 
_entity_src_gen.pdbx_gene_src_cell                 ? 
_entity_src_gen.pdbx_gene_src_cellular_location    ? 
_entity_src_gen.host_org_common_name               ? 
_entity_src_gen.pdbx_host_org_scientific_name      'Escherichia coli' 
_entity_src_gen.pdbx_host_org_ncbi_taxonomy_id     469008 
_entity_src_gen.host_org_genus                     ? 
_entity_src_gen.pdbx_host_org_gene                 ? 
_entity_src_gen.pdbx_host_org_organ                ? 
_entity_src_gen.host_org_species                   ? 
_entity_src_gen.pdbx_host_org_tissue               ? 
_entity_src_gen.pdbx_host_org_tissue_fraction      ? 
_entity_src_gen.pdbx_host_org_strain               'BL21(DE3)-V2R-pRARE2' 
_entity_src_gen.pdbx_host_org_variant              ? 
_entity_src_gen.pdbx_host_org_cell_line            ? 
_entity_src_gen.pdbx_host_org_atcc                 ? 
_entity_src_gen.pdbx_host_org_culture_collection   ? 
_entity_src_gen.pdbx_host_org_cell                 ? 
_entity_src_gen.pdbx_host_org_organelle            ? 
_entity_src_gen.pdbx_host_org_cellular_location    ? 
_entity_src_gen.pdbx_host_org_vector_type          ? 
_entity_src_gen.pdbx_host_org_vector               ? 
_entity_src_gen.host_org_details                   ? 
_entity_src_gen.expression_system_id               ? 
_entity_src_gen.plasmid_name                       custom 
_entity_src_gen.plasmid_details                    ? 
_entity_src_gen.pdbx_description                   ? 
# 
_pdbx_entity_src_syn.entity_id              2 
_pdbx_entity_src_syn.pdbx_src_id            1 
_pdbx_entity_src_syn.pdbx_alt_source_flag   sample 
_pdbx_entity_src_syn.pdbx_beg_seq_num       ? 
_pdbx_entity_src_syn.pdbx_end_seq_num       ? 
_pdbx_entity_src_syn.organism_scientific    'Homo sapiens' 
_pdbx_entity_src_syn.organism_common_name   human 
_pdbx_entity_src_syn.ncbi_taxonomy_id       9606 
_pdbx_entity_src_syn.details                ? 
# 
loop_
_chem_comp.id 
_chem_comp.type 
_chem_comp.mon_nstd_flag 
_chem_comp.name 
_chem_comp.pdbx_synonyms 
_chem_comp.formula 
_chem_comp.formula_weight 
ACE non-polymer         . 'ACETYL GROUP'  ? 'C2 H4 O'        44.053  
ALA 'L-peptide linking' y ALANINE         ? 'C3 H7 N O2'     89.093  
ARG 'L-peptide linking' y ARGININE        ? 'C6 H15 N4 O2 1' 175.209 
ASN 'L-peptide linking' y ASPARAGINE      ? 'C4 H8 N2 O3'    132.118 
ASP 'L-peptide linking' y 'ASPARTIC ACID' ? 'C4 H7 N O4'     133.103 
CYS 'L-peptide linking' y CYSTEINE        ? 'C3 H7 N O2 S'   121.158 
GLN 'L-peptide linking' y GLUTAMINE       ? 'C5 H10 N2 O3'   146.144 
GLU 'L-peptide linking' y 'GLUTAMIC ACID' ? 'C5 H9 N O4'     147.129 
GLY 'peptide linking'   y GLYCINE         ? 'C2 H5 N O2'     75.067  
HIS 'L-peptide linking' y HISTIDINE       ? 'C6 H10 N3 O2 1' 156.162 
HOH non-polymer         . WATER           ? 'H2 O'           18.015  
ILE 'L-peptide linking' y ISOLEUCINE      ? 'C6 H13 N O2'    131.173 
LEU 'L-peptide linking' y LEUCINE         ? 'C6 H13 N O2'    131.173 
LYS 'L-peptide linking' y LYSINE          ? 'C6 H15 N2 O2 1' 147.195 
MET 'L-peptide linking' y METHIONINE      ? 'C5 H11 N O2 S'  149.211 
NH2 non-polymer         . 'AMINO GROUP'   ? 'H2 N'           16.023  
PHE 'L-peptide linking' y PHENYLALANINE   ? 'C9 H11 N O2'    165.189 
PRO 'L-peptide linking' y PROLINE         ? 'C5 H9 N O2'     115.130 
SER 'L-peptide linking' y SERINE          ? 'C3 H7 N O3'     105.093 
THR 'L-peptide linking' y THREONINE       ? 'C4 H9 N O3'     119.119 
TRP 'L-peptide linking' y TRYPTOPHAN      ? 'C11 H12 N2 O2'  204.225 
TYR 'L-peptide linking' y TYROSINE        ? 'C9 H11 N O3'    181.189 
VAL 'L-peptide linking' y VALINE          ? 'C5 H11 N O2'    117.146 
# 
loop_
_pdbx_poly_seq_scheme.asym_id 
_pdbx_poly_seq_scheme.entity_id 
_pdbx_poly_seq_scheme.seq_id 
_pdbx_poly_seq_scheme.mon_id 
_pdbx_poly_seq_scheme.ndb_seq_num 
_pdbx_poly_seq_scheme.pdb_seq_num 
_pdbx_poly_seq_scheme.auth_seq_num 
_pdbx_poly_seq_scheme.pdb_mon_id 
_pdbx_poly_seq_scheme.auth_mon_id 
_pdbx_poly_seq_scheme.pdb_strand_id 
_pdbx_poly_seq_scheme.pdb_ins_code 
_pdbx_poly_seq_scheme.hetero 
A 1 1  GLY 1  428 ?   ?   ?   A . n 
A 1 2  ARG 2  429 ?   ?   ?   A . n 
A 1 3  ARG 3  430 ?   ?   ?   A . n 
A 1 4  ALA 4  431 ?   ?   ?   A . n 
A 1 5  SER 5  432 ?   ?   ?   A . n 
A 1 6  VAL 6  433 ?   ?   ?   A . n 
A 1 7  GLU 7  434 ?   ?   ?   A . n 
A 1 8  LEU 8  435 ?   ?   ?   A . n 
A 1 9  PRO 9  436 ?   ?   ?   A . n 
A 1 10 LEU 10 437 437 LEU LEU A . n 
A 1 11 GLY 11 438 438 GLY GLY A . n 
A 1 12 PRO 12 439 439 PRO PRO A . n 
A 1 13 LEU 13 440 440 LEU LEU A . n 
A 1 14 PRO 14 441 441 PRO PRO A . n 
A 1 15 PRO 15 442 442 PRO PRO A . n 
A 1 16 GLY 16 443 443 GLY GLY A . n 
A 1 17 TRP 17 444 444 TRP TRP A . n 
A 1 18 GLU 18 445 445 GLU GLU A . n 
A 1 19 LYS 19 446 446 LYS LYS A . n 
A 1 20 ARG 20 447 447 ARG ARG A . n 
A 1 21 THR 21 448 448 THR THR A . n 
A 1 22 ASP 22 449 449 ASP ASP A . n 
A 1 23 SER 23 450 450 SER SER A . n 
A 1 24 ASN 24 451 451 ASN ASN A . n 
A 1 25 GLY 25 452 452 GLY GLY A . n 
A 1 26 ARG 26 453 453 ARG ARG A . n 
A 1 27 VAL 27 454 454 VAL VAL A . n 
A 1 28 TYR 28 455 455 TYR TYR A . n 
A 1 29 PHE 29 456 456 PHE PHE A . n 
A 1 30 VAL 30 457 457 VAL VAL A . n 
A 1 31 ASN 31 458 458 ASN ASN A . n 
A 1 32 HIS 32 459 459 HIS HIS A . n 
A 1 33 ASN 33 460 460 ASN ASN A . n 
A 1 34 THR 34 461 461 THR THR A . n 
A 1 35 ARG 35 462 462 ARG ARG A . n 
A 1 36 ILE 36 463 463 ILE ILE A . n 
A 1 37 THR 37 464 464 THR THR A . n 
A 1 38 GLN 38 465 465 GLN GLN A . n 
A 1 39 TRP 39 466 466 TRP TRP A . n 
A 1 40 GLU 40 467 467 GLU GLU A . n 
A 1 41 ASP 41 468 468 ASP ASP A . n 
A 1 42 PRO 42 469 469 PRO PRO A . n 
A 1 43 ARG 43 470 470 ARG ARG A . n 
A 1 44 SER 44 471 471 SER SER A . n 
A 1 45 GLN 45 472 472 GLN GLN A . n 
A 1 46 GLY 46 473 ?   ?   ?   A . n 
A 1 47 GLN 47 474 ?   ?   ?   A . n 
B 1 1  GLY 1  428 ?   ?   ?   B . n 
B 1 2  ARG 2  429 ?   ?   ?   B . n 
B 1 3  ARG 3  430 ?   ?   ?   B . n 
B 1 4  ALA 4  431 ?   ?   ?   B . n 
B 1 5  SER 5  432 ?   ?   ?   B . n 
B 1 6  VAL 6  433 ?   ?   ?   B . n 
B 1 7  GLU 7  434 ?   ?   ?   B . n 
B 1 8  LEU 8  435 ?   ?   ?   B . n 
B 1 9  PRO 9  436 ?   ?   ?   B . n 
B 1 10 LEU 10 437 437 LEU LEU B . n 
B 1 11 GLY 11 438 438 GLY GLY B . n 
B 1 12 PRO 12 439 439 PRO PRO B . n 
B 1 13 LEU 13 440 440 LEU LEU B . n 
B 1 14 PRO 14 441 441 PRO PRO B . n 
B 1 15 PRO 15 442 442 PRO PRO B . n 
B 1 16 GLY 16 443 443 GLY GLY B . n 
B 1 17 TRP 17 444 444 TRP TRP B . n 
B 1 18 GLU 18 445 445 GLU GLU B . n 
B 1 19 LYS 19 446 446 LYS LYS B . n 
B 1 20 ARG 20 447 447 ARG ARG B . n 
B 1 21 THR 21 448 448 THR THR B . n 
B 1 22 ASP 22 449 449 ASP ASP B . n 
B 1 23 SER 23 450 450 SER SER B . n 
B 1 24 ASN 24 451 451 ASN ASN B . n 
B 1 25 GLY 25 452 452 GLY GLY B . n 
B 1 26 ARG 26 453 453 ARG ARG B . n 
B 1 27 VAL 27 454 454 VAL VAL B . n 
B 1 28 TYR 28 455 455 TYR TYR B . n 
B 1 29 PHE 29 456 456 PHE PHE B . n 
B 1 30 VAL 30 457 457 VAL VAL B . n 
B 1 31 ASN 31 458 458 ASN ASN B . n 
B 1 32 HIS 32 459 459 HIS HIS B . n 
B 1 33 ASN 33 460 460 ASN ASN B . n 
B 1 34 THR 34 461 461 THR THR B . n 
B 1 35 ARG 35 462 462 ARG ARG B . n 
B 1 36 ILE 36 463 463 ILE ILE B . n 
B 1 37 THR 37 464 464 THR THR B . n 
B 1 38 GLN 38 465 465 GLN GLN B . n 
B 1 39 TRP 39 466 466 TRP TRP B . n 
B 1 40 GLU 40 467 467 GLU GLU B . n 
B 1 41 ASP 41 468 468 ASP ASP B . n 
B 1 42 PRO 42 469 469 PRO PRO B . n 
B 1 43 ARG 43 470 470 ARG ARG B . n 
B 1 44 SER 44 471 471 SER SER B . n 
B 1 45 GLN 45 472 472 GLN GLN B . n 
B 1 46 GLY 46 473 ?   ?   ?   B . n 
B 1 47 GLN 47 474 ?   ?   ?   B . n 
C 2 1  ACE 1  326 ?   ?   ?   C . n 
C 2 2  THR 2  327 ?   ?   ?   C . n 
C 2 3  PRO 3  328 ?   ?   ?   C . n 
C 2 4  GLU 4  329 329 GLU GLU C . n 
C 2 5  ALA 5  330 330 ALA ALA C . n 
C 2 6  PRO 6  331 331 PRO PRO C . n 
C 2 7  PRO 7  332 332 PRO PRO C . n 
C 2 8  CYS 8  333 333 CYS CYS C . n 
C 2 9  TYR 9  334 334 TYR TYR C . n 
C 2 10 MET 10 335 335 MET MET C . n 
C 2 11 ASP 11 336 336 ASP ASP C . n 
C 2 12 VAL 12 337 337 VAL VAL C . n 
C 2 13 ILE 13 338 338 ILE ILE C . n 
C 2 14 NH2 14 339 339 NH2 NH2 C . n 
D 2 1  ACE 1  326 ?   ?   ?   D . n 
D 2 2  THR 2  327 ?   ?   ?   D . n 
D 2 3  PRO 3  328 ?   ?   ?   D . n 
D 2 4  GLU 4  329 329 GLU GLU D . n 
D 2 5  ALA 5  330 330 ALA ALA D . n 
D 2 6  PRO 6  331 331 PRO PRO D . n 
D 2 7  PRO 7  332 332 PRO PRO D . n 
D 2 8  CYS 8  333 333 CYS CYS D . n 
D 2 9  TYR 9  334 334 TYR TYR D . n 
D 2 10 MET 10 335 335 MET MET D . n 
D 2 11 ASP 11 336 336 ASP ASP D . n 
D 2 12 VAL 12 337 337 VAL VAL D . n 
D 2 13 ILE 13 338 338 ILE ILE D . n 
D 2 14 NH2 14 339 339 NH2 NH2 D . n 
# 
loop_
_pdbx_nonpoly_scheme.asym_id 
_pdbx_nonpoly_scheme.entity_id 
_pdbx_nonpoly_scheme.mon_id 
_pdbx_nonpoly_scheme.ndb_seq_num 
_pdbx_nonpoly_scheme.pdb_seq_num 
_pdbx_nonpoly_scheme.auth_seq_num 
_pdbx_nonpoly_scheme.pdb_mon_id 
_pdbx_nonpoly_scheme.auth_mon_id 
_pdbx_nonpoly_scheme.pdb_strand_id 
_pdbx_nonpoly_scheme.pdb_ins_code 
E 3 HOH 1 501 10 HOH HOH A . 
F 3 HOH 1 501 1  HOH HOH B . 
F 3 HOH 2 502 2  HOH HOH B . 
F 3 HOH 3 503 3  HOH HOH B . 
F 3 HOH 4 504 4  HOH HOH B . 
F 3 HOH 5 505 5  HOH HOH B . 
F 3 HOH 6 506 6  HOH HOH B . 
F 3 HOH 7 507 7  HOH HOH B . 
F 3 HOH 8 508 8  HOH HOH B . 
G 3 HOH 1 501 9  HOH HOH D . 
# 
loop_
_pdbx_unobs_or_zero_occ_atoms.id 
_pdbx_unobs_or_zero_occ_atoms.PDB_model_num 
_pdbx_unobs_or_zero_occ_atoms.polymer_flag 
_pdbx_unobs_or_zero_occ_atoms.occupancy_flag 
_pdbx_unobs_or_zero_occ_atoms.auth_asym_id 
_pdbx_unobs_or_zero_occ_atoms.auth_comp_id 
_pdbx_unobs_or_zero_occ_atoms.auth_seq_id 
_pdbx_unobs_or_zero_occ_atoms.PDB_ins_code 
_pdbx_unobs_or_zero_occ_atoms.auth_atom_id 
_pdbx_unobs_or_zero_occ_atoms.label_alt_id 
_pdbx_unobs_or_zero_occ_atoms.label_asym_id 
_pdbx_unobs_or_zero_occ_atoms.label_comp_id 
_pdbx_unobs_or_zero_occ_atoms.label_seq_id 
_pdbx_unobs_or_zero_occ_atoms.label_atom_id 
1  1 Y 1 A LEU 437 ? CG  ? A LEU 10 CG  
2  1 Y 1 A LEU 437 ? CD1 ? A LEU 10 CD1 
3  1 Y 1 A LEU 437 ? CD2 ? A LEU 10 CD2 
4  1 Y 1 B LEU 437 ? CG  ? B LEU 10 CG  
5  1 Y 1 B LEU 437 ? CD1 ? B LEU 10 CD1 
6  1 Y 1 B LEU 437 ? CD2 ? B LEU 10 CD2 
7  1 Y 1 C GLU 329 ? CG  ? C GLU 4  CG  
8  1 Y 1 C GLU 329 ? CD  ? C GLU 4  CD  
9  1 Y 1 C GLU 329 ? OE1 ? C GLU 4  OE1 
10 1 Y 1 C GLU 329 ? OE2 ? C GLU 4  OE2 
11 1 Y 1 D GLU 329 ? CG  ? D GLU 4  CG  
12 1 Y 1 D GLU 329 ? CD  ? D GLU 4  CD  
13 1 Y 1 D GLU 329 ? OE1 ? D GLU 4  OE1 
14 1 Y 1 D GLU 329 ? OE2 ? D GLU 4  OE2 
# 
loop_
_software.pdbx_ordinal 
_software.name 
_software.version 
_software.date 
_software.type 
_software.contact_author 
_software.contact_author_email 
_software.classification 
_software.location 
_software.language 
_software.citation_id 
1 DENZO       .    ?               program 'Zbyszek Otwinowski' hkl@hkl-xray.com            'data reduction'  
http://www.hkl-xray.com/                     ?          ? 
2 SCALEPACK   .    ?               package 'Zbyszek Otwinowski' hkl@hkl-xray.com            'data scaling'    
http://www.hkl-xray.com/                     ?          ? 
3 PHASER      .    ?               program 'Randy J. Read'      cimr-phaser@lists.cam.ac.uk phasing           
http://www-structmed.cimr.cam.ac.uk/phaser/  ?          ? 
4 REFMAC      .    ?               program 'Garib N. Murshudov' garib@ysbl.york.ac.uk       refinement        
http://www.ccp4.ac.uk/dist/html/refmac5.html Fortran_77 ? 
5 PDB_EXTRACT 3.14 'Dec. 10, 2013' package PDB                  deposit@deposit.rcsb.org    'data extraction' 
http://sw-tools.pdb.org/apps/PDB_EXTRACT/    C++        ? 
# 
_cell.entry_id           4ROF 
_cell.length_a           30.171 
_cell.length_b           55.312 
_cell.length_c           59.796 
_cell.angle_alpha        90.000 
_cell.angle_beta         90.000 
_cell.angle_gamma        90.000 
_cell.pdbx_unique_axis   ? 
_cell.Z_PDB              8 
_cell.length_a_esd       ? 
_cell.length_b_esd       ? 
_cell.length_c_esd       ? 
_cell.angle_alpha_esd    ? 
_cell.angle_beta_esd     ? 
_cell.angle_gamma_esd    ? 
# 
_symmetry.entry_id                         4ROF 
_symmetry.space_group_name_H-M             'P 21 21 21' 
_symmetry.Int_Tables_number                19 
_symmetry.pdbx_full_space_group_name_H-M   ? 
_symmetry.cell_setting                     ? 
_symmetry.space_group_name_Hall            ? 
# 
_exptl.crystals_number   1 
_exptl.entry_id          4ROF 
_exptl.method            'X-RAY DIFFRACTION' 
# 
_exptl_crystal.id                    1 
_exptl_crystal.density_percent_sol   33.23 
_exptl_crystal.density_Matthews      1.84 
_exptl_crystal.density_meas          ? 
_exptl_crystal.description           ? 
_exptl_crystal.F_000                 ? 
_exptl_crystal.preparation           ? 
# 
_exptl_crystal_grow.crystal_id      1 
_exptl_crystal_grow.method          'VAPOR DIFFUSION, SITTING DROP' 
_exptl_crystal_grow.pH              ? 
_exptl_crystal_grow.temp            293 
_exptl_crystal_grow.pdbx_details    
'1.8 M ammonium sulfate, 0.2 M sodium acetate, 0.1 M sodium cacodylate pH 5.5, vapor diffusion, sitting drop, temperature 293K' 
_exptl_crystal_grow.temp_details    ? 
_exptl_crystal_grow.pdbx_pH_range   ? 
# 
_diffrn.id                     1 
_diffrn.ambient_temp           100 
_diffrn.ambient_temp_details   ? 
_diffrn.crystal_id             1 
# 
_diffrn_detector.diffrn_id              1 
_diffrn_detector.detector               'IMAGE PLATE' 
_diffrn_detector.type                   'RIGAKU RAXIS' 
_diffrn_detector.pdbx_collection_date   2013-05-09 
_diffrn_detector.details                ? 
# 
_diffrn_radiation.diffrn_id                        1 
_diffrn_radiation.pdbx_diffrn_protocol             'SINGLE WAVELENGTH' 
_diffrn_radiation.monochromator                    ? 
_diffrn_radiation.wavelength_id                    1 
_diffrn_radiation.pdbx_monochromatic_or_laue_m_l   M 
_diffrn_radiation.pdbx_scattering_type             x-ray 
# 
_diffrn_radiation_wavelength.id           1 
_diffrn_radiation_wavelength.wavelength   1.5418 
_diffrn_radiation_wavelength.wt           1.0 
# 
_diffrn_source.diffrn_id                   1 
_diffrn_source.source                      'ROTATING ANODE' 
_diffrn_source.type                        'RIGAKU FR-E DW' 
_diffrn_source.pdbx_wavelength_list        1.5418 
_diffrn_source.pdbx_wavelength             ? 
_diffrn_source.pdbx_synchrotron_site       ? 
_diffrn_source.pdbx_synchrotron_beamline   ? 
# 
_reflns.entry_id                     4ROF 
_reflns.d_resolution_high            2.030 
_reflns.d_resolution_low             40.000 
_reflns.number_obs                   6898 
_reflns.pdbx_Rmerge_I_obs            0.103 
_reflns.pdbx_netI_over_sigmaI        7.900 
_reflns.pdbx_chi_squared             1.728 
_reflns.pdbx_redundancy              6.500 
_reflns.percent_possible_obs         99.900 
_reflns.observed_criterion_sigma_F   ? 
_reflns.observed_criterion_sigma_I   ? 
_reflns.number_all                   ? 
_reflns.B_iso_Wilson_estimate        ? 
_reflns.R_free_details               ? 
_reflns.limit_h_max                  ? 
_reflns.limit_h_min                  ? 
_reflns.limit_k_max                  ? 
_reflns.limit_k_min                  ? 
_reflns.limit_l_max                  ? 
_reflns.limit_l_min                  ? 
_reflns.observed_criterion_F_max     ? 
_reflns.observed_criterion_F_min     ? 
_reflns.pdbx_scaling_rejects         ? 
_reflns.pdbx_Rsym_value              ? 
_reflns.pdbx_ordinal                 1 
_reflns.pdbx_diffrn_id               1 
# 
loop_
_reflns_shell.d_res_high 
_reflns_shell.d_res_low 
_reflns_shell.number_measured_obs 
_reflns_shell.number_measured_all 
_reflns_shell.number_unique_obs 
_reflns_shell.Rmerge_I_obs 
_reflns_shell.meanI_over_sigI_obs 
_reflns_shell.pdbx_Rsym_value 
_reflns_shell.pdbx_chi_squared 
_reflns_shell.pdbx_redundancy 
_reflns_shell.percent_possible_obs 
_reflns_shell.number_unique_all 
_reflns_shell.percent_possible_all 
_reflns_shell.pdbx_ordinal 
_reflns_shell.pdbx_diffrn_id 
2.030 2.070  ? ? ? 0.997 ? ? 1.009 5.700 ? 316 99.700  1  1 
2.070 2.100  ? ? ? 0.882 ? ? 1.104 6.200 ? 337 100.000 2  1 
2.100 2.140  ? ? ? 0.761 ? ? 1.125 6.400 ? 338 100.000 3  1 
2.140 2.190  ? ? ? 0.743 ? ? 1.231 6.600 ? 332 100.000 4  1 
2.190 2.230  ? ? ? 0.877 ? ? 1.253 6.500 ? 339 100.000 5  1 
2.230 2.290  ? ? ? 0.462 ? ? 1.916 6.400 ? 333 100.000 6  1 
2.290 2.340  ? ? ? 0.491 ? ? 1.275 6.700 ? 350 100.000 7  1 
2.340 2.410  ? ? ? 0.366 ? ? 1.233 6.700 ? 329 100.000 8  1 
2.410 2.480  ? ? ? 0.358 ? ? 1.319 6.800 ? 342 100.000 9  1 
2.480 2.560  ? ? ? 0.304 ? ? 1.409 6.700 ? 341 100.000 10 1 
2.560 2.650  ? ? ? 0.265 ? ? 1.483 6.700 ? 339 100.000 11 1 
2.650 2.750  ? ? ? 0.211 ? ? 1.624 6.700 ? 352 100.000 12 1 
2.750 2.880  ? ? ? 0.180 ? ? 1.640 6.800 ? 330 100.000 13 1 
2.880 3.030  ? ? ? 0.149 ? ? 1.766 6.700 ? 356 100.000 14 1 
3.030 3.220  ? ? ? 0.109 ? ? 1.852 6.800 ? 338 100.000 15 1 
3.220 3.470  ? ? ? 0.084 ? ? 2.260 6.600 ? 351 100.000 16 1 
3.470 3.820  ? ? ? 0.062 ? ? 2.538 6.300 ? 353 100.000 17 1 
3.820 4.370  ? ? ? 0.062 ? ? 2.731 6.400 ? 357 100.000 18 1 
4.370 5.510  ? ? ? 0.052 ? ? 2.510 6.400 ? 361 99.400  19 1 
5.510 40.000 ? ? ? 0.056 ? ? 3.062 5.700 ? 404 99.300  20 1 
# 
_refine.entry_id                                 4ROF 
_refine.ls_d_res_high                            2.0300 
_refine.ls_d_res_low                             30.000 
_refine.pdbx_ls_sigma_F                          0.000 
_refine.pdbx_data_cutoff_high_absF               ? 
_refine.pdbx_data_cutoff_low_absF                ? 
_refine.ls_percent_reflns_obs                    99.6600 
_refine.ls_number_reflns_obs                     6841 
_refine.ls_number_reflns_all                     ? 
_refine.pdbx_ls_cross_valid_method               THROUGHOUT 
_refine.pdbx_R_Free_selection_details            'THIN SHELLS (SFTOOLS)' 
_refine.details                                  
;DIFFRACTION IMAGES SHOWED MUTLIPLE PATTERNS AND ICE RINGS. FOR INTEGRATION, DIFFRACTION IMAGES WERE SEPARATED INTO RANGES (PHI 0 THROUGH 63 DEGREES, 63 THROUGH 180 DEGREES, RESPECTIVELY). MOSAICITY AND CRYSTAL-TO-DETECTOR DISTANCE WERE CONSTRAINED DURING INTEGRATION. NO-MERGE-ORIGINAL-INDEX REFLECTIONS FROM SCALEPACK WERE MERGED WITH AIMLESS (ONLYMERGE). ARP/WARP WAS USED FOR AUTOMATED MODEL BUILDING AND MAP IMPROVEMENT. PARROT WAS USED FOR PHASE IMPROVEMENT. RESTRAINTS FOR THE C-TERMINAL AMIDE PROTECTION OF THE PEPTIDE LIGAND WERE PREPARED WITH JLIGAND. COOT WAS USED FOR INTERACTIVE MODEL BUILDING. MODEL GEOMETRY WAS EVALUATED WITH MOLPROBITY.
;
_refine.ls_R_factor_obs                          0.2463 
_refine.ls_R_factor_R_work                       0.2389 
_refine.ls_wR_factor_R_work                      0.2257 
_refine.ls_R_factor_R_free                       0.2975 
_refine.ls_wR_factor_R_free                      0.2734 
_refine.ls_percent_reflns_R_free                 13.8000 
_refine.ls_number_reflns_R_free                  943 
_refine.ls_R_factor_R_free_error                 ? 
_refine.B_iso_mean                               38.9429 
_refine.solvent_model_param_bsol                 ? 
_refine.solvent_model_param_ksol                 ? 
_refine.pdbx_isotropic_thermal_model             ? 
_refine.aniso_B[1][1]                            -0.9800 
_refine.aniso_B[2][2]                            2.3200 
_refine.aniso_B[3][3]                            -1.3400 
_refine.aniso_B[1][2]                            0.0000 
_refine.aniso_B[1][3]                            -0.0000 
_refine.aniso_B[2][3]                            -0.0000 
_refine.correlation_coeff_Fo_to_Fc               0.9360 
_refine.correlation_coeff_Fo_to_Fc_free          0.8940 
_refine.overall_SU_R_Cruickshank_DPI             0.2659 
_refine.overall_SU_R_free                        0.2292 
_refine.pdbx_overall_ESU_R                       0.2660 
_refine.pdbx_overall_ESU_R_Free                  0.2290 
_refine.overall_SU_ML                            0.1880 
_refine.overall_SU_B                             14.9840 
_refine.solvent_model_details                    MASK 
_refine.pdbx_solvent_vdw_probe_radii             1.2000 
_refine.pdbx_solvent_ion_probe_radii             0.8000 
_refine.pdbx_solvent_shrinkage_radii             0.8000 
_refine.ls_number_parameters                     ? 
_refine.ls_number_restraints                     ? 
_refine.pdbx_starting_model                      'PDB ENTRY 2F21' 
_refine.pdbx_method_to_determine_struct          'MOLECULAR REPLACEMENT' 
_refine.pdbx_stereochemistry_target_values       'MAXIMUM LIKELIHOOD' 
_refine.pdbx_stereochem_target_val_spec_case     ? 
_refine.overall_FOM_work_R_set                   0.7465 
_refine.B_iso_max                                81.680 
_refine.B_iso_min                                23.940 
_refine.pdbx_overall_phase_error                 ? 
_refine.occupancy_max                            1.000 
_refine.occupancy_min                            0.500 
_refine.pdbx_ls_sigma_I                          ? 
_refine.ls_redundancy_reflns_obs                 ? 
_refine.ls_R_factor_R_free_error_details         ? 
_refine.pdbx_data_cutoff_high_rms_absF           ? 
_refine.overall_FOM_free_R_set                   ? 
_refine.ls_R_factor_all                          ? 
_refine.pdbx_diffrn_id                           1 
_refine.pdbx_refine_id                           'X-RAY DIFFRACTION' 
_refine.pdbx_TLS_residual_ADP_flag               ? 
_refine.pdbx_overall_SU_R_free_Cruickshank_DPI   ? 
_refine.pdbx_overall_SU_R_Blow_DPI               ? 
_refine.pdbx_overall_SU_R_free_Blow_DPI          ? 
# 
_refine_hist.pdbx_refine_id                   'X-RAY DIFFRACTION' 
_refine_hist.cycle_id                         LAST 
_refine_hist.pdbx_number_atoms_protein        744 
_refine_hist.pdbx_number_atoms_nucleic_acid   0 
_refine_hist.pdbx_number_atoms_ligand         0 
_refine_hist.number_atoms_solvent             10 
_refine_hist.number_atoms_total               754 
_refine_hist.d_res_high                       2.0300 
_refine_hist.d_res_low                        30.000 
# 
loop_
_refine_ls_restr.type 
_refine_ls_restr.number 
_refine_ls_restr.dev_ideal 
_refine_ls_restr.dev_ideal_target 
_refine_ls_restr.weight 
_refine_ls_restr.pdbx_restraint_function 
_refine_ls_restr.pdbx_refine_id 
r_bond_refined_d       783  0.012  0.020  ? ? 'X-RAY DIFFRACTION' 
r_bond_other_d         710  0.001  0.020  ? ? 'X-RAY DIFFRACTION' 
r_angle_refined_deg    1074 1.351  1.939  ? ? 'X-RAY DIFFRACTION' 
r_angle_other_deg      1625 0.819  3.000  ? ? 'X-RAY DIFFRACTION' 
r_dihedral_angle_1_deg 92   6.004  5.000  ? ? 'X-RAY DIFFRACTION' 
r_dihedral_angle_2_deg 40   22.115 23.000 ? ? 'X-RAY DIFFRACTION' 
r_dihedral_angle_3_deg 108  13.959 15.000 ? ? 'X-RAY DIFFRACTION' 
r_dihedral_angle_4_deg 8    20.673 15.000 ? ? 'X-RAY DIFFRACTION' 
r_chiral_restr         108  0.079  0.200  ? ? 'X-RAY DIFFRACTION' 
r_gen_planes_refined   893  0.008  0.022  ? ? 'X-RAY DIFFRACTION' 
r_gen_planes_other     187  0.001  0.020  ? ? 'X-RAY DIFFRACTION' 
r_mcbond_it            376  2.108  2.705  ? ? 'X-RAY DIFFRACTION' 
r_mcbond_other         374  2.112  2.708  ? ? 'X-RAY DIFFRACTION' 
r_mcangle_it           466  2.851  4.035  ? ? 'X-RAY DIFFRACTION' 
# 
_refine_ls_shell.d_res_high                       2.0300 
_refine_ls_shell.d_res_low                        2.0830 
_refine_ls_shell.pdbx_total_number_of_bins_used   20 
_refine_ls_shell.percent_reflns_obs               98.5300 
_refine_ls_shell.number_reflns_R_work             350 
_refine_ls_shell.R_factor_all                     ? 
_refine_ls_shell.R_factor_R_work                  0.2860 
_refine_ls_shell.R_factor_R_free                  0.3280 
_refine_ls_shell.percent_reflns_R_free            ? 
_refine_ls_shell.number_reflns_R_free             120 
_refine_ls_shell.R_factor_R_free_error            ? 
_refine_ls_shell.number_reflns_all                470 
_refine_ls_shell.number_reflns_obs                ? 
_refine_ls_shell.redundancy_reflns_obs            ? 
_refine_ls_shell.pdbx_refine_id                   'X-RAY DIFFRACTION' 
# 
_struct.entry_id                  4ROF 
_struct.title                     'Crystal Structure of WW3 domain of ITCH in complex with TXNIP peptide' 
_struct.pdbx_model_details        ? 
_struct.pdbx_CASP_flag            ? 
_struct.pdbx_model_type_details   ? 
# 
_struct_keywords.entry_id        4ROF 
_struct_keywords.text            'Structural Genomics, Structural GenomicsConsortium, SGC, LIGASE, Structural Genomics Consortium' 
_struct_keywords.pdbx_keywords   LIGASE 
# 
loop_
_struct_asym.id 
_struct_asym.pdbx_blank_PDB_chainid_flag 
_struct_asym.pdbx_modified 
_struct_asym.entity_id 
_struct_asym.details 
A N N 1 ? 
B N N 1 ? 
C N N 2 ? 
D N N 2 ? 
E N N 3 ? 
F N N 3 ? 
G N N 3 ? 
# 
loop_
_struct_ref.id 
_struct_ref.db_name 
_struct_ref.db_code 
_struct_ref.pdbx_db_accession 
_struct_ref.entity_id 
_struct_ref.pdbx_seq_one_letter_code 
_struct_ref.pdbx_align_begin 
_struct_ref.pdbx_db_isoform 
1 UNP ITCH_HUMAN  Q96J02 1 PLGPLPPGWEKRTDSNGRVYFVNHNTRITQWEDPRSQGQ 436 ? 
2 UNP TXNIP_HUMAN Q9H3M7 2 TPEAPPCYMDVI                            327 ? 
# 
loop_
_struct_ref_seq.align_id 
_struct_ref_seq.ref_id 
_struct_ref_seq.pdbx_PDB_id_code 
_struct_ref_seq.pdbx_strand_id 
_struct_ref_seq.seq_align_beg 
_struct_ref_seq.pdbx_seq_align_beg_ins_code 
_struct_ref_seq.seq_align_end 
_struct_ref_seq.pdbx_seq_align_end_ins_code 
_struct_ref_seq.pdbx_db_accession 
_struct_ref_seq.db_align_beg 
_struct_ref_seq.pdbx_db_align_beg_ins_code 
_struct_ref_seq.db_align_end 
_struct_ref_seq.pdbx_db_align_end_ins_code 
_struct_ref_seq.pdbx_auth_seq_align_beg 
_struct_ref_seq.pdbx_auth_seq_align_end 
1 1 4ROF A 9 ? 47 ? Q96J02 436 ? 474 ? 436 474 
2 1 4ROF B 9 ? 47 ? Q96J02 436 ? 474 ? 436 474 
3 2 4ROF C 2 ? 13 ? Q9H3M7 327 ? 338 ? 327 338 
4 2 4ROF D 2 ? 13 ? Q9H3M7 327 ? 338 ? 327 338 
# 
loop_
_struct_ref_seq_dif.align_id 
_struct_ref_seq_dif.pdbx_pdb_id_code 
_struct_ref_seq_dif.mon_id 
_struct_ref_seq_dif.pdbx_pdb_strand_id 
_struct_ref_seq_dif.seq_num 
_struct_ref_seq_dif.pdbx_pdb_ins_code 
_struct_ref_seq_dif.pdbx_seq_db_name 
_struct_ref_seq_dif.pdbx_seq_db_accession_code 
_struct_ref_seq_dif.db_mon_id 
_struct_ref_seq_dif.pdbx_seq_db_seq_num 
_struct_ref_seq_dif.details 
_struct_ref_seq_dif.pdbx_auth_seq_num 
_struct_ref_seq_dif.pdbx_ordinal 
1 4ROF GLY A 1  ? UNP Q96J02 ? ? 'expression tag' 428 1  
1 4ROF ARG A 2  ? UNP Q96J02 ? ? 'expression tag' 429 2  
1 4ROF ARG A 3  ? UNP Q96J02 ? ? 'expression tag' 430 3  
1 4ROF ALA A 4  ? UNP Q96J02 ? ? 'expression tag' 431 4  
1 4ROF SER A 5  ? UNP Q96J02 ? ? 'expression tag' 432 5  
1 4ROF VAL A 6  ? UNP Q96J02 ? ? 'expression tag' 433 6  
1 4ROF GLU A 7  ? UNP Q96J02 ? ? 'expression tag' 434 7  
1 4ROF LEU A 8  ? UNP Q96J02 ? ? 'expression tag' 435 8  
2 4ROF GLY B 1  ? UNP Q96J02 ? ? 'expression tag' 428 9  
2 4ROF ARG B 2  ? UNP Q96J02 ? ? 'expression tag' 429 10 
2 4ROF ARG B 3  ? UNP Q96J02 ? ? 'expression tag' 430 11 
2 4ROF ALA B 4  ? UNP Q96J02 ? ? 'expression tag' 431 12 
2 4ROF SER B 5  ? UNP Q96J02 ? ? 'expression tag' 432 13 
2 4ROF VAL B 6  ? UNP Q96J02 ? ? 'expression tag' 433 14 
2 4ROF GLU B 7  ? UNP Q96J02 ? ? 'expression tag' 434 15 
2 4ROF LEU B 8  ? UNP Q96J02 ? ? 'expression tag' 435 16 
3 4ROF ACE C 1  ? UNP Q9H3M7 ? ? acetylation      326 17 
3 4ROF NH2 C 14 ? UNP Q9H3M7 ? ? amidation        339 18 
4 4ROF ACE D 1  ? UNP Q9H3M7 ? ? acetylation      326 19 
4 4ROF NH2 D 14 ? UNP Q9H3M7 ? ? amidation        339 20 
# 
loop_
_pdbx_struct_assembly.id 
_pdbx_struct_assembly.details 
_pdbx_struct_assembly.method_details 
_pdbx_struct_assembly.oligomeric_details 
_pdbx_struct_assembly.oligomeric_count 
1 software_defined_assembly PISA dimeric 2 
2 software_defined_assembly PISA dimeric 2 
# 
loop_
_pdbx_struct_assembly_prop.biol_id 
_pdbx_struct_assembly_prop.type 
_pdbx_struct_assembly_prop.value 
_pdbx_struct_assembly_prop.details 
1 'ABSA (A^2)' 930  ? 
1 MORE         -4   ? 
1 'SSA (A^2)'  3290 ? 
2 'ABSA (A^2)' 880  ? 
2 MORE         -4   ? 
2 'SSA (A^2)'  3480 ? 
# 
loop_
_pdbx_struct_assembly_gen.assembly_id 
_pdbx_struct_assembly_gen.oper_expression 
_pdbx_struct_assembly_gen.asym_id_list 
1 1 A,C,E   
2 1 B,D,F,G 
# 
_pdbx_struct_oper_list.id                   1 
_pdbx_struct_oper_list.type                 'identity operation' 
_pdbx_struct_oper_list.name                 1_555 
_pdbx_struct_oper_list.symmetry_operation   x,y,z 
_pdbx_struct_oper_list.matrix[1][1]         1.0000000000 
_pdbx_struct_oper_list.matrix[1][2]         0.0000000000 
_pdbx_struct_oper_list.matrix[1][3]         0.0000000000 
_pdbx_struct_oper_list.vector[1]            0.0000000000 
_pdbx_struct_oper_list.matrix[2][1]         0.0000000000 
_pdbx_struct_oper_list.matrix[2][2]         1.0000000000 
_pdbx_struct_oper_list.matrix[2][3]         0.0000000000 
_pdbx_struct_oper_list.vector[2]            0.0000000000 
_pdbx_struct_oper_list.matrix[3][1]         0.0000000000 
_pdbx_struct_oper_list.matrix[3][2]         0.0000000000 
_pdbx_struct_oper_list.matrix[3][3]         1.0000000000 
_pdbx_struct_oper_list.vector[3]            0.0000000000 
# 
_struct_biol.id        1 
_struct_biol.details   'AS PER THE AUTHORS THE BIOLOGICAL ASSEMBLY IS UNKNOWN' 
# 
loop_
_struct_conf.conf_type_id 
_struct_conf.id 
_struct_conf.pdbx_PDB_helix_id 
_struct_conf.beg_label_comp_id 
_struct_conf.beg_label_asym_id 
_struct_conf.beg_label_seq_id 
_struct_conf.pdbx_beg_PDB_ins_code 
_struct_conf.end_label_comp_id 
_struct_conf.end_label_asym_id 
_struct_conf.end_label_seq_id 
_struct_conf.pdbx_end_PDB_ins_code 
_struct_conf.beg_auth_comp_id 
_struct_conf.beg_auth_asym_id 
_struct_conf.beg_auth_seq_id 
_struct_conf.end_auth_comp_id 
_struct_conf.end_auth_asym_id 
_struct_conf.end_auth_seq_id 
_struct_conf.pdbx_PDB_helix_class 
_struct_conf.details 
_struct_conf.pdbx_PDB_helix_length 
HELX_P HELX_P1 1 ASP A 41 ? GLN A 45 ? ASP A 468 GLN A 472 5 ? 5 
HELX_P HELX_P2 2 ASP B 41 ? GLN B 45 ? ASP B 468 GLN B 472 5 ? 5 
HELX_P HELX_P3 3 CYS C 8  ? ILE C 13 ? CYS C 333 ILE C 338 1 ? 6 
HELX_P HELX_P4 4 CYS D 8  ? ILE D 13 ? CYS D 333 ILE D 338 1 ? 6 
# 
_struct_conf_type.id          HELX_P 
_struct_conf_type.criteria    ? 
_struct_conf_type.reference   ? 
# 
loop_
_struct_conn.id 
_struct_conn.conn_type_id 
_struct_conn.pdbx_leaving_atom_flag 
_struct_conn.pdbx_PDB_id 
_struct_conn.ptnr1_label_asym_id 
_struct_conn.ptnr1_label_comp_id 
_struct_conn.ptnr1_label_seq_id 
_struct_conn.ptnr1_label_atom_id 
_struct_conn.pdbx_ptnr1_label_alt_id 
_struct_conn.pdbx_ptnr1_PDB_ins_code 
_struct_conn.pdbx_ptnr1_standard_comp_id 
_struct_conn.ptnr1_symmetry 
_struct_conn.ptnr2_label_asym_id 
_struct_conn.ptnr2_label_comp_id 
_struct_conn.ptnr2_label_seq_id 
_struct_conn.ptnr2_label_atom_id 
_struct_conn.pdbx_ptnr2_label_alt_id 
_struct_conn.pdbx_ptnr2_PDB_ins_code 
_struct_conn.ptnr1_auth_asym_id 
_struct_conn.ptnr1_auth_comp_id 
_struct_conn.ptnr1_auth_seq_id 
_struct_conn.ptnr2_auth_asym_id 
_struct_conn.ptnr2_auth_comp_id 
_struct_conn.ptnr2_auth_seq_id 
_struct_conn.ptnr2_symmetry 
_struct_conn.pdbx_ptnr3_label_atom_id 
_struct_conn.pdbx_ptnr3_label_seq_id 
_struct_conn.pdbx_ptnr3_label_comp_id 
_struct_conn.pdbx_ptnr3_label_asym_id 
_struct_conn.pdbx_ptnr3_label_alt_id 
_struct_conn.pdbx_ptnr3_PDB_ins_code 
_struct_conn.details 
_struct_conn.pdbx_dist_value 
_struct_conn.pdbx_value_order 
_struct_conn.pdbx_role 
disulf1 disulf ?    ? C CYS 8  SG ? ? ? 1_555 D CYS 8  SG ? ? C CYS 333 D CYS 333 1_555 ? ? ? ? ? ? ? 2.049 ? ? 
covale1 covale both ? C ILE 13 C  ? ? ? 1_555 C NH2 14 N  ? ? C ILE 338 C NH2 339 1_555 ? ? ? ? ? ? ? 1.339 ? ? 
covale2 covale both ? D ILE 13 C  ? ? ? 1_555 D NH2 14 N  ? ? D ILE 338 D NH2 339 1_555 ? ? ? ? ? ? ? 1.326 ? ? 
# 
loop_
_struct_conn_type.id 
_struct_conn_type.criteria 
_struct_conn_type.reference 
disulf ? ? 
covale ? ? 
# 
loop_
_pdbx_modification_feature.ordinal 
_pdbx_modification_feature.label_comp_id 
_pdbx_modification_feature.label_asym_id 
_pdbx_modification_feature.label_seq_id 
_pdbx_modification_feature.label_alt_id 
_pdbx_modification_feature.modified_residue_label_comp_id 
_pdbx_modification_feature.modified_residue_label_asym_id 
_pdbx_modification_feature.modified_residue_label_seq_id 
_pdbx_modification_feature.modified_residue_label_alt_id 
_pdbx_modification_feature.auth_comp_id 
_pdbx_modification_feature.auth_asym_id 
_pdbx_modification_feature.auth_seq_id 
_pdbx_modification_feature.PDB_ins_code 
_pdbx_modification_feature.symmetry 
_pdbx_modification_feature.modified_residue_auth_comp_id 
_pdbx_modification_feature.modified_residue_auth_asym_id 
_pdbx_modification_feature.modified_residue_auth_seq_id 
_pdbx_modification_feature.modified_residue_PDB_ins_code 
_pdbx_modification_feature.modified_residue_symmetry 
_pdbx_modification_feature.comp_id_linking_atom 
_pdbx_modification_feature.modified_residue_id_linking_atom 
_pdbx_modification_feature.modified_residue_id 
_pdbx_modification_feature.ref_pcm_id 
_pdbx_modification_feature.ref_comp_id 
_pdbx_modification_feature.type 
_pdbx_modification_feature.category 
1 NH2 C 14 ? ILE C 13 ? NH2 C 339 ? 1_555 ILE C 338 ? 1_555 .  .  ILE 3 NH2 None 'Terminal amidation' 
2 NH2 D 14 ? ILE D 13 ? NH2 D 339 ? 1_555 ILE D 338 ? 1_555 .  .  ILE 3 NH2 None 'Terminal amidation' 
3 CYS C 8  ? CYS D 8  ? CYS C 333 ? 1_555 CYS D 333 ? 1_555 SG SG .   . .   None 'Disulfide bridge'   
# 
loop_
_struct_sheet.id 
_struct_sheet.type 
_struct_sheet.number_strands 
_struct_sheet.details 
A ? 3 ? 
B ? 3 ? 
# 
loop_
_struct_sheet_order.sheet_id 
_struct_sheet_order.range_id_1 
_struct_sheet_order.range_id_2 
_struct_sheet_order.offset 
_struct_sheet_order.sense 
A 1 2 ? anti-parallel 
A 2 3 ? anti-parallel 
B 1 2 ? anti-parallel 
B 2 3 ? anti-parallel 
# 
loop_
_struct_sheet_range.sheet_id 
_struct_sheet_range.id 
_struct_sheet_range.beg_label_comp_id 
_struct_sheet_range.beg_label_asym_id 
_struct_sheet_range.beg_label_seq_id 
_struct_sheet_range.pdbx_beg_PDB_ins_code 
_struct_sheet_range.end_label_comp_id 
_struct_sheet_range.end_label_asym_id 
_struct_sheet_range.end_label_seq_id 
_struct_sheet_range.pdbx_end_PDB_ins_code 
_struct_sheet_range.beg_auth_comp_id 
_struct_sheet_range.beg_auth_asym_id 
_struct_sheet_range.beg_auth_seq_id 
_struct_sheet_range.end_auth_comp_id 
_struct_sheet_range.end_auth_asym_id 
_struct_sheet_range.end_auth_seq_id 
A 1 TRP A 17 ? THR A 21 ? TRP A 444 THR A 448 
A 2 VAL A 27 ? ASN A 31 ? VAL A 454 ASN A 458 
A 3 ILE A 36 ? GLN A 38 ? ILE A 463 GLN A 465 
B 1 TRP B 17 ? THR B 21 ? TRP B 444 THR B 448 
B 2 VAL B 27 ? ASN B 31 ? VAL B 454 ASN B 458 
B 3 ILE B 36 ? GLN B 38 ? ILE B 463 GLN B 465 
# 
loop_
_pdbx_struct_sheet_hbond.sheet_id 
_pdbx_struct_sheet_hbond.range_id_1 
_pdbx_struct_sheet_hbond.range_id_2 
_pdbx_struct_sheet_hbond.range_1_label_atom_id 
_pdbx_struct_sheet_hbond.range_1_label_comp_id 
_pdbx_struct_sheet_hbond.range_1_label_asym_id 
_pdbx_struct_sheet_hbond.range_1_label_seq_id 
_pdbx_struct_sheet_hbond.range_1_PDB_ins_code 
_pdbx_struct_sheet_hbond.range_1_auth_atom_id 
_pdbx_struct_sheet_hbond.range_1_auth_comp_id 
_pdbx_struct_sheet_hbond.range_1_auth_asym_id 
_pdbx_struct_sheet_hbond.range_1_auth_seq_id 
_pdbx_struct_sheet_hbond.range_2_label_atom_id 
_pdbx_struct_sheet_hbond.range_2_label_comp_id 
_pdbx_struct_sheet_hbond.range_2_label_asym_id 
_pdbx_struct_sheet_hbond.range_2_label_seq_id 
_pdbx_struct_sheet_hbond.range_2_PDB_ins_code 
_pdbx_struct_sheet_hbond.range_2_auth_atom_id 
_pdbx_struct_sheet_hbond.range_2_auth_comp_id 
_pdbx_struct_sheet_hbond.range_2_auth_asym_id 
_pdbx_struct_sheet_hbond.range_2_auth_seq_id 
A 1 2 N ARG A 20 ? N ARG A 447 O TYR A 28 ? O TYR A 455 
A 2 3 N ASN A 31 ? N ASN A 458 O ILE A 36 ? O ILE A 463 
B 1 2 N GLU B 18 ? N GLU B 445 O VAL B 30 ? O VAL B 457 
B 2 3 N ASN B 31 ? N ASN B 458 O ILE B 36 ? O ILE B 463 
# 
_pdbx_entry_details.entry_id                   4ROF 
_pdbx_entry_details.compound_details           ? 
_pdbx_entry_details.source_details             ? 
_pdbx_entry_details.nonpolymer_details         ? 
_pdbx_entry_details.sequence_details           ? 
_pdbx_entry_details.has_ligand_of_interest     ? 
_pdbx_entry_details.has_protein_modification   Y 
# 
_pdbx_validate_rmsd_angle.id                         1 
_pdbx_validate_rmsd_angle.PDB_model_num              1 
_pdbx_validate_rmsd_angle.auth_atom_id_1             CB 
_pdbx_validate_rmsd_angle.auth_asym_id_1             B 
_pdbx_validate_rmsd_angle.auth_comp_id_1             ASP 
_pdbx_validate_rmsd_angle.auth_seq_id_1              468 
_pdbx_validate_rmsd_angle.PDB_ins_code_1             ? 
_pdbx_validate_rmsd_angle.label_alt_id_1             ? 
_pdbx_validate_rmsd_angle.auth_atom_id_2             CG 
_pdbx_validate_rmsd_angle.auth_asym_id_2             B 
_pdbx_validate_rmsd_angle.auth_comp_id_2             ASP 
_pdbx_validate_rmsd_angle.auth_seq_id_2              468 
_pdbx_validate_rmsd_angle.PDB_ins_code_2             ? 
_pdbx_validate_rmsd_angle.label_alt_id_2             ? 
_pdbx_validate_rmsd_angle.auth_atom_id_3             OD1 
_pdbx_validate_rmsd_angle.auth_asym_id_3             B 
_pdbx_validate_rmsd_angle.auth_comp_id_3             ASP 
_pdbx_validate_rmsd_angle.auth_seq_id_3              468 
_pdbx_validate_rmsd_angle.PDB_ins_code_3             ? 
_pdbx_validate_rmsd_angle.label_alt_id_3             ? 
_pdbx_validate_rmsd_angle.angle_value                124.08 
_pdbx_validate_rmsd_angle.angle_target_value         118.30 
_pdbx_validate_rmsd_angle.angle_deviation            5.78 
_pdbx_validate_rmsd_angle.angle_standard_deviation   0.90 
_pdbx_validate_rmsd_angle.linker_flag                N 
# 
_pdbx_SG_project.id                    1 
_pdbx_SG_project.project_name          ? 
_pdbx_SG_project.full_name_of_center   'Structural Genomics Consortium' 
_pdbx_SG_project.initial_of_center     SGC 
# 
loop_
_pdbx_refine_tls.pdbx_refine_id 
_pdbx_refine_tls.id 
_pdbx_refine_tls.details 
_pdbx_refine_tls.method 
_pdbx_refine_tls.origin_x 
_pdbx_refine_tls.origin_y 
_pdbx_refine_tls.origin_z 
_pdbx_refine_tls.T[1][1] 
_pdbx_refine_tls.T[2][2] 
_pdbx_refine_tls.T[3][3] 
_pdbx_refine_tls.T[1][2] 
_pdbx_refine_tls.T[1][3] 
_pdbx_refine_tls.T[2][3] 
_pdbx_refine_tls.L[1][1] 
_pdbx_refine_tls.L[2][2] 
_pdbx_refine_tls.L[3][3] 
_pdbx_refine_tls.L[1][2] 
_pdbx_refine_tls.L[1][3] 
_pdbx_refine_tls.L[2][3] 
_pdbx_refine_tls.S[1][1] 
_pdbx_refine_tls.S[2][2] 
_pdbx_refine_tls.S[3][3] 
_pdbx_refine_tls.S[1][2] 
_pdbx_refine_tls.S[1][3] 
_pdbx_refine_tls.S[2][3] 
_pdbx_refine_tls.S[2][1] 
_pdbx_refine_tls.S[3][1] 
_pdbx_refine_tls.S[3][2] 
'X-RAY DIFFRACTION' 1 ? refined -10.3627 5.2548  7.1146  0.0254 0.0211 0.0533 -0.0020 0.0056  0.0159  6.4537  7.5510  5.2257 3.0942 1.9610  0.7739  -0.0141 -0.1105 0.1245  -0.1301 -0.4375 0.0131  0.3353  -0.1655 0.0699  
'X-RAY DIFFRACTION' 2 ? refined 11.6077  -5.0653 -5.5835 0.0450 0.0243 0.0121 -0.0148 -0.0074 -0.0038 4.4909  5.7272  4.7941 0.7330 -1.3509 -1.9953 0.2720  -0.1570 -0.1151 0.1430  -0.1098 -0.1029 0.3038  -0.2090 0.0597  
'X-RAY DIFFRACTION' 3 ? refined -5.4684  3.0408  -1.7156 0.0843 0.0969 0.1126 0.0273  -0.0102 -0.0023 2.6842  14.0009 4.1054 2.7783 -0.8374 -0.3344 0.0112  -0.0065 -0.0047 0.1788  0.1833  0.1419  -0.2880 -0.0663 -0.0835 
'X-RAY DIFFRACTION' 4 ? refined 1.3937   -3.5027 -3.4234 0.1253 0.1773 0.2125 -0.0074 -0.0133 0.0987  13.8867 12.0877 2.9657 2.4209 3.1444  -4.5094 0.4102  0.1360  -0.5463 0.0597  -0.1665 0.9447  -0.2497 0.2495  -0.1401  
# 
loop_
_pdbx_refine_tls_group.pdbx_refine_id 
_pdbx_refine_tls_group.id 
_pdbx_refine_tls_group.refine_tls_id 
_pdbx_refine_tls_group.beg_auth_asym_id 
_pdbx_refine_tls_group.beg_auth_seq_id 
_pdbx_refine_tls_group.end_auth_asym_id 
_pdbx_refine_tls_group.end_auth_seq_id 
_pdbx_refine_tls_group.selection_details 
_pdbx_refine_tls_group.beg_label_asym_id 
_pdbx_refine_tls_group.beg_label_seq_id 
_pdbx_refine_tls_group.end_label_asym_id 
_pdbx_refine_tls_group.end_label_seq_id 
_pdbx_refine_tls_group.selection 
'X-RAY DIFFRACTION' 1 1 A 437 A 472 ? . . . . ? 
'X-RAY DIFFRACTION' 2 2 B 437 B 472 ? . . . . ? 
'X-RAY DIFFRACTION' 3 3 C 329 C 338 ? . . . . ? 
'X-RAY DIFFRACTION' 4 3 C 339 C 339 ? . . . . ? 
'X-RAY DIFFRACTION' 5 4 D 329 D 338 ? . . . . ? 
'X-RAY DIFFRACTION' 6 4 D 339 D 339 ? . . . . ? 
# 
_phasing.method   MR 
# 
loop_
_pdbx_unobs_or_zero_occ_residues.id 
_pdbx_unobs_or_zero_occ_residues.PDB_model_num 
_pdbx_unobs_or_zero_occ_residues.polymer_flag 
_pdbx_unobs_or_zero_occ_residues.occupancy_flag 
_pdbx_unobs_or_zero_occ_residues.auth_asym_id 
_pdbx_unobs_or_zero_occ_residues.auth_comp_id 
_pdbx_unobs_or_zero_occ_residues.auth_seq_id 
_pdbx_unobs_or_zero_occ_residues.PDB_ins_code 
_pdbx_unobs_or_zero_occ_residues.label_asym_id 
_pdbx_unobs_or_zero_occ_residues.label_comp_id 
_pdbx_unobs_or_zero_occ_residues.label_seq_id 
1  1 Y 1 A GLY 428 ? A GLY 1  
2  1 Y 1 A ARG 429 ? A ARG 2  
3  1 Y 1 A ARG 430 ? A ARG 3  
4  1 Y 1 A ALA 431 ? A ALA 4  
5  1 Y 1 A SER 432 ? A SER 5  
6  1 Y 1 A VAL 433 ? A VAL 6  
7  1 Y 1 A GLU 434 ? A GLU 7  
8  1 Y 1 A LEU 435 ? A LEU 8  
9  1 Y 1 A PRO 436 ? A PRO 9  
10 1 Y 1 A GLY 473 ? A GLY 46 
11 1 Y 1 A GLN 474 ? A GLN 47 
12 1 Y 1 B GLY 428 ? B GLY 1  
13 1 Y 1 B ARG 429 ? B ARG 2  
14 1 Y 1 B ARG 430 ? B ARG 3  
15 1 Y 1 B ALA 431 ? B ALA 4  
16 1 Y 1 B SER 432 ? B SER 5  
17 1 Y 1 B VAL 433 ? B VAL 6  
18 1 Y 1 B GLU 434 ? B GLU 7  
19 1 Y 1 B LEU 435 ? B LEU 8  
20 1 Y 1 B PRO 436 ? B PRO 9  
21 1 Y 1 B GLY 473 ? B GLY 46 
22 1 Y 1 B GLN 474 ? B GLN 47 
23 1 Y 1 C ACE 326 ? C ACE 1  
24 1 Y 1 C THR 327 ? C THR 2  
25 1 Y 1 C PRO 328 ? C PRO 3  
26 1 Y 1 D ACE 326 ? D ACE 1  
27 1 Y 1 D THR 327 ? D THR 2  
28 1 Y 1 D PRO 328 ? D PRO 3  
# 
loop_
_chem_comp_atom.comp_id 
_chem_comp_atom.atom_id 
_chem_comp_atom.type_symbol 
_chem_comp_atom.pdbx_aromatic_flag 
_chem_comp_atom.pdbx_stereo_config 
_chem_comp_atom.pdbx_ordinal 
ACE C    C N N 1   
ACE O    O N N 2   
ACE CH3  C N N 3   
ACE H    H N N 4   
ACE H1   H N N 5   
ACE H2   H N N 6   
ACE H3   H N N 7   
ALA N    N N N 8   
ALA CA   C N S 9   
ALA C    C N N 10  
ALA O    O N N 11  
ALA CB   C N N 12  
ALA OXT  O N N 13  
ALA H    H N N 14  
ALA H2   H N N 15  
ALA HA   H N N 16  
ALA HB1  H N N 17  
ALA HB2  H N N 18  
ALA HB3  H N N 19  
ALA HXT  H N N 20  
ARG N    N N N 21  
ARG CA   C N S 22  
ARG C    C N N 23  
ARG O    O N N 24  
ARG CB   C N N 25  
ARG CG   C N N 26  
ARG CD   C N N 27  
ARG NE   N N N 28  
ARG CZ   C N N 29  
ARG NH1  N N N 30  
ARG NH2  N N N 31  
ARG OXT  O N N 32  
ARG H    H N N 33  
ARG H2   H N N 34  
ARG HA   H N N 35  
ARG HB2  H N N 36  
ARG HB3  H N N 37  
ARG HG2  H N N 38  
ARG HG3  H N N 39  
ARG HD2  H N N 40  
ARG HD3  H N N 41  
ARG HE   H N N 42  
ARG HH11 H N N 43  
ARG HH12 H N N 44  
ARG HH21 H N N 45  
ARG HH22 H N N 46  
ARG HXT  H N N 47  
ASN N    N N N 48  
ASN CA   C N S 49  
ASN C    C N N 50  
ASN O    O N N 51  
ASN CB   C N N 52  
ASN CG   C N N 53  
ASN OD1  O N N 54  
ASN ND2  N N N 55  
ASN OXT  O N N 56  
ASN H    H N N 57  
ASN H2   H N N 58  
ASN HA   H N N 59  
ASN HB2  H N N 60  
ASN HB3  H N N 61  
ASN HD21 H N N 62  
ASN HD22 H N N 63  
ASN HXT  H N N 64  
ASP N    N N N 65  
ASP CA   C N S 66  
ASP C    C N N 67  
ASP O    O N N 68  
ASP CB   C N N 69  
ASP CG   C N N 70  
ASP OD1  O N N 71  
ASP OD2  O N N 72  
ASP OXT  O N N 73  
ASP H    H N N 74  
ASP H2   H N N 75  
ASP HA   H N N 76  
ASP HB2  H N N 77  
ASP HB3  H N N 78  
ASP HD2  H N N 79  
ASP HXT  H N N 80  
CYS N    N N N 81  
CYS CA   C N R 82  
CYS C    C N N 83  
CYS O    O N N 84  
CYS CB   C N N 85  
CYS SG   S N N 86  
CYS OXT  O N N 87  
CYS H    H N N 88  
CYS H2   H N N 89  
CYS HA   H N N 90  
CYS HB2  H N N 91  
CYS HB3  H N N 92  
CYS HG   H N N 93  
CYS HXT  H N N 94  
GLN N    N N N 95  
GLN CA   C N S 96  
GLN C    C N N 97  
GLN O    O N N 98  
GLN CB   C N N 99  
GLN CG   C N N 100 
GLN CD   C N N 101 
GLN OE1  O N N 102 
GLN NE2  N N N 103 
GLN OXT  O N N 104 
GLN H    H N N 105 
GLN H2   H N N 106 
GLN HA   H N N 107 
GLN HB2  H N N 108 
GLN HB3  H N N 109 
GLN HG2  H N N 110 
GLN HG3  H N N 111 
GLN HE21 H N N 112 
GLN HE22 H N N 113 
GLN HXT  H N N 114 
GLU N    N N N 115 
GLU CA   C N S 116 
GLU C    C N N 117 
GLU O    O N N 118 
GLU CB   C N N 119 
GLU CG   C N N 120 
GLU CD   C N N 121 
GLU OE1  O N N 122 
GLU OE2  O N N 123 
GLU OXT  O N N 124 
GLU H    H N N 125 
GLU H2   H N N 126 
GLU HA   H N N 127 
GLU HB2  H N N 128 
GLU HB3  H N N 129 
GLU HG2  H N N 130 
GLU HG3  H N N 131 
GLU HE2  H N N 132 
GLU HXT  H N N 133 
GLY N    N N N 134 
GLY CA   C N N 135 
GLY C    C N N 136 
GLY O    O N N 137 
GLY OXT  O N N 138 
GLY H    H N N 139 
GLY H2   H N N 140 
GLY HA2  H N N 141 
GLY HA3  H N N 142 
GLY HXT  H N N 143 
HIS N    N N N 144 
HIS CA   C N S 145 
HIS C    C N N 146 
HIS O    O N N 147 
HIS CB   C N N 148 
HIS CG   C Y N 149 
HIS ND1  N Y N 150 
HIS CD2  C Y N 151 
HIS CE1  C Y N 152 
HIS NE2  N Y N 153 
HIS OXT  O N N 154 
HIS H    H N N 155 
HIS H2   H N N 156 
HIS HA   H N N 157 
HIS HB2  H N N 158 
HIS HB3  H N N 159 
HIS HD1  H N N 160 
HIS HD2  H N N 161 
HIS HE1  H N N 162 
HIS HE2  H N N 163 
HIS HXT  H N N 164 
HOH O    O N N 165 
HOH H1   H N N 166 
HOH H2   H N N 167 
ILE N    N N N 168 
ILE CA   C N S 169 
ILE C    C N N 170 
ILE O    O N N 171 
ILE CB   C N S 172 
ILE CG1  C N N 173 
ILE CG2  C N N 174 
ILE CD1  C N N 175 
ILE OXT  O N N 176 
ILE H    H N N 177 
ILE H2   H N N 178 
ILE HA   H N N 179 
ILE HB   H N N 180 
ILE HG12 H N N 181 
ILE HG13 H N N 182 
ILE HG21 H N N 183 
ILE HG22 H N N 184 
ILE HG23 H N N 185 
ILE HD11 H N N 186 
ILE HD12 H N N 187 
ILE HD13 H N N 188 
ILE HXT  H N N 189 
LEU N    N N N 190 
LEU CA   C N S 191 
LEU C    C N N 192 
LEU O    O N N 193 
LEU CB   C N N 194 
LEU CG   C N N 195 
LEU CD1  C N N 196 
LEU CD2  C N N 197 
LEU OXT  O N N 198 
LEU H    H N N 199 
LEU H2   H N N 200 
LEU HA   H N N 201 
LEU HB2  H N N 202 
LEU HB3  H N N 203 
LEU HG   H N N 204 
LEU HD11 H N N 205 
LEU HD12 H N N 206 
LEU HD13 H N N 207 
LEU HD21 H N N 208 
LEU HD22 H N N 209 
LEU HD23 H N N 210 
LEU HXT  H N N 211 
LYS N    N N N 212 
LYS CA   C N S 213 
LYS C    C N N 214 
LYS O    O N N 215 
LYS CB   C N N 216 
LYS CG   C N N 217 
LYS CD   C N N 218 
LYS CE   C N N 219 
LYS NZ   N N N 220 
LYS OXT  O N N 221 
LYS H    H N N 222 
LYS H2   H N N 223 
LYS HA   H N N 224 
LYS HB2  H N N 225 
LYS HB3  H N N 226 
LYS HG2  H N N 227 
LYS HG3  H N N 228 
LYS HD2  H N N 229 
LYS HD3  H N N 230 
LYS HE2  H N N 231 
LYS HE3  H N N 232 
LYS HZ1  H N N 233 
LYS HZ2  H N N 234 
LYS HZ3  H N N 235 
LYS HXT  H N N 236 
MET N    N N N 237 
MET CA   C N S 238 
MET C    C N N 239 
MET O    O N N 240 
MET CB   C N N 241 
MET CG   C N N 242 
MET SD   S N N 243 
MET CE   C N N 244 
MET OXT  O N N 245 
MET H    H N N 246 
MET H2   H N N 247 
MET HA   H N N 248 
MET HB2  H N N 249 
MET HB3  H N N 250 
MET HG2  H N N 251 
MET HG3  H N N 252 
MET HE1  H N N 253 
MET HE2  H N N 254 
MET HE3  H N N 255 
MET HXT  H N N 256 
NH2 N    N N N 257 
NH2 HN1  H N N 258 
NH2 HN2  H N N 259 
PHE N    N N N 260 
PHE CA   C N S 261 
PHE C    C N N 262 
PHE O    O N N 263 
PHE CB   C N N 264 
PHE CG   C Y N 265 
PHE CD1  C Y N 266 
PHE CD2  C Y N 267 
PHE CE1  C Y N 268 
PHE CE2  C Y N 269 
PHE CZ   C Y N 270 
PHE OXT  O N N 271 
PHE H    H N N 272 
PHE H2   H N N 273 
PHE HA   H N N 274 
PHE HB2  H N N 275 
PHE HB3  H N N 276 
PHE HD1  H N N 277 
PHE HD2  H N N 278 
PHE HE1  H N N 279 
PHE HE2  H N N 280 
PHE HZ   H N N 281 
PHE HXT  H N N 282 
PRO N    N N N 283 
PRO CA   C N S 284 
PRO C    C N N 285 
PRO O    O N N 286 
PRO CB   C N N 287 
PRO CG   C N N 288 
PRO CD   C N N 289 
PRO OXT  O N N 290 
PRO H    H N N 291 
PRO HA   H N N 292 
PRO HB2  H N N 293 
PRO HB3  H N N 294 
PRO HG2  H N N 295 
PRO HG3  H N N 296 
PRO HD2  H N N 297 
PRO HD3  H N N 298 
PRO HXT  H N N 299 
SER N    N N N 300 
SER CA   C N S 301 
SER C    C N N 302 
SER O    O N N 303 
SER CB   C N N 304 
SER OG   O N N 305 
SER OXT  O N N 306 
SER H    H N N 307 
SER H2   H N N 308 
SER HA   H N N 309 
SER HB2  H N N 310 
SER HB3  H N N 311 
SER HG   H N N 312 
SER HXT  H N N 313 
THR N    N N N 314 
THR CA   C N S 315 
THR C    C N N 316 
THR O    O N N 317 
THR CB   C N R 318 
THR OG1  O N N 319 
THR CG2  C N N 320 
THR OXT  O N N 321 
THR H    H N N 322 
THR H2   H N N 323 
THR HA   H N N 324 
THR HB   H N N 325 
THR HG1  H N N 326 
THR HG21 H N N 327 
THR HG22 H N N 328 
THR HG23 H N N 329 
THR HXT  H N N 330 
TRP N    N N N 331 
TRP CA   C N S 332 
TRP C    C N N 333 
TRP O    O N N 334 
TRP CB   C N N 335 
TRP CG   C Y N 336 
TRP CD1  C Y N 337 
TRP CD2  C Y N 338 
TRP NE1  N Y N 339 
TRP CE2  C Y N 340 
TRP CE3  C Y N 341 
TRP CZ2  C Y N 342 
TRP CZ3  C Y N 343 
TRP CH2  C Y N 344 
TRP OXT  O N N 345 
TRP H    H N N 346 
TRP H2   H N N 347 
TRP HA   H N N 348 
TRP HB2  H N N 349 
TRP HB3  H N N 350 
TRP HD1  H N N 351 
TRP HE1  H N N 352 
TRP HE3  H N N 353 
TRP HZ2  H N N 354 
TRP HZ3  H N N 355 
TRP HH2  H N N 356 
TRP HXT  H N N 357 
TYR N    N N N 358 
TYR CA   C N S 359 
TYR C    C N N 360 
TYR O    O N N 361 
TYR CB   C N N 362 
TYR CG   C Y N 363 
TYR CD1  C Y N 364 
TYR CD2  C Y N 365 
TYR CE1  C Y N 366 
TYR CE2  C Y N 367 
TYR CZ   C Y N 368 
TYR OH   O N N 369 
TYR OXT  O N N 370 
TYR H    H N N 371 
TYR H2   H N N 372 
TYR HA   H N N 373 
TYR HB2  H N N 374 
TYR HB3  H N N 375 
TYR HD1  H N N 376 
TYR HD2  H N N 377 
TYR HE1  H N N 378 
TYR HE2  H N N 379 
TYR HH   H N N 380 
TYR HXT  H N N 381 
VAL N    N N N 382 
VAL CA   C N S 383 
VAL C    C N N 384 
VAL O    O N N 385 
VAL CB   C N N 386 
VAL CG1  C N N 387 
VAL CG2  C N N 388 
VAL OXT  O N N 389 
VAL H    H N N 390 
VAL H2   H N N 391 
VAL HA   H N N 392 
VAL HB   H N N 393 
VAL HG11 H N N 394 
VAL HG12 H N N 395 
VAL HG13 H N N 396 
VAL HG21 H N N 397 
VAL HG22 H N N 398 
VAL HG23 H N N 399 
VAL HXT  H N N 400 
# 
loop_
_chem_comp_bond.comp_id 
_chem_comp_bond.atom_id_1 
_chem_comp_bond.atom_id_2 
_chem_comp_bond.value_order 
_chem_comp_bond.pdbx_aromatic_flag 
_chem_comp_bond.pdbx_stereo_config 
_chem_comp_bond.pdbx_ordinal 
ACE C   O    doub N N 1   
ACE C   CH3  sing N N 2   
ACE C   H    sing N N 3   
ACE CH3 H1   sing N N 4   
ACE CH3 H2   sing N N 5   
ACE CH3 H3   sing N N 6   
ALA N   CA   sing N N 7   
ALA N   H    sing N N 8   
ALA N   H2   sing N N 9   
ALA CA  C    sing N N 10  
ALA CA  CB   sing N N 11  
ALA CA  HA   sing N N 12  
ALA C   O    doub N N 13  
ALA C   OXT  sing N N 14  
ALA CB  HB1  sing N N 15  
ALA CB  HB2  sing N N 16  
ALA CB  HB3  sing N N 17  
ALA OXT HXT  sing N N 18  
ARG N   CA   sing N N 19  
ARG N   H    sing N N 20  
ARG N   H2   sing N N 21  
ARG CA  C    sing N N 22  
ARG CA  CB   sing N N 23  
ARG CA  HA   sing N N 24  
ARG C   O    doub N N 25  
ARG C   OXT  sing N N 26  
ARG CB  CG   sing N N 27  
ARG CB  HB2  sing N N 28  
ARG CB  HB3  sing N N 29  
ARG CG  CD   sing N N 30  
ARG CG  HG2  sing N N 31  
ARG CG  HG3  sing N N 32  
ARG CD  NE   sing N N 33  
ARG CD  HD2  sing N N 34  
ARG CD  HD3  sing N N 35  
ARG NE  CZ   sing N N 36  
ARG NE  HE   sing N N 37  
ARG CZ  NH1  sing N N 38  
ARG CZ  NH2  doub N N 39  
ARG NH1 HH11 sing N N 40  
ARG NH1 HH12 sing N N 41  
ARG NH2 HH21 sing N N 42  
ARG NH2 HH22 sing N N 43  
ARG OXT HXT  sing N N 44  
ASN N   CA   sing N N 45  
ASN N   H    sing N N 46  
ASN N   H2   sing N N 47  
ASN CA  C    sing N N 48  
ASN CA  CB   sing N N 49  
ASN CA  HA   sing N N 50  
ASN C   O    doub N N 51  
ASN C   OXT  sing N N 52  
ASN CB  CG   sing N N 53  
ASN CB  HB2  sing N N 54  
ASN CB  HB3  sing N N 55  
ASN CG  OD1  doub N N 56  
ASN CG  ND2  sing N N 57  
ASN ND2 HD21 sing N N 58  
ASN ND2 HD22 sing N N 59  
ASN OXT HXT  sing N N 60  
ASP N   CA   sing N N 61  
ASP N   H    sing N N 62  
ASP N   H2   sing N N 63  
ASP CA  C    sing N N 64  
ASP CA  CB   sing N N 65  
ASP CA  HA   sing N N 66  
ASP C   O    doub N N 67  
ASP C   OXT  sing N N 68  
ASP CB  CG   sing N N 69  
ASP CB  HB2  sing N N 70  
ASP CB  HB3  sing N N 71  
ASP CG  OD1  doub N N 72  
ASP CG  OD2  sing N N 73  
ASP OD2 HD2  sing N N 74  
ASP OXT HXT  sing N N 75  
CYS N   CA   sing N N 76  
CYS N   H    sing N N 77  
CYS N   H2   sing N N 78  
CYS CA  C    sing N N 79  
CYS CA  CB   sing N N 80  
CYS CA  HA   sing N N 81  
CYS C   O    doub N N 82  
CYS C   OXT  sing N N 83  
CYS CB  SG   sing N N 84  
CYS CB  HB2  sing N N 85  
CYS CB  HB3  sing N N 86  
CYS SG  HG   sing N N 87  
CYS OXT HXT  sing N N 88  
GLN N   CA   sing N N 89  
GLN N   H    sing N N 90  
GLN N   H2   sing N N 91  
GLN CA  C    sing N N 92  
GLN CA  CB   sing N N 93  
GLN CA  HA   sing N N 94  
GLN C   O    doub N N 95  
GLN C   OXT  sing N N 96  
GLN CB  CG   sing N N 97  
GLN CB  HB2  sing N N 98  
GLN CB  HB3  sing N N 99  
GLN CG  CD   sing N N 100 
GLN CG  HG2  sing N N 101 
GLN CG  HG3  sing N N 102 
GLN CD  OE1  doub N N 103 
GLN CD  NE2  sing N N 104 
GLN NE2 HE21 sing N N 105 
GLN NE2 HE22 sing N N 106 
GLN OXT HXT  sing N N 107 
GLU N   CA   sing N N 108 
GLU N   H    sing N N 109 
GLU N   H2   sing N N 110 
GLU CA  C    sing N N 111 
GLU CA  CB   sing N N 112 
GLU CA  HA   sing N N 113 
GLU C   O    doub N N 114 
GLU C   OXT  sing N N 115 
GLU CB  CG   sing N N 116 
GLU CB  HB2  sing N N 117 
GLU CB  HB3  sing N N 118 
GLU CG  CD   sing N N 119 
GLU CG  HG2  sing N N 120 
GLU CG  HG3  sing N N 121 
GLU CD  OE1  doub N N 122 
GLU CD  OE2  sing N N 123 
GLU OE2 HE2  sing N N 124 
GLU OXT HXT  sing N N 125 
GLY N   CA   sing N N 126 
GLY N   H    sing N N 127 
GLY N   H2   sing N N 128 
GLY CA  C    sing N N 129 
GLY CA  HA2  sing N N 130 
GLY CA  HA3  sing N N 131 
GLY C   O    doub N N 132 
GLY C   OXT  sing N N 133 
GLY OXT HXT  sing N N 134 
HIS N   CA   sing N N 135 
HIS N   H    sing N N 136 
HIS N   H2   sing N N 137 
HIS CA  C    sing N N 138 
HIS CA  CB   sing N N 139 
HIS CA  HA   sing N N 140 
HIS C   O    doub N N 141 
HIS C   OXT  sing N N 142 
HIS CB  CG   sing N N 143 
HIS CB  HB2  sing N N 144 
HIS CB  HB3  sing N N 145 
HIS CG  ND1  sing Y N 146 
HIS CG  CD2  doub Y N 147 
HIS ND1 CE1  doub Y N 148 
HIS ND1 HD1  sing N N 149 
HIS CD2 NE2  sing Y N 150 
HIS CD2 HD2  sing N N 151 
HIS CE1 NE2  sing Y N 152 
HIS CE1 HE1  sing N N 153 
HIS NE2 HE2  sing N N 154 
HIS OXT HXT  sing N N 155 
HOH O   H1   sing N N 156 
HOH O   H2   sing N N 157 
ILE N   CA   sing N N 158 
ILE N   H    sing N N 159 
ILE N   H2   sing N N 160 
ILE CA  C    sing N N 161 
ILE CA  CB   sing N N 162 
ILE CA  HA   sing N N 163 
ILE C   O    doub N N 164 
ILE C   OXT  sing N N 165 
ILE CB  CG1  sing N N 166 
ILE CB  CG2  sing N N 167 
ILE CB  HB   sing N N 168 
ILE CG1 CD1  sing N N 169 
ILE CG1 HG12 sing N N 170 
ILE CG1 HG13 sing N N 171 
ILE CG2 HG21 sing N N 172 
ILE CG2 HG22 sing N N 173 
ILE CG2 HG23 sing N N 174 
ILE CD1 HD11 sing N N 175 
ILE CD1 HD12 sing N N 176 
ILE CD1 HD13 sing N N 177 
ILE OXT HXT  sing N N 178 
LEU N   CA   sing N N 179 
LEU N   H    sing N N 180 
LEU N   H2   sing N N 181 
LEU CA  C    sing N N 182 
LEU CA  CB   sing N N 183 
LEU CA  HA   sing N N 184 
LEU C   O    doub N N 185 
LEU C   OXT  sing N N 186 
LEU CB  CG   sing N N 187 
LEU CB  HB2  sing N N 188 
LEU CB  HB3  sing N N 189 
LEU CG  CD1  sing N N 190 
LEU CG  CD2  sing N N 191 
LEU CG  HG   sing N N 192 
LEU CD1 HD11 sing N N 193 
LEU CD1 HD12 sing N N 194 
LEU CD1 HD13 sing N N 195 
LEU CD2 HD21 sing N N 196 
LEU CD2 HD22 sing N N 197 
LEU CD2 HD23 sing N N 198 
LEU OXT HXT  sing N N 199 
LYS N   CA   sing N N 200 
LYS N   H    sing N N 201 
LYS N   H2   sing N N 202 
LYS CA  C    sing N N 203 
LYS CA  CB   sing N N 204 
LYS CA  HA   sing N N 205 
LYS C   O    doub N N 206 
LYS C   OXT  sing N N 207 
LYS CB  CG   sing N N 208 
LYS CB  HB2  sing N N 209 
LYS CB  HB3  sing N N 210 
LYS CG  CD   sing N N 211 
LYS CG  HG2  sing N N 212 
LYS CG  HG3  sing N N 213 
LYS CD  CE   sing N N 214 
LYS CD  HD2  sing N N 215 
LYS CD  HD3  sing N N 216 
LYS CE  NZ   sing N N 217 
LYS CE  HE2  sing N N 218 
LYS CE  HE3  sing N N 219 
LYS NZ  HZ1  sing N N 220 
LYS NZ  HZ2  sing N N 221 
LYS NZ  HZ3  sing N N 222 
LYS OXT HXT  sing N N 223 
MET N   CA   sing N N 224 
MET N   H    sing N N 225 
MET N   H2   sing N N 226 
MET CA  C    sing N N 227 
MET CA  CB   sing N N 228 
MET CA  HA   sing N N 229 
MET C   O    doub N N 230 
MET C   OXT  sing N N 231 
MET CB  CG   sing N N 232 
MET CB  HB2  sing N N 233 
MET CB  HB3  sing N N 234 
MET CG  SD   sing N N 235 
MET CG  HG2  sing N N 236 
MET CG  HG3  sing N N 237 
MET SD  CE   sing N N 238 
MET CE  HE1  sing N N 239 
MET CE  HE2  sing N N 240 
MET CE  HE3  sing N N 241 
MET OXT HXT  sing N N 242 
NH2 N   HN1  sing N N 243 
NH2 N   HN2  sing N N 244 
PHE N   CA   sing N N 245 
PHE N   H    sing N N 246 
PHE N   H2   sing N N 247 
PHE CA  C    sing N N 248 
PHE CA  CB   sing N N 249 
PHE CA  HA   sing N N 250 
PHE C   O    doub N N 251 
PHE C   OXT  sing N N 252 
PHE CB  CG   sing N N 253 
PHE CB  HB2  sing N N 254 
PHE CB  HB3  sing N N 255 
PHE CG  CD1  doub Y N 256 
PHE CG  CD2  sing Y N 257 
PHE CD1 CE1  sing Y N 258 
PHE CD1 HD1  sing N N 259 
PHE CD2 CE2  doub Y N 260 
PHE CD2 HD2  sing N N 261 
PHE CE1 CZ   doub Y N 262 
PHE CE1 HE1  sing N N 263 
PHE CE2 CZ   sing Y N 264 
PHE CE2 HE2  sing N N 265 
PHE CZ  HZ   sing N N 266 
PHE OXT HXT  sing N N 267 
PRO N   CA   sing N N 268 
PRO N   CD   sing N N 269 
PRO N   H    sing N N 270 
PRO CA  C    sing N N 271 
PRO CA  CB   sing N N 272 
PRO CA  HA   sing N N 273 
PRO C   O    doub N N 274 
PRO C   OXT  sing N N 275 
PRO CB  CG   sing N N 276 
PRO CB  HB2  sing N N 277 
PRO CB  HB3  sing N N 278 
PRO CG  CD   sing N N 279 
PRO CG  HG2  sing N N 280 
PRO CG  HG3  sing N N 281 
PRO CD  HD2  sing N N 282 
PRO CD  HD3  sing N N 283 
PRO OXT HXT  sing N N 284 
SER N   CA   sing N N 285 
SER N   H    sing N N 286 
SER N   H2   sing N N 287 
SER CA  C    sing N N 288 
SER CA  CB   sing N N 289 
SER CA  HA   sing N N 290 
SER C   O    doub N N 291 
SER C   OXT  sing N N 292 
SER CB  OG   sing N N 293 
SER CB  HB2  sing N N 294 
SER CB  HB3  sing N N 295 
SER OG  HG   sing N N 296 
SER OXT HXT  sing N N 297 
THR N   CA   sing N N 298 
THR N   H    sing N N 299 
THR N   H2   sing N N 300 
THR CA  C    sing N N 301 
THR CA  CB   sing N N 302 
THR CA  HA   sing N N 303 
THR C   O    doub N N 304 
THR C   OXT  sing N N 305 
THR CB  OG1  sing N N 306 
THR CB  CG2  sing N N 307 
THR CB  HB   sing N N 308 
THR OG1 HG1  sing N N 309 
THR CG2 HG21 sing N N 310 
THR CG2 HG22 sing N N 311 
THR CG2 HG23 sing N N 312 
THR OXT HXT  sing N N 313 
TRP N   CA   sing N N 314 
TRP N   H    sing N N 315 
TRP N   H2   sing N N 316 
TRP CA  C    sing N N 317 
TRP CA  CB   sing N N 318 
TRP CA  HA   sing N N 319 
TRP C   O    doub N N 320 
TRP C   OXT  sing N N 321 
TRP CB  CG   sing N N 322 
TRP CB  HB2  sing N N 323 
TRP CB  HB3  sing N N 324 
TRP CG  CD1  doub Y N 325 
TRP CG  CD2  sing Y N 326 
TRP CD1 NE1  sing Y N 327 
TRP CD1 HD1  sing N N 328 
TRP CD2 CE2  doub Y N 329 
TRP CD2 CE3  sing Y N 330 
TRP NE1 CE2  sing Y N 331 
TRP NE1 HE1  sing N N 332 
TRP CE2 CZ2  sing Y N 333 
TRP CE3 CZ3  doub Y N 334 
TRP CE3 HE3  sing N N 335 
TRP CZ2 CH2  doub Y N 336 
TRP CZ2 HZ2  sing N N 337 
TRP CZ3 CH2  sing Y N 338 
TRP CZ3 HZ3  sing N N 339 
TRP CH2 HH2  sing N N 340 
TRP OXT HXT  sing N N 341 
TYR N   CA   sing N N 342 
TYR N   H    sing N N 343 
TYR N   H2   sing N N 344 
TYR CA  C    sing N N 345 
TYR CA  CB   sing N N 346 
TYR CA  HA   sing N N 347 
TYR C   O    doub N N 348 
TYR C   OXT  sing N N 349 
TYR CB  CG   sing N N 350 
TYR CB  HB2  sing N N 351 
TYR CB  HB3  sing N N 352 
TYR CG  CD1  doub Y N 353 
TYR CG  CD2  sing Y N 354 
TYR CD1 CE1  sing Y N 355 
TYR CD1 HD1  sing N N 356 
TYR CD2 CE2  doub Y N 357 
TYR CD2 HD2  sing N N 358 
TYR CE1 CZ   doub Y N 359 
TYR CE1 HE1  sing N N 360 
TYR CE2 CZ   sing Y N 361 
TYR CE2 HE2  sing N N 362 
TYR CZ  OH   sing N N 363 
TYR OH  HH   sing N N 364 
TYR OXT HXT  sing N N 365 
VAL N   CA   sing N N 366 
VAL N   H    sing N N 367 
VAL N   H2   sing N N 368 
VAL CA  C    sing N N 369 
VAL CA  CB   sing N N 370 
VAL CA  HA   sing N N 371 
VAL C   O    doub N N 372 
VAL C   OXT  sing N N 373 
VAL CB  CG1  sing N N 374 
VAL CB  CG2  sing N N 375 
VAL CB  HB   sing N N 376 
VAL CG1 HG11 sing N N 377 
VAL CG1 HG12 sing N N 378 
VAL CG1 HG13 sing N N 379 
VAL CG2 HG21 sing N N 380 
VAL CG2 HG22 sing N N 381 
VAL CG2 HG23 sing N N 382 
VAL OXT HXT  sing N N 383 
# 
_pdbx_initial_refinement_model.id               1 
_pdbx_initial_refinement_model.entity_id_list   ? 
_pdbx_initial_refinement_model.type             'experimental model' 
_pdbx_initial_refinement_model.source_name      PDB 
_pdbx_initial_refinement_model.accession_code   2F21 
_pdbx_initial_refinement_model.details          'PDB ENTRY 2F21' 
# 
_atom_sites.entry_id                    4ROF 
_atom_sites.fract_transf_matrix[1][1]   -0.01630714 
_atom_sites.fract_transf_matrix[1][2]   0.02830920 
_atom_sites.fract_transf_matrix[1][3]   0.00558488 
_atom_sites.fract_transf_matrix[2][1]   0.01014381 
_atom_sites.fract_transf_matrix[2][2]   0.00294876 
_atom_sites.fract_transf_matrix[2][3]   0.01467168 
_atom_sites.fract_transf_matrix[3][1]   0.01113263 
_atom_sites.fract_transf_matrix[3][2]   0.00825873 
_atom_sites.fract_transf_matrix[3][3]   -0.00935682 
_atom_sites.fract_transf_vector[1]      -0.265671 
_atom_sites.fract_transf_vector[2]      0.086282 
_atom_sites.fract_transf_vector[3]      0.339407 
# 
loop_
_atom_type.symbol 
C 
N 
O 
S 
# 
loop_
_atom_site.group_PDB 
_atom_site.id 
_atom_site.type_symbol 
_atom_site.label_atom_id 
_atom_site.label_alt_id 
_atom_site.label_comp_id 
_atom_site.label_asym_id 
_atom_site.label_entity_id 
_atom_site.label_seq_id 
_atom_site.pdbx_PDB_ins_code 
_atom_site.Cartn_x 
_atom_site.Cartn_y 
_atom_site.Cartn_z 
_atom_site.occupancy 
_atom_site.B_iso_or_equiv 
_atom_site.pdbx_formal_charge 
_atom_site.auth_seq_id 
_atom_site.auth_comp_id 
_atom_site.auth_asym_id 
_atom_site.auth_atom_id 
_atom_site.pdbx_PDB_model_num 
ATOM   1   N N   A LEU A 1 10 ? -19.691 7.810   17.072  0.50 62.27 ? 437 LEU A N   1 
ATOM   2   N N   B LEU A 1 10 ? -19.752 8.405   19.514  0.50 67.62 ? 437 LEU A N   1 
ATOM   3   C CA  A LEU A 1 10 ? -19.244 8.464   18.342  0.50 65.66 ? 437 LEU A CA  1 
ATOM   4   C CA  B LEU A 1 10 ? -19.169 8.377   18.140  0.50 63.60 ? 437 LEU A CA  1 
ATOM   5   C C   A LEU A 1 10 ? -17.858 9.089   18.178  0.50 62.20 ? 437 LEU A C   1 
ATOM   6   C C   B LEU A 1 10 ? -17.815 9.085   18.102  0.50 61.04 ? 437 LEU A C   1 
ATOM   7   O O   A LEU A 1 10 ? -16.851 8.385   18.078  0.50 59.85 ? 437 LEU A O   1 
ATOM   8   O O   B LEU A 1 10 ? -16.773 8.431   18.027  0.50 58.55 ? 437 LEU A O   1 
ATOM   9   C CB  A LEU A 1 10 ? -19.232 7.460   19.501  0.50 66.99 ? 437 LEU A CB  1 
ATOM   10  C CB  B LEU A 1 10 ? -20.133 9.004   17.119  0.50 62.37 ? 437 LEU A CB  1 
ATOM   11  N N   . GLY A 1 11 ? -17.825 10.417  18.147  1.00 61.92 ? 438 GLY A N   1 
ATOM   12  C CA  . GLY A 1 11 ? -16.581 11.180  18.141  1.00 59.31 ? 438 GLY A CA  1 
ATOM   13  C C   . GLY A 1 11 ? -15.999 11.408  16.757  1.00 54.91 ? 438 GLY A C   1 
ATOM   14  O O   . GLY A 1 11 ? -16.186 10.608  15.864  1.00 50.35 ? 438 GLY A O   1 
ATOM   15  N N   . PRO A 1 12 ? -15.262 12.516  16.583  1.00 55.30 ? 439 PRO A N   1 
ATOM   16  C CA  . PRO A 1 12 ? -14.697 12.803  15.292  1.00 49.79 ? 439 PRO A CA  1 
ATOM   17  C C   . PRO A 1 12 ? -13.604 11.798  14.991  1.00 48.45 ? 439 PRO A C   1 
ATOM   18  O O   . PRO A 1 12 ? -13.172 11.057  15.893  1.00 43.76 ? 439 PRO A O   1 
ATOM   19  C CB  . PRO A 1 12 ? -14.110 14.206  15.475  1.00 54.17 ? 439 PRO A CB  1 
ATOM   20  C CG  . PRO A 1 12 ? -13.699 14.250  16.912  1.00 56.50 ? 439 PRO A CG  1 
ATOM   21  C CD  . PRO A 1 12 ? -14.684 13.371  17.643  1.00 58.95 ? 439 PRO A CD  1 
ATOM   22  N N   . LEU A 1 13 ? -13.178 11.736  13.731  1.00 44.83 ? 440 LEU A N   1 
ATOM   23  C CA  . LEU A 1 13 ? -12.055 10.905  13.411  1.00 41.49 ? 440 LEU A CA  1 
ATOM   24  C C   . LEU A 1 13 ? -10.824 11.563  14.009  1.00 39.71 ? 440 LEU A C   1 
ATOM   25  O O   . LEU A 1 13 ? -10.784 12.782  14.163  1.00 41.67 ? 440 LEU A O   1 
ATOM   26  C CB  . LEU A 1 13 ? -11.900 10.702  11.900  1.00 40.94 ? 440 LEU A CB  1 
ATOM   27  C CG  . LEU A 1 13 ? -12.869 9.680   11.307  1.00 41.86 ? 440 LEU A CG  1 
ATOM   28  C CD1 . LEU A 1 13 ? -13.089 9.966   9.842   1.00 40.02 ? 440 LEU A CD1 1 
ATOM   29  C CD2 . LEU A 1 13 ? -12.380 8.242   11.507  1.00 40.02 ? 440 LEU A CD2 1 
ATOM   30  N N   . PRO A 1 14 ? -9.816  10.754  14.376  1.00 37.57 ? 441 PRO A N   1 
ATOM   31  C CA  . PRO A 1 14 ? -8.543  11.385  14.744  1.00 38.51 ? 441 PRO A CA  1 
ATOM   32  C C   . PRO A 1 14 ? -7.915  12.173  13.578  1.00 37.14 ? 441 PRO A C   1 
ATOM   33  O O   . PRO A 1 14 ? -8.149  11.857  12.396  1.00 33.60 ? 441 PRO A O   1 
ATOM   34  C CB  . PRO A 1 14 ? -7.649  10.206  15.180  1.00 38.24 ? 441 PRO A CB  1 
ATOM   35  C CG  . PRO A 1 14 ? -8.535  9.003   15.259  1.00 37.92 ? 441 PRO A CG  1 
ATOM   36  C CD  . PRO A 1 14 ? -9.773  9.282   14.450  1.00 37.05 ? 441 PRO A CD  1 
ATOM   37  N N   . PRO A 1 15 ? -7.129  13.205  13.902  1.00 39.54 ? 442 PRO A N   1 
ATOM   38  C CA  . PRO A 1 15 ? -6.565  14.013  12.825  1.00 38.61 ? 442 PRO A CA  1 
ATOM   39  C C   . PRO A 1 15 ? -5.788  13.158  11.831  1.00 35.08 ? 442 PRO A C   1 
ATOM   40  O O   . PRO A 1 15 ? -5.132  12.189  12.218  1.00 30.78 ? 442 PRO A O   1 
ATOM   41  C CB  . PRO A 1 15 ? -5.641  14.999  13.560  1.00 42.21 ? 442 PRO A CB  1 
ATOM   42  C CG  . PRO A 1 15 ? -5.352  14.385  14.878  1.00 43.26 ? 442 PRO A CG  1 
ATOM   43  C CD  . PRO A 1 15 ? -6.510  13.487  15.210  1.00 43.05 ? 442 PRO A CD  1 
ATOM   44  N N   . GLY A 1 16 ? -5.912  13.475  10.541  1.00 34.06 ? 443 GLY A N   1 
ATOM   45  C CA  . GLY A 1 16 ? -5.225  12.689  9.522   1.00 32.10 ? 443 GLY A CA  1 
ATOM   46  C C   . GLY A 1 16 ? -6.127  11.692  8.826   1.00 30.01 ? 443 GLY A C   1 
ATOM   47  O O   . GLY A 1 16 ? -5.836  11.262  7.699   1.00 25.58 ? 443 GLY A O   1 
ATOM   48  N N   . TRP A 1 17 ? -7.227  11.336  9.484   1.00 29.72 ? 444 TRP A N   1 
ATOM   49  C CA  . TRP A 1 17 ? -8.065  10.234  9.019   1.00 28.01 ? 444 TRP A CA  1 
ATOM   50  C C   . TRP A 1 17 ? -9.235  10.751  8.235   1.00 29.28 ? 444 TRP A C   1 
ATOM   51  O O   . TRP A 1 17 ? -9.740  11.846  8.502   1.00 30.81 ? 444 TRP A O   1 
ATOM   52  C CB  . TRP A 1 17 ? -8.580  9.409   10.202  1.00 28.06 ? 444 TRP A CB  1 
ATOM   53  C CG  . TRP A 1 17 ? -7.538  8.571   10.857  1.00 29.86 ? 444 TRP A CG  1 
ATOM   54  C CD1 . TRP A 1 17 ? -6.683  8.959   11.845  1.00 36.19 ? 444 TRP A CD1 1 
ATOM   55  C CD2 . TRP A 1 17 ? -7.232  7.188   10.596  1.00 31.64 ? 444 TRP A CD2 1 
ATOM   56  N NE1 . TRP A 1 17 ? -5.846  7.926   12.192  1.00 35.25 ? 444 TRP A NE1 1 
ATOM   57  C CE2 . TRP A 1 17 ? -6.168  6.825   11.452  1.00 34.19 ? 444 TRP A CE2 1 
ATOM   58  C CE3 . TRP A 1 17 ? -7.727  6.235   9.699   1.00 34.11 ? 444 TRP A CE3 1 
ATOM   59  C CZ2 . TRP A 1 17 ? -5.614  5.541   11.463  1.00 37.22 ? 444 TRP A CZ2 1 
ATOM   60  C CZ3 . TRP A 1 17 ? -7.175  4.958   9.711   1.00 36.06 ? 444 TRP A CZ3 1 
ATOM   61  C CH2 . TRP A 1 17 ? -6.125  4.627   10.583  1.00 35.34 ? 444 TRP A CH2 1 
ATOM   62  N N   . GLU A 1 18 ? -9.691  9.941   7.293   1.00 27.52 ? 445 GLU A N   1 
ATOM   63  C CA  . GLU A 1 18 ? -10.812 10.300  6.445   1.00 28.54 ? 445 GLU A CA  1 
ATOM   64  C C   . GLU A 1 18 ? -11.557 9.021   6.093   1.00 27.27 ? 445 GLU A C   1 
ATOM   65  O O   . GLU A 1 18 ? -10.934 7.984   5.837   1.00 25.36 ? 445 GLU A O   1 
ATOM   66  C CB  . GLU A 1 18 ? -10.287 10.943  5.166   1.00 27.30 ? 445 GLU A CB  1 
ATOM   67  C CG  . GLU A 1 18 ? -11.312 11.607  4.306   1.00 29.00 ? 445 GLU A CG  1 
ATOM   68  C CD  . GLU A 1 18 ? -10.882 11.770  2.836   1.00 33.12 ? 445 GLU A CD  1 
ATOM   69  O OE1 . GLU A 1 18 ? -9.706  11.656  2.493   1.00 28.50 ? 445 GLU A OE1 1 
ATOM   70  O OE2 . GLU A 1 18 ? -11.756 12.000  1.978   1.00 39.95 ? 445 GLU A OE2 1 
ATOM   71  N N   . LYS A 1 19 ? -12.885 9.105   6.072   1.00 26.45 ? 446 LYS A N   1 
ATOM   72  C CA  . LYS A 1 19 ? -13.755 8.000   5.690   1.00 28.39 ? 446 LYS A CA  1 
ATOM   73  C C   . LYS A 1 19 ? -14.021 8.087   4.206   1.00 28.96 ? 446 LYS A C   1 
ATOM   74  O O   . LYS A 1 19 ? -14.322 9.166   3.705   1.00 27.63 ? 446 LYS A O   1 
ATOM   75  C CB  . LYS A 1 19 ? -15.103 8.115   6.423   1.00 33.08 ? 446 LYS A CB  1 
ATOM   76  C CG  . LYS A 1 19 ? -15.963 6.850   6.353   1.00 35.76 ? 446 LYS A CG  1 
ATOM   77  C CD  . LYS A 1 19 ? -17.199 6.923   7.236   1.00 41.45 ? 446 LYS A CD  1 
ATOM   78  C CE  . LYS A 1 19 ? -18.433 7.331   6.443   1.00 44.25 ? 446 LYS A CE  1 
ATOM   79  N NZ  . LYS A 1 19 ? -19.411 7.966   7.357   1.00 48.39 ? 446 LYS A NZ  1 
ATOM   80  N N   . ARG A 1 20 ? -13.926 6.954   3.514   1.00 28.91 ? 447 ARG A N   1 
ATOM   81  C CA  . ARG A 1 20 ? -14.313 6.874   2.112   1.00 32.68 ? 447 ARG A CA  1 
ATOM   82  C C   . ARG A 1 20 ? -15.076 5.612   1.808   1.00 34.29 ? 447 ARG A C   1 
ATOM   83  O O   . ARG A 1 20 ? -15.199 4.709   2.645   1.00 30.87 ? 447 ARG A O   1 
ATOM   84  C CB  . ARG A 1 20 ? -13.061 6.934   1.222   1.00 33.85 ? 447 ARG A CB  1 
ATOM   85  C CG  . ARG A 1 20 ? -12.372 8.266   1.274   1.00 35.28 ? 447 ARG A CG  1 
ATOM   86  C CD  . ARG A 1 20 ? -11.559 8.526   0.036   1.00 40.39 ? 447 ARG A CD  1 
ATOM   87  N NE  . ARG A 1 20 ? -10.646 9.630   0.259   1.00 44.87 ? 447 ARG A NE  1 
ATOM   88  C CZ  . ARG A 1 20 ? -9.848  10.132  -0.675  1.00 43.41 ? 447 ARG A CZ  1 
ATOM   89  N NH1 . ARG A 1 20 ? -9.845  9.601   -1.889  1.00 39.89 ? 447 ARG A NH1 1 
ATOM   90  N NH2 . ARG A 1 20 ? -9.037  11.165  -0.380  1.00 38.73 ? 447 ARG A NH2 1 
ATOM   91  N N   . THR A 1 21 ? -15.521 5.548   0.562   1.00 36.94 ? 448 THR A N   1 
ATOM   92  C CA  . THR A 1 21 ? -16.217 4.408   0.013   1.00 37.08 ? 448 THR A CA  1 
ATOM   93  C C   . THR A 1 21 ? -15.520 3.965   -1.274  1.00 37.01 ? 448 THR A C   1 
ATOM   94  O O   . THR A 1 21 ? -15.302 4.766   -2.177  1.00 41.23 ? 448 THR A O   1 
ATOM   95  C CB  . THR A 1 21 ? -17.685 4.782   -0.241  1.00 38.78 ? 448 THR A CB  1 
ATOM   96  O OG1 . THR A 1 21 ? -18.243 5.319   0.962   1.00 33.88 ? 448 THR A OG1 1 
ATOM   97  C CG2 . THR A 1 21 ? -18.510 3.553   -0.654  1.00 40.53 ? 448 THR A CG2 1 
ATOM   98  N N   . ASP A 1 22 ? -15.154 2.692   -1.359  1.00 35.70 ? 449 ASP A N   1 
ATOM   99  C CA  . ASP A 1 22 ? -14.547 2.174   -2.592  1.00 35.13 ? 449 ASP A CA  1 
ATOM   100 C C   . ASP A 1 22 ? -15.545 2.064   -3.739  1.00 40.31 ? 449 ASP A C   1 
ATOM   101 O O   . ASP A 1 22 ? -16.730 2.420   -3.617  1.00 39.70 ? 449 ASP A O   1 
ATOM   102 C CB  . ASP A 1 22 ? -13.793 0.860   -2.329  1.00 36.50 ? 449 ASP A CB  1 
ATOM   103 C CG  . ASP A 1 22 ? -14.695 -0.371  -2.145  1.00 37.93 ? 449 ASP A CG  1 
ATOM   104 O OD1 . ASP A 1 22 ? -15.923 -0.335  -2.365  1.00 41.05 ? 449 ASP A OD1 1 
ATOM   105 O OD2 . ASP A 1 22 ? -14.120 -1.435  -1.789  1.00 39.74 ? 449 ASP A OD2 1 
ATOM   106 N N   . SER A 1 23 ? -15.062 1.562   -4.861  1.00 43.47 ? 450 SER A N   1 
ATOM   107 C CA  . SER A 1 23 ? -15.845 1.544   -6.087  1.00 49.67 ? 450 SER A CA  1 
ATOM   108 C C   . SER A 1 23 ? -16.964 0.522   -6.036  1.00 47.27 ? 450 SER A C   1 
ATOM   109 O O   . SER A 1 23 ? -17.853 0.597   -6.830  1.00 50.43 ? 450 SER A O   1 
ATOM   110 C CB  . SER A 1 23 ? -14.938 1.251   -7.279  1.00 50.72 ? 450 SER A CB  1 
ATOM   111 O OG  . SER A 1 23 ? -14.384 -0.041  -7.154  1.00 50.65 ? 450 SER A OG  1 
ATOM   112 N N   . ASN A 1 24 ? -16.907 -0.430  -5.102  1.00 47.06 ? 451 ASN A N   1 
ATOM   113 C CA  . ASN A 1 24 ? -18.018 -1.377  -4.884  1.00 48.66 ? 451 ASN A CA  1 
ATOM   114 C C   . ASN A 1 24 ? -19.012 -0.976  -3.805  1.00 44.56 ? 451 ASN A C   1 
ATOM   115 O O   . ASN A 1 24 ? -19.933 -1.721  -3.552  1.00 42.30 ? 451 ASN A O   1 
ATOM   116 C CB  . ASN A 1 24 ? -17.481 -2.755  -4.514  1.00 49.83 ? 451 ASN A CB  1 
ATOM   117 C CG  . ASN A 1 24 ? -16.878 -3.464  -5.683  1.00 55.16 ? 451 ASN A CG  1 
ATOM   118 O OD1 . ASN A 1 24 ? -17.184 -3.162  -6.844  1.00 59.72 ? 451 ASN A OD1 1 
ATOM   119 N ND2 . ASN A 1 24 ? -16.024 -4.425  -5.393  1.00 55.86 ? 451 ASN A ND2 1 
ATOM   120 N N   . GLY A 1 25 ? -18.807 0.172   -3.154  1.00 41.84 ? 452 GLY A N   1 
ATOM   121 C CA  . GLY A 1 25 ? -19.644 0.582   -2.039  1.00 41.71 ? 452 GLY A CA  1 
ATOM   122 C C   . GLY A 1 25 ? -19.169 0.229   -0.629  1.00 40.26 ? 452 GLY A C   1 
ATOM   123 O O   . GLY A 1 25 ? -19.860 0.552   0.345   1.00 41.74 ? 452 GLY A O   1 
ATOM   124 N N   . ARG A 1 26 ? -17.990 -0.383  -0.492  1.00 39.17 ? 453 ARG A N   1 
ATOM   125 C CA  . ARG A 1 26 ? -17.467 -0.751  0.850   1.00 36.76 ? 453 ARG A CA  1 
ATOM   126 C C   . ARG A 1 26 ? -16.757 0.409   1.505   1.00 34.27 ? 453 ARG A C   1 
ATOM   127 O O   . ARG A 1 26 ? -15.839 1.033   0.929   1.00 34.85 ? 453 ARG A O   1 
ATOM   128 C CB  . ARG A 1 26 ? -16.537 -1.969  0.792   1.00 41.18 ? 453 ARG A CB  1 
ATOM   129 C CG  . ARG A 1 26 ? -17.109 -3.168  0.044   1.00 50.83 ? 453 ARG A CG  1 
ATOM   130 C CD  . ARG A 1 26 ? -16.074 -4.281  -0.114  1.00 61.04 ? 453 ARG A CD  1 
ATOM   131 N NE  . ARG A 1 26 ? -15.370 -4.268  -1.404  1.00 65.31 ? 453 ARG A NE  1 
ATOM   132 C CZ  . ARG A 1 26 ? -14.300 -5.017  -1.685  1.00 76.69 ? 453 ARG A CZ  1 
ATOM   133 N NH1 . ARG A 1 26 ? -13.770 -5.836  -0.774  1.00 80.11 ? 453 ARG A NH1 1 
ATOM   134 N NH2 . ARG A 1 26 ? -13.741 -4.943  -2.887  1.00 81.68 ? 453 ARG A NH2 1 
ATOM   135 N N   . VAL A 1 27 ? -17.179 0.705   2.725   1.00 31.94 ? 454 VAL A N   1 
ATOM   136 C CA  . VAL A 1 27 ? -16.628 1.791   3.485   1.00 29.00 ? 454 VAL A CA  1 
ATOM   137 C C   . VAL A 1 27 ? -15.221 1.416   3.973   1.00 29.85 ? 454 VAL A C   1 
ATOM   138 O O   . VAL A 1 27 ? -14.978 0.278   4.361   1.00 28.25 ? 454 VAL A O   1 
ATOM   139 C CB  . VAL A 1 27 ? -17.547 2.127   4.668   1.00 31.81 ? 454 VAL A CB  1 
ATOM   140 C CG1 . VAL A 1 27 ? -16.938 3.227   5.548   1.00 31.37 ? 454 VAL A CG1 1 
ATOM   141 C CG2 . VAL A 1 27 ? -18.933 2.553   4.148   1.00 34.74 ? 454 VAL A CG2 1 
ATOM   142 N N   . TYR A 1 28 ? -14.289 2.355   3.887   1.00 27.24 ? 455 TYR A N   1 
ATOM   143 C CA  . TYR A 1 28 ? -12.967 2.189   4.506   1.00 28.90 ? 455 TYR A CA  1 
ATOM   144 C C   . TYR A 1 28 ? -12.451 3.516   5.074   1.00 30.33 ? 455 TYR A C   1 
ATOM   145 O O   . TYR A 1 28 ? -13.112 4.578   4.979   1.00 27.64 ? 455 TYR A O   1 
ATOM   146 C CB  . TYR A 1 28 ? -11.978 1.596   3.520   1.00 27.72 ? 455 TYR A CB  1 
ATOM   147 C CG  . TYR A 1 28 ? -11.659 2.497   2.335   1.00 30.18 ? 455 TYR A CG  1 
ATOM   148 C CD1 . TYR A 1 28 ? -12.511 2.579   1.242   1.00 29.53 ? 455 TYR A CD1 1 
ATOM   149 C CD2 . TYR A 1 28 ? -10.493 3.260   2.313   1.00 28.67 ? 455 TYR A CD2 1 
ATOM   150 C CE1 . TYR A 1 28 ? -12.202 3.381   0.152   1.00 30.40 ? 455 TYR A CE1 1 
ATOM   151 C CE2 . TYR A 1 28 ? -10.197 4.078   1.242   1.00 30.55 ? 455 TYR A CE2 1 
ATOM   152 C CZ  . TYR A 1 28 ? -11.031 4.117   0.168   1.00 30.32 ? 455 TYR A CZ  1 
ATOM   153 O OH  . TYR A 1 28 ? -10.707 4.927   -0.875  1.00 29.24 ? 455 TYR A OH  1 
ATOM   154 N N   . PHE A 1 29 ? -11.284 3.444   5.699   1.00 26.84 ? 456 PHE A N   1 
ATOM   155 C CA  . PHE A 1 29 ? -10.726 4.589   6.334   1.00 27.74 ? 456 PHE A CA  1 
ATOM   156 C C   . PHE A 1 29 ? -9.261  4.770   5.913   1.00 29.80 ? 456 PHE A C   1 
ATOM   157 O O   . PHE A 1 29 ? -8.512  3.804   5.775   1.00 29.53 ? 456 PHE A O   1 
ATOM   158 C CB  . PHE A 1 29 ? -10.873 4.449   7.838   1.00 29.38 ? 456 PHE A CB  1 
ATOM   159 C CG  . PHE A 1 29 ? -12.305 4.253   8.289   1.00 27.62 ? 456 PHE A CG  1 
ATOM   160 C CD1 . PHE A 1 29 ? -12.887 2.978   8.270   1.00 30.57 ? 456 PHE A CD1 1 
ATOM   161 C CD2 . PHE A 1 29 ? -13.046 5.309   8.773   1.00 31.36 ? 456 PHE A CD2 1 
ATOM   162 C CE1 . PHE A 1 29 ? -14.177 2.782   8.687   1.00 29.74 ? 456 PHE A CE1 1 
ATOM   163 C CE2 . PHE A 1 29 ? -14.350 5.111   9.192   1.00 33.71 ? 456 PHE A CE2 1 
ATOM   164 C CZ  . PHE A 1 29 ? -14.910 3.847   9.154   1.00 30.67 ? 456 PHE A CZ  1 
ATOM   165 N N   . VAL A 1 30 ? -8.874  6.026   5.686   1.00 31.07 ? 457 VAL A N   1 
ATOM   166 C CA  . VAL A 1 30 ? -7.560  6.327   5.152   1.00 32.42 ? 457 VAL A CA  1 
ATOM   167 C C   . VAL A 1 30 ? -6.854  7.214   6.155   1.00 31.10 ? 457 VAL A C   1 
ATOM   168 O O   . VAL A 1 30 ? -7.436  8.157   6.653   1.00 26.51 ? 457 VAL A O   1 
ATOM   169 C CB  . VAL A 1 30 ? -7.631  7.113   3.831   1.00 35.58 ? 457 VAL A CB  1 
ATOM   170 C CG1 . VAL A 1 30 ? -6.229  7.343   3.280   1.00 40.09 ? 457 VAL A CG1 1 
ATOM   171 C CG2 . VAL A 1 30 ? -8.483  6.413   2.817   1.00 37.13 ? 457 VAL A CG2 1 
ATOM   172 N N   . ASN A 1 31 ? -5.594  6.906   6.433   1.00 32.45 ? 458 ASN A N   1 
ATOM   173 C CA  . ASN A 1 31 ? -4.814  7.769   7.279   1.00 31.67 ? 458 ASN A CA  1 
ATOM   174 C C   . ASN A 1 31 ? -3.760  8.432   6.426   1.00 30.35 ? 458 ASN A C   1 
ATOM   175 O O   . ASN A 1 31 ? -2.798  7.754   5.958   1.00 29.76 ? 458 ASN A O   1 
ATOM   176 C CB  . ASN A 1 31 ? -4.159  7.001   8.401   1.00 31.21 ? 458 ASN A CB  1 
ATOM   177 C CG  . ASN A 1 31 ? -3.317  7.903   9.275   1.00 35.52 ? 458 ASN A CG  1 
ATOM   178 O OD1 . ASN A 1 31 ? -3.077  9.053   8.933   1.00 35.81 ? 458 ASN A OD1 1 
ATOM   179 N ND2 . ASN A 1 31 ? -2.875  7.395   10.392  1.00 39.45 ? 458 ASN A ND2 1 
ATOM   180 N N   . HIS A 1 32 ? -3.926  9.748   6.261   1.00 27.66 ? 459 HIS A N   1 
ATOM   181 C CA  . HIS A 1 32 ? -3.152  10.544  5.318   1.00 29.68 ? 459 HIS A CA  1 
ATOM   182 C C   . HIS A 1 32 ? -1.723  10.809  5.803   1.00 32.87 ? 459 HIS A C   1 
ATOM   183 O O   . HIS A 1 32 ? -0.864  11.204  5.026   1.00 35.58 ? 459 HIS A O   1 
ATOM   184 C CB  . HIS A 1 32 ? -3.889  11.864  4.994   1.00 28.36 ? 459 HIS A CB  1 
ATOM   185 C CG  . HIS A 1 32 ? -5.087  11.684  4.109   1.00 27.93 ? 459 HIS A CG  1 
ATOM   186 N ND1 . HIS A 1 32 ? -4.988  11.570  2.739   1.00 28.71 ? 459 HIS A ND1 1 
ATOM   187 C CD2 . HIS A 1 32 ? -6.412  11.597  4.395   1.00 27.70 ? 459 HIS A CD2 1 
ATOM   188 C CE1 . HIS A 1 32 ? -6.199  11.428  2.215   1.00 27.98 ? 459 HIS A CE1 1 
ATOM   189 N NE2 . HIS A 1 32 ? -7.083  11.465  3.196   1.00 25.71 ? 459 HIS A NE2 1 
ATOM   190 N N   . ASN A 1 33 ? -1.479  10.577  7.089   1.00 32.31 ? 460 ASN A N   1 
ATOM   191 C CA  . ASN A 1 33 ? -0.132  10.674  7.649   1.00 35.60 ? 460 ASN A CA  1 
ATOM   192 C C   . ASN A 1 33 ? 0.716   9.477   7.284   1.00 36.08 ? 460 ASN A C   1 
ATOM   193 O O   . ASN A 1 33 ? 1.846   9.651   6.869   1.00 40.56 ? 460 ASN A O   1 
ATOM   194 C CB  . ASN A 1 33 ? -0.207  10.808  9.179   1.00 34.98 ? 460 ASN A CB  1 
ATOM   195 C CG  . ASN A 1 33 ? -0.841  12.114  9.593   1.00 35.66 ? 460 ASN A CG  1 
ATOM   196 O OD1 . ASN A 1 33 ? -0.459  13.156  9.101   1.00 43.10 ? 460 ASN A OD1 1 
ATOM   197 N ND2 . ASN A 1 33 ? -1.824  12.069  10.453  1.00 34.45 ? 460 ASN A ND2 1 
ATOM   198 N N   . THR A 1 34 ? 0.158   8.265   7.440   1.00 35.70 ? 461 THR A N   1 
ATOM   199 C CA  . THR A 1 34 ? 0.905   7.009   7.257   1.00 36.89 ? 461 THR A CA  1 
ATOM   200 C C   . THR A 1 34 ? 0.647   6.406   5.892   1.00 38.02 ? 461 THR A C   1 
ATOM   201 O O   . THR A 1 34 ? 1.330   5.448   5.483   1.00 39.23 ? 461 THR A O   1 
ATOM   202 C CB  . THR A 1 34 ? 0.517   5.965   8.319   1.00 36.83 ? 461 THR A CB  1 
ATOM   203 O OG1 . THR A 1 34 ? -0.903  5.771   8.307   1.00 34.33 ? 461 THR A OG1 1 
ATOM   204 C CG2 . THR A 1 34 ? 0.946   6.427   9.712   1.00 37.77 ? 461 THR A CG2 1 
ATOM   205 N N   . ARG A 1 35 ? -0.329  6.981   5.187   1.00 38.17 ? 462 ARG A N   1 
ATOM   206 C CA  . ARG A 1 35 ? -0.741  6.536   3.862   1.00 40.89 ? 462 ARG A CA  1 
ATOM   207 C C   . ARG A 1 35 ? -1.254  5.132   3.891   1.00 42.60 ? 462 ARG A C   1 
ATOM   208 O O   . ARG A 1 35 ? -1.089  4.401   2.925   1.00 48.07 ? 462 ARG A O   1 
ATOM   209 C CB  . ARG A 1 35 ? 0.412   6.627   2.850   1.00 48.65 ? 462 ARG A CB  1 
ATOM   210 C CG  . ARG A 1 35 ? 0.879   8.026   2.569   1.00 51.73 ? 462 ARG A CG  1 
ATOM   211 C CD  . ARG A 1 35 ? 2.178   7.982   1.780   1.00 61.21 ? 462 ARG A CD  1 
ATOM   212 N NE  . ARG A 1 35 ? 2.573   9.303   1.302   1.00 63.23 ? 462 ARG A NE  1 
ATOM   213 C CZ  . ARG A 1 35 ? 2.579   9.688   0.023   1.00 72.59 ? 462 ARG A CZ  1 
ATOM   214 N NH1 . ARG A 1 35 ? 2.958   10.926  -0.289  1.00 74.05 ? 462 ARG A NH1 1 
ATOM   215 N NH2 . ARG A 1 35 ? 2.213   8.856   -0.956  1.00 75.47 ? 462 ARG A NH2 1 
ATOM   216 N N   . ILE A 1 36 ? -1.852  4.738   5.002   1.00 40.19 ? 463 ILE A N   1 
ATOM   217 C CA  . ILE A 1 36 ? -2.472  3.419   5.089   1.00 43.43 ? 463 ILE A CA  1 
ATOM   218 C C   . ILE A 1 36 ? -3.985  3.574   4.977   1.00 37.45 ? 463 ILE A C   1 
ATOM   219 O O   . ILE A 1 36 ? -4.540  4.568   5.408   1.00 34.46 ? 463 ILE A O   1 
ATOM   220 C CB  . ILE A 1 36 ? -2.091  2.677   6.387   1.00 46.83 ? 463 ILE A CB  1 
ATOM   221 C CG1 . ILE A 1 36 ? -2.788  3.298   7.617   1.00 50.51 ? 463 ILE A CG1 1 
ATOM   222 C CG2 . ILE A 1 36 ? -0.573  2.653   6.547   1.00 49.46 ? 463 ILE A CG2 1 
ATOM   223 C CD1 . ILE A 1 36 ? -2.147  2.939   8.956   1.00 56.83 ? 463 ILE A CD1 1 
ATOM   224 N N   . THR A 1 37 ? -4.610  2.595   4.331   1.00 37.60 ? 464 THR A N   1 
ATOM   225 C CA  . THR A 1 37 ? -6.052  2.463   4.250   1.00 34.73 ? 464 THR A CA  1 
ATOM   226 C C   . THR A 1 37 ? -6.419  1.168   4.957   1.00 36.68 ? 464 THR A C   1 
ATOM   227 O O   . THR A 1 37 ? -5.654  0.181   4.897   1.00 36.64 ? 464 THR A O   1 
ATOM   228 C CB  . THR A 1 37 ? -6.497  2.352   2.783   1.00 35.83 ? 464 THR A CB  1 
ATOM   229 O OG1 . THR A 1 37 ? -5.790  1.285   2.157   1.00 36.95 ? 464 THR A OG1 1 
ATOM   230 C CG2 . THR A 1 37 ? -6.190  3.627   2.024   1.00 34.46 ? 464 THR A CG2 1 
ATOM   231 N N   . GLN A 1 38 ? -7.570  1.157   5.626   1.00 32.40 ? 465 GLN A N   1 
ATOM   232 C CA  . GLN A 1 38 ? -8.011  -0.029  6.367   1.00 32.48 ? 465 GLN A CA  1 
ATOM   233 C C   . GLN A 1 38 ? -9.533  -0.033  6.486   1.00 30.99 ? 465 GLN A C   1 
ATOM   234 O O   . GLN A 1 38 ? -10.185 1.010   6.448   1.00 28.75 ? 465 GLN A O   1 
ATOM   235 C CB  . GLN A 1 38 ? -7.365  -0.080  7.762   1.00 33.25 ? 465 GLN A CB  1 
ATOM   236 C CG  . GLN A 1 38 ? -7.821  1.076   8.658   1.00 31.32 ? 465 GLN A CG  1 
ATOM   237 C CD  . GLN A 1 38 ? -7.137  1.103   10.007  1.00 33.80 ? 465 GLN A CD  1 
ATOM   238 O OE1 . GLN A 1 38 ? -5.959  0.815   10.110  1.00 36.82 ? 465 GLN A OE1 1 
ATOM   239 N NE2 . GLN A 1 38 ? -7.867  1.495   11.039  1.00 33.08 ? 465 GLN A NE2 1 
ATOM   240 N N   . TRP A 1 39 ? -10.091 -1.219  6.657   1.00 32.04 ? 466 TRP A N   1 
ATOM   241 C CA  . TRP A 1 39 ? -11.522 -1.366  6.735   1.00 34.07 ? 466 TRP A CA  1 
ATOM   242 C C   . TRP A 1 39 ? -12.026 -0.854  8.085   1.00 33.65 ? 466 TRP A C   1 
ATOM   243 O O   . TRP A 1 39 ? -13.158 -0.418  8.192   1.00 37.49 ? 466 TRP A O   1 
ATOM   244 C CB  . TRP A 1 39 ? -11.913 -2.838  6.554   1.00 36.50 ? 466 TRP A CB  1 
ATOM   245 C CG  . TRP A 1 39 ? -11.578 -3.510  5.212   1.00 35.62 ? 466 TRP A CG  1 
ATOM   246 C CD1 . TRP A 1 39 ? -10.902 -4.688  5.036   1.00 38.20 ? 466 TRP A CD1 1 
ATOM   247 C CD2 . TRP A 1 39 ? -12.013 -3.109  3.901   1.00 34.94 ? 466 TRP A CD2 1 
ATOM   248 N NE1 . TRP A 1 39 ? -10.855 -5.022  3.699   1.00 36.86 ? 466 TRP A NE1 1 
ATOM   249 C CE2 . TRP A 1 39 ? -11.524 -4.071  2.981   1.00 34.84 ? 466 TRP A CE2 1 
ATOM   250 C CE3 . TRP A 1 39 ? -12.752 -2.029  3.417   1.00 32.84 ? 466 TRP A CE3 1 
ATOM   251 C CZ2 . TRP A 1 39 ? -11.744 -3.975  1.612   1.00 36.46 ? 466 TRP A CZ2 1 
ATOM   252 C CZ3 . TRP A 1 39 ? -12.971 -1.934  2.033   1.00 36.19 ? 466 TRP A CZ3 1 
ATOM   253 C CH2 . TRP A 1 39 ? -12.464 -2.903  1.154   1.00 36.20 ? 466 TRP A CH2 1 
ATOM   254 N N   . GLU A 1 40 ? -11.168 -0.906  9.103   1.00 35.00 ? 467 GLU A N   1 
ATOM   255 C CA  . GLU A 1 40 ? -11.579 -0.725  10.472  1.00 35.49 ? 467 GLU A CA  1 
ATOM   256 C C   . GLU A 1 40 ? -11.634 0.727   10.830  1.00 35.35 ? 467 GLU A C   1 
ATOM   257 O O   . GLU A 1 40 ? -10.746 1.499   10.513  1.00 35.70 ? 467 GLU A O   1 
ATOM   258 C CB  . GLU A 1 40 ? -10.630 -1.442  11.420  1.00 38.82 ? 467 GLU A CB  1 
ATOM   259 C CG  . GLU A 1 40 ? -10.650 -2.959  11.264  1.00 43.70 ? 467 GLU A CG  1 
ATOM   260 C CD  . GLU A 1 40 ? -9.795  -3.469  10.094  1.00 46.78 ? 467 GLU A CD  1 
ATOM   261 O OE1 . GLU A 1 40 ? -8.947  -2.699  9.559   1.00 42.18 ? 467 GLU A OE1 1 
ATOM   262 O OE2 . GLU A 1 40 ? -9.969  -4.649  9.723   1.00 46.19 ? 467 GLU A OE2 1 
ATOM   263 N N   . ASP A 1 41 ? -12.692 1.098   11.520  1.00 38.77 ? 468 ASP A N   1 
ATOM   264 C CA  . ASP A 1 41 ? -12.845 2.460   11.983  1.00 35.13 ? 468 ASP A CA  1 
ATOM   265 C C   . ASP A 1 41 ? -11.777 2.653   13.057  1.00 36.37 ? 468 ASP A C   1 
ATOM   266 O O   . ASP A 1 41 ? -11.718 1.873   14.001  1.00 39.80 ? 468 ASP A O   1 
ATOM   267 C CB  . ASP A 1 41 ? -14.247 2.657   12.531  1.00 34.49 ? 468 ASP A CB  1 
ATOM   268 C CG  . ASP A 1 41 ? -14.556 4.077   12.823  1.00 34.76 ? 468 ASP A CG  1 
ATOM   269 O OD1 . ASP A 1 41 ? -13.633 4.825   13.192  1.00 31.09 ? 468 ASP A OD1 1 
ATOM   270 O OD2 . ASP A 1 41 ? -15.739 4.454   12.681  1.00 37.74 ? 468 ASP A OD2 1 
ATOM   271 N N   . PRO A 1 42 ? -10.884 3.660   12.885  1.00 38.74 ? 469 PRO A N   1 
ATOM   272 C CA  . PRO A 1 42 ? -9.860  3.933   13.900  1.00 37.68 ? 469 PRO A CA  1 
ATOM   273 C C   . PRO A 1 42 ? -10.479 4.275   15.249  1.00 44.32 ? 469 PRO A C   1 
ATOM   274 O O   . PRO A 1 42 ? -9.860  4.012   16.283  1.00 48.00 ? 469 PRO A O   1 
ATOM   275 C CB  . PRO A 1 42 ? -9.108  5.135   13.329  1.00 36.46 ? 469 PRO A CB  1 
ATOM   276 C CG  . PRO A 1 42 ? -10.087 5.808   12.413  1.00 33.77 ? 469 PRO A CG  1 
ATOM   277 C CD  . PRO A 1 42 ? -10.819 4.641   11.784  1.00 32.70 ? 469 PRO A CD  1 
ATOM   278 N N   . ARG A 1 43 ? -11.691 4.841   15.252  1.00 41.17 ? 470 ARG A N   1 
ATOM   279 C CA  . ARG A 1 43 ? -12.355 5.183   16.511  1.00 47.10 ? 470 ARG A CA  1 
ATOM   280 C C   . ARG A 1 43 ? -12.760 3.953   17.315  1.00 51.71 ? 470 ARG A C   1 
ATOM   281 O O   . ARG A 1 43 ? -12.942 4.039   18.524  1.00 53.49 ? 470 ARG A O   1 
ATOM   282 C CB  . ARG A 1 43 ? -13.569 6.052   16.261  1.00 45.92 ? 470 ARG A CB  1 
ATOM   283 C CG  . ARG A 1 43 ? -13.220 7.409   15.679  1.00 42.87 ? 470 ARG A CG  1 
ATOM   284 C CD  . ARG A 1 43 ? -14.455 8.076   15.117  1.00 44.13 ? 470 ARG A CD  1 
ATOM   285 N NE  . ARG A 1 43 ? -14.985 7.344   13.969  1.00 43.54 ? 470 ARG A NE  1 
ATOM   286 C CZ  . ARG A 1 43 ? -16.012 7.749   13.231  1.00 45.76 ? 470 ARG A CZ  1 
ATOM   287 N NH1 . ARG A 1 43 ? -16.649 8.891   13.510  1.00 48.91 ? 470 ARG A NH1 1 
ATOM   288 N NH2 . ARG A 1 43 ? -16.409 7.011   12.213  1.00 45.55 ? 470 ARG A NH2 1 
ATOM   289 N N   . SER A 1 44 ? -12.892 2.810   16.643  1.00 55.01 ? 471 SER A N   1 
ATOM   290 C CA  . SER A 1 44 ? -13.068 1.535   17.323  1.00 60.73 ? 471 SER A CA  1 
ATOM   291 C C   . SER A 1 44 ? -11.748 1.009   17.921  1.00 66.33 ? 471 SER A C   1 
ATOM   292 O O   . SER A 1 44 ? -11.753 -0.004  18.606  1.00 72.38 ? 471 SER A O   1 
ATOM   293 C CB  . SER A 1 44 ? -13.662 0.490   16.371  1.00 60.09 ? 471 SER A CB  1 
ATOM   294 O OG  . SER A 1 44 ? -14.954 0.863   15.927  1.00 60.21 ? 471 SER A OG  1 
ATOM   295 N N   . GLN A 1 45 ? -10.635 1.707   17.688  1.00 67.71 ? 472 GLN A N   1 
ATOM   296 C CA  . GLN A 1 45 ? -9.311  1.261   18.128  1.00 68.73 ? 472 GLN A CA  1 
ATOM   297 C C   . GLN A 1 45 ? -8.621  2.341   18.954  1.00 70.60 ? 472 GLN A C   1 
ATOM   298 O O   . GLN A 1 45 ? -7.574  2.098   19.559  1.00 67.67 ? 472 GLN A O   1 
ATOM   299 C CB  . GLN A 1 45 ? -8.452  0.922   16.910  1.00 68.78 ? 472 GLN A CB  1 
ATOM   300 C CG  . GLN A 1 45 ? -9.131  -0.012  15.908  1.00 67.66 ? 472 GLN A CG  1 
ATOM   301 C CD  . GLN A 1 45 ? -8.385  -0.123  14.578  1.00 67.68 ? 472 GLN A CD  1 
ATOM   302 O OE1 . GLN A 1 45 ? -7.639  0.773   14.189  1.00 64.03 ? 472 GLN A OE1 1 
ATOM   303 N NE2 . GLN A 1 45 ? -8.601  -1.227  13.871  1.00 67.53 ? 472 GLN A NE2 1 
ATOM   304 N N   A LEU B 1 10 ? 25.561  -8.602  -12.058 0.50 52.46 ? 437 LEU B N   1 
ATOM   305 N N   B LEU B 1 10 ? 24.000  -6.705  -11.402 0.50 50.43 ? 437 LEU B N   1 
ATOM   306 C CA  A LEU B 1 10 ? 24.336  -8.065  -11.380 0.50 49.67 ? 437 LEU B CA  1 
ATOM   307 C CA  B LEU B 1 10 ? 24.450  -8.120  -11.373 0.50 51.43 ? 437 LEU B CA  1 
ATOM   308 C C   . LEU B 1 10 ? 24.023  -8.810  -10.073 1.00 50.37 ? 437 LEU B C   1 
ATOM   309 O O   . LEU B 1 10 ? 23.868  -8.177  -9.013  1.00 50.11 ? 437 LEU B O   1 
ATOM   310 C CB  A LEU B 1 10 ? 23.118  -8.132  -12.312 0.50 47.11 ? 437 LEU B CB  1 
ATOM   311 C CB  B LEU B 1 10 ? 25.979  -8.217  -11.533 0.50 54.26 ? 437 LEU B CB  1 
ATOM   312 N N   . GLY B 1 11 ? 23.880  -10.123 -10.160 1.00 48.09 ? 438 GLY B N   1 
ATOM   313 C CA  . GLY B 1 11 ? 23.627  -10.947 -9.007  1.00 46.45 ? 438 GLY B CA  1 
ATOM   314 C C   . GLY B 1 11 ? 22.160  -11.097 -8.657  1.00 45.20 ? 438 GLY B C   1 
ATOM   315 O O   . GLY B 1 11 ? 21.292  -10.398 -9.211  1.00 39.61 ? 438 GLY B O   1 
ATOM   316 N N   . PRO B 1 12 ? 21.872  -12.014 -7.715  1.00 45.55 ? 439 PRO B N   1 
ATOM   317 C CA  . PRO B 1 12 ? 20.513  -12.179 -7.256  1.00 45.34 ? 439 PRO B CA  1 
ATOM   318 C C   . PRO B 1 12 ? 20.092  -11.033 -6.326  1.00 39.56 ? 439 PRO B C   1 
ATOM   319 O O   . PRO B 1 12 ? 20.939  -10.331 -5.744  1.00 37.35 ? 439 PRO B O   1 
ATOM   320 C CB  . PRO B 1 12 ? 20.552  -13.535 -6.525  1.00 47.44 ? 439 PRO B CB  1 
ATOM   321 C CG  . PRO B 1 12 ? 21.955  -13.697 -6.073  1.00 49.66 ? 439 PRO B CG  1 
ATOM   322 C CD  . PRO B 1 12 ? 22.808  -12.965 -7.074  1.00 50.51 ? 439 PRO B CD  1 
ATOM   323 N N   . LEU B 1 13 ? 18.784  -10.842 -6.208  1.00 37.49 ? 440 LEU B N   1 
ATOM   324 C CA  . LEU B 1 13 ? 18.251  -9.880  -5.262  1.00 33.06 ? 440 LEU B CA  1 
ATOM   325 C C   . LEU B 1 13 ? 18.665  -10.290 -3.856  1.00 31.38 ? 440 LEU B C   1 
ATOM   326 O O   . LEU B 1 13 ? 18.953  -11.452 -3.611  1.00 30.03 ? 440 LEU B O   1 
ATOM   327 C CB  . LEU B 1 13 ? 16.735  -9.815  -5.356  1.00 37.23 ? 440 LEU B CB  1 
ATOM   328 C CG  . LEU B 1 13 ? 16.184  -9.283  -6.680  1.00 36.69 ? 440 LEU B CG  1 
ATOM   329 C CD1 . LEU B 1 13 ? 14.720  -9.678  -6.813  1.00 36.31 ? 440 LEU B CD1 1 
ATOM   330 C CD2 . LEU B 1 13 ? 16.368  -7.777  -6.776  1.00 36.52 ? 440 LEU B CD2 1 
ATOM   331 N N   . PRO B 1 14 ? 18.698  -9.339  -2.923  1.00 31.60 ? 441 PRO B N   1 
ATOM   332 C CA  . PRO B 1 14 ? 19.013  -9.719  -1.554  1.00 30.99 ? 441 PRO B CA  1 
ATOM   333 C C   . PRO B 1 14 ? 17.923  -10.594 -0.883  1.00 32.38 ? 441 PRO B C   1 
ATOM   334 O O   . PRO B 1 14 ? 16.740  -10.566 -1.314  1.00 27.81 ? 441 PRO B O   1 
ATOM   335 C CB  . PRO B 1 14 ? 19.154  -8.368  -0.856  1.00 33.46 ? 441 PRO B CB  1 
ATOM   336 C CG  . PRO B 1 14 ? 19.614  -7.434  -1.954  1.00 35.65 ? 441 PRO B CG  1 
ATOM   337 C CD  . PRO B 1 14 ? 18.801  -7.882  -3.131  1.00 33.78 ? 441 PRO B CD  1 
ATOM   338 N N   . PRO B 1 15 ? 18.305  -11.382 0.136   1.00 33.70 ? 442 PRO B N   1 
ATOM   339 C CA  . PRO B 1 15 ? 17.308  -12.155 0.897   1.00 36.08 ? 442 PRO B CA  1 
ATOM   340 C C   . PRO B 1 15 ? 16.053  -11.320 1.212   1.00 32.23 ? 442 PRO B C   1 
ATOM   341 O O   . PRO B 1 15 ? 16.170  -10.177 1.636   1.00 33.90 ? 442 PRO B O   1 
ATOM   342 C CB  . PRO B 1 15 ? 18.060  -12.531 2.185   1.00 39.38 ? 442 PRO B CB  1 
ATOM   343 C CG  . PRO B 1 15 ? 19.514  -12.560 1.802   1.00 40.44 ? 442 PRO B CG  1 
ATOM   344 C CD  . PRO B 1 15 ? 19.672  -11.571 0.661   1.00 39.31 ? 442 PRO B CD  1 
ATOM   345 N N   . GLY B 1 16 ? 14.875  -11.873 0.917   1.00 32.27 ? 443 GLY B N   1 
ATOM   346 C CA  . GLY B 1 16 ? 13.585  -11.258 1.250   1.00 30.87 ? 443 GLY B CA  1 
ATOM   347 C C   . GLY B 1 16 ? 12.898  -10.487 0.139   1.00 31.56 ? 443 GLY B C   1 
ATOM   348 O O   . GLY B 1 16 ? 11.712  -10.161 0.263   1.00 33.11 ? 443 GLY B O   1 
ATOM   349 N N   . TRP B 1 17 ? 13.624  -10.199 -0.958  1.00 29.54 ? 444 TRP B N   1 
ATOM   350 C CA  . TRP B 1 17 ? 13.131  -9.296  -1.999  1.00 27.95 ? 444 TRP B CA  1 
ATOM   351 C C   . TRP B 1 17 ? 12.604  -10.008 -3.215  1.00 25.99 ? 444 TRP B C   1 
ATOM   352 O O   . TRP B 1 17 ? 13.062  -11.086 -3.558  1.00 25.60 ? 444 TRP B O   1 
ATOM   353 C CB  . TRP B 1 17 ? 14.257  -8.389  -2.482  1.00 29.77 ? 444 TRP B CB  1 
ATOM   354 C CG  . TRP B 1 17 ? 14.581  -7.271  -1.563  1.00 28.92 ? 444 TRP B CG  1 
ATOM   355 C CD1 . TRP B 1 17 ? 15.517  -7.265  -0.585  1.00 31.43 ? 444 TRP B CD1 1 
ATOM   356 C CD2 . TRP B 1 17 ? 13.981  -5.993  -1.562  1.00 29.01 ? 444 TRP B CD2 1 
ATOM   357 N NE1 . TRP B 1 17 ? 15.556  -6.036  0.036   1.00 32.35 ? 444 TRP B NE1 1 
ATOM   358 C CE2 . TRP B 1 17 ? 14.606  -5.237  -0.529  1.00 32.39 ? 444 TRP B CE2 1 
ATOM   359 C CE3 . TRP B 1 17 ? 12.971  -5.393  -2.328  1.00 31.02 ? 444 TRP B CE3 1 
ATOM   360 C CZ2 . TRP B 1 17 ? 14.257  -3.926  -0.252  1.00 32.81 ? 444 TRP B CZ2 1 
ATOM   361 C CZ3 . TRP B 1 17 ? 12.618  -4.085  -2.049  1.00 31.23 ? 444 TRP B CZ3 1 
ATOM   362 C CH2 . TRP B 1 17 ? 13.261  -3.363  -1.005  1.00 34.57 ? 444 TRP B CH2 1 
ATOM   363 N N   . GLU B 1 18 ? 11.653  -9.386  -3.903  1.00 26.77 ? 445 GLU B N   1 
ATOM   364 C CA  . GLU B 1 18 ? 11.147  -9.979  -5.146  1.00 30.70 ? 445 GLU B CA  1 
ATOM   365 C C   . GLU B 1 18 ? 10.968  -8.877  -6.163  1.00 26.86 ? 445 GLU B C   1 
ATOM   366 O O   . GLU B 1 18 ? 10.644  -7.793  -5.776  1.00 26.53 ? 445 GLU B O   1 
ATOM   367 C CB  . GLU B 1 18 ? 9.833   -10.734 -4.870  1.00 31.17 ? 445 GLU B CB  1 
ATOM   368 C CG  . GLU B 1 18 ? 9.243   -11.533 -6.037  1.00 29.70 ? 445 GLU B CG  1 
ATOM   369 C CD  . GLU B 1 18 ? 7.775   -11.948 -5.777  1.00 28.47 ? 445 GLU B CD  1 
ATOM   370 O OE1 . GLU B 1 18 ? 7.278   -11.763 -4.644  1.00 23.94 ? 445 GLU B OE1 1 
ATOM   371 O OE2 . GLU B 1 18 ? 7.100   -12.431 -6.720  1.00 29.47 ? 445 GLU B OE2 1 
ATOM   372 N N   . LYS B 1 19 ? 11.234  -9.178  -7.446  1.00 27.78 ? 446 LYS B N   1 
ATOM   373 C CA  . LYS B 1 19 ? 11.071  -8.249  -8.531  1.00 29.84 ? 446 LYS B CA  1 
ATOM   374 C C   . LYS B 1 19 ? 9.752   -8.557  -9.144  1.00 31.42 ? 446 LYS B C   1 
ATOM   375 O O   . LYS B 1 19 ? 9.460   -9.735  -9.413  1.00 32.36 ? 446 LYS B O   1 
ATOM   376 C CB  . LYS B 1 19 ? 12.180  -8.435  -9.617  1.00 35.11 ? 446 LYS B CB  1 
ATOM   377 C CG  . LYS B 1 19 ? 12.054  -7.477  -10.804 1.00 36.16 ? 446 LYS B CG  1 
ATOM   378 C CD  . LYS B 1 19 ? 13.110  -7.677  -11.889 1.00 38.30 ? 446 LYS B CD  1 
ATOM   379 C CE  . LYS B 1 19 ? 12.524  -8.391  -13.095 1.00 47.79 ? 446 LYS B CE  1 
ATOM   380 N NZ  . LYS B 1 19 ? 13.581  -8.873  -14.036 1.00 49.75 ? 446 LYS B NZ  1 
ATOM   381 N N   . ARG B 1 20 ? 8.972   -7.517  -9.420  1.00 28.36 ? 447 ARG B N   1 
ATOM   382 C CA  . ARG B 1 20 ? 7.719   -7.660  -10.157 1.00 31.94 ? 447 ARG B CA  1 
ATOM   383 C C   . ARG B 1 20 ? 7.588   -6.584  -11.241 1.00 31.12 ? 447 ARG B C   1 
ATOM   384 O O   . ARG B 1 20 ? 8.309   -5.606  -11.249 1.00 27.01 ? 447 ARG B O   1 
ATOM   385 C CB  . ARG B 1 20 ? 6.526   -7.481  -9.209  1.00 36.20 ? 447 ARG B CB  1 
ATOM   386 C CG  . ARG B 1 20 ? 6.379   -8.501  -8.111  1.00 39.78 ? 447 ARG B CG  1 
ATOM   387 C CD  . ARG B 1 20 ? 5.585   -9.686  -8.555  1.00 44.37 ? 447 ARG B CD  1 
ATOM   388 N NE  . ARG B 1 20 ? 4.685   -10.129 -7.496  1.00 48.53 ? 447 ARG B NE  1 
ATOM   389 C CZ  . ARG B 1 20 ? 3.351   -10.102 -7.550  1.00 49.41 ? 447 ARG B CZ  1 
ATOM   390 N NH1 . ARG B 1 20 ? 2.687   -9.642  -8.616  1.00 46.65 ? 447 ARG B NH1 1 
ATOM   391 N NH2 . ARG B 1 20 ? 2.663   -10.550 -6.514  1.00 51.18 ? 447 ARG B NH2 1 
ATOM   392 N N   . THR B 1 21 ? 6.623   -6.785  -12.124 1.00 31.54 ? 448 THR B N   1 
ATOM   393 C CA  . THR B 1 21 ? 6.161   -5.781  -13.089 1.00 32.92 ? 448 THR B CA  1 
ATOM   394 C C   . THR B 1 21 ? 4.689   -5.473  -12.819 1.00 34.41 ? 448 THR B C   1 
ATOM   395 O O   . THR B 1 21 ? 3.914   -6.385  -12.503 1.00 33.66 ? 448 THR B O   1 
ATOM   396 C CB  . THR B 1 21 ? 6.302   -6.326  -14.534 1.00 36.17 ? 448 THR B CB  1 
ATOM   397 O OG1 . THR B 1 21 ? 7.661   -6.629  -14.787 1.00 33.19 ? 448 THR B OG1 1 
ATOM   398 C CG2 . THR B 1 21 ? 5.881   -5.307  -15.545 1.00 44.17 ? 448 THR B CG2 1 
ATOM   399 N N   . ASP B 1 22 ? 4.297   -4.199  -12.909 1.00 33.99 ? 449 ASP B N   1 
ATOM   400 C CA  . ASP B 1 22 ? 2.869   -3.843  -12.827 1.00 37.50 ? 449 ASP B CA  1 
ATOM   401 C C   . ASP B 1 22 ? 2.125   -4.015  -14.161 1.00 40.20 ? 449 ASP B C   1 
ATOM   402 O O   . ASP B 1 22 ? 2.711   -4.364  -15.186 1.00 43.87 ? 449 ASP B O   1 
ATOM   403 C CB  . ASP B 1 22 ? 2.643   -2.448  -12.181 1.00 36.37 ? 449 ASP B CB  1 
ATOM   404 C CG  . ASP B 1 22 ? 3.134   -1.247  -13.033 1.00 37.23 ? 449 ASP B CG  1 
ATOM   405 O OD1 . ASP B 1 22 ? 3.268   -1.323  -14.281 1.00 40.56 ? 449 ASP B OD1 1 
ATOM   406 O OD2 . ASP B 1 22 ? 3.317   -0.180  -12.402 1.00 33.00 ? 449 ASP B OD2 1 
ATOM   407 N N   . SER B 1 23 ? 0.821   -3.813  -14.136 1.00 45.84 ? 450 SER B N   1 
ATOM   408 C CA  . SER B 1 23 ? -0.004  -4.018  -15.332 1.00 49.00 ? 450 SER B CA  1 
ATOM   409 C C   . SER B 1 23 ? 0.445   -3.091  -16.476 1.00 52.53 ? 450 SER B C   1 
ATOM   410 O O   . SER B 1 23 ? 0.413   -3.486  -17.637 1.00 51.15 ? 450 SER B O   1 
ATOM   411 C CB  . SER B 1 23 ? -1.500  -3.832  -15.006 1.00 50.79 ? 450 SER B CB  1 
ATOM   412 O OG  . SER B 1 23 ? -1.698  -2.897  -13.961 1.00 47.37 ? 450 SER B OG  1 
ATOM   413 N N   . ASN B 1 24 ? 0.899   -1.886  -16.114 1.00 53.13 ? 451 ASN B N   1 
ATOM   414 C CA  . ASN B 1 24 ? 1.494   -0.925  -17.060 1.00 55.64 ? 451 ASN B CA  1 
ATOM   415 C C   . ASN B 1 24 ? 2.865   -1.298  -17.613 1.00 51.60 ? 451 ASN B C   1 
ATOM   416 O O   . ASN B 1 24 ? 3.318   -0.655  -18.547 1.00 48.93 ? 451 ASN B O   1 
ATOM   417 C CB  . ASN B 1 24 ? 1.621   0.477   -16.415 1.00 55.78 ? 451 ASN B CB  1 
ATOM   418 C CG  . ASN B 1 24 ? 0.291   1.178   -16.273 1.00 60.02 ? 451 ASN B CG  1 
ATOM   419 O OD1 . ASN B 1 24 ? -0.629  0.939   -17.037 1.00 65.41 ? 451 ASN B OD1 1 
ATOM   420 N ND2 . ASN B 1 24 ? 0.190   2.056   -15.292 1.00 60.12 ? 451 ASN B ND2 1 
ATOM   421 N N   . GLY B 1 25 ? 3.539   -2.285  -17.016 1.00 48.01 ? 452 GLY B N   1 
ATOM   422 C CA  . GLY B 1 25 ? 4.848   -2.726  -17.493 1.00 45.16 ? 452 GLY B CA  1 
ATOM   423 C C   . GLY B 1 25 ? 6.014   -2.200  -16.666 1.00 40.77 ? 452 GLY B C   1 
ATOM   424 O O   . GLY B 1 25 ? 7.159   -2.506  -16.970 1.00 40.67 ? 452 GLY B O   1 
ATOM   425 N N   . ARG B 1 26 ? 5.739   -1.422  -15.613 1.00 40.74 ? 453 ARG B N   1 
ATOM   426 C CA  . ARG B 1 26 ? 6.801   -0.808  -14.846 1.00 35.70 ? 453 ARG B CA  1 
ATOM   427 C C   . ARG B 1 26 ? 7.350   -1.784  -13.785 1.00 35.98 ? 453 ARG B C   1 
ATOM   428 O O   . ARG B 1 26 ? 6.589   -2.369  -12.998 1.00 31.83 ? 453 ARG B O   1 
ATOM   429 C CB  . ARG B 1 26 ? 6.368   0.548   -14.210 1.00 39.90 ? 453 ARG B CB  1 
ATOM   430 C CG  . ARG B 1 26 ? 7.586   1.317   -13.622 1.00 41.25 ? 453 ARG B CG  1 
ATOM   431 C CD  . ARG B 1 26 ? 7.412   2.780   -13.167 1.00 42.00 ? 453 ARG B CD  1 
ATOM   432 N NE  . ARG B 1 26 ? 8.702   3.221   -12.619 1.00 42.35 ? 453 ARG B NE  1 
ATOM   433 C CZ  . ARG B 1 26 ? 8.979   4.408   -12.092 1.00 39.28 ? 453 ARG B CZ  1 
ATOM   434 N NH1 . ARG B 1 26 ? 8.059   5.326   -12.011 1.00 44.50 ? 453 ARG B NH1 1 
ATOM   435 N NH2 . ARG B 1 26 ? 10.201  4.659   -11.632 1.00 38.35 ? 453 ARG B NH2 1 
ATOM   436 N N   . VAL B 1 27 ? 8.673   -1.942  -13.761 1.00 31.10 ? 454 VAL B N   1 
ATOM   437 C CA  . VAL B 1 27 ? 9.335   -2.864  -12.850 1.00 27.32 ? 454 VAL B CA  1 
ATOM   438 C C   . VAL B 1 27 ? 9.379   -2.309  -11.449 1.00 27.65 ? 454 VAL B C   1 
ATOM   439 O O   . VAL B 1 27 ? 9.805   -1.175  -11.246 1.00 26.66 ? 454 VAL B O   1 
ATOM   440 C CB  . VAL B 1 27 ? 10.807  -3.163  -13.301 1.00 27.56 ? 454 VAL B CB  1 
ATOM   441 C CG1 . VAL B 1 27 ? 11.479  -4.162  -12.360 1.00 27.34 ? 454 VAL B CG1 1 
ATOM   442 C CG2 . VAL B 1 27 ? 10.823  -3.731  -14.698 1.00 29.10 ? 454 VAL B CG2 1 
ATOM   443 N N   . TYR B 1 28 ? 9.009   -3.118  -10.454 1.00 27.67 ? 455 TYR B N   1 
ATOM   444 C CA  . TYR B 1 28 ? 9.189   -2.699  -9.075  1.00 25.74 ? 455 TYR B CA  1 
ATOM   445 C C   . TYR B 1 28 ? 9.679   -3.845  -8.245  1.00 28.46 ? 455 TYR B C   1 
ATOM   446 O O   . TYR B 1 28 ? 9.854   -4.976  -8.750  1.00 26.62 ? 455 TYR B O   1 
ATOM   447 C CB  . TYR B 1 28 ? 7.895   -2.114  -8.517  1.00 27.82 ? 455 TYR B CB  1 
ATOM   448 C CG  . TYR B 1 28 ? 6.765   -3.107  -8.375  1.00 25.01 ? 455 TYR B CG  1 
ATOM   449 C CD1 . TYR B 1 28 ? 6.014   -3.491  -9.474  1.00 24.83 ? 455 TYR B CD1 1 
ATOM   450 C CD2 . TYR B 1 28 ? 6.472   -3.681  -7.134  1.00 26.82 ? 455 TYR B CD2 1 
ATOM   451 C CE1 . TYR B 1 28 ? 4.958   -4.387  -9.341  1.00 26.89 ? 455 TYR B CE1 1 
ATOM   452 C CE2 . TYR B 1 28 ? 5.419   -4.586  -6.984  1.00 26.45 ? 455 TYR B CE2 1 
ATOM   453 C CZ  . TYR B 1 28 ? 4.666   -4.929  -8.090  1.00 26.29 ? 455 TYR B CZ  1 
ATOM   454 O OH  . TYR B 1 28 ? 3.638   -5.811  -7.956  1.00 27.43 ? 455 TYR B OH  1 
ATOM   455 N N   . PHE B 1 29 ? 9.964   -3.541  -6.975  1.00 26.37 ? 456 PHE B N   1 
ATOM   456 C CA  . PHE B 1 29 ? 10.600  -4.485  -6.104  1.00 26.80 ? 456 PHE B CA  1 
ATOM   457 C C   . PHE B 1 29 ? 9.801   -4.614  -4.807  1.00 28.49 ? 456 PHE B C   1 
ATOM   458 O O   . PHE B 1 29 ? 9.302   -3.614  -4.295  1.00 28.08 ? 456 PHE B O   1 
ATOM   459 C CB  . PHE B 1 29 ? 12.046  -4.056  -5.894  1.00 29.12 ? 456 PHE B CB  1 
ATOM   460 C CG  . PHE B 1 29 ? 12.829  -4.047  -7.159  1.00 29.32 ? 456 PHE B CG  1 
ATOM   461 C CD1 . PHE B 1 29 ? 12.854  -2.902  -7.967  1.00 30.21 ? 456 PHE B CD1 1 
ATOM   462 C CD2 . PHE B 1 29 ? 13.513  -5.186  -7.574  1.00 29.05 ? 456 PHE B CD2 1 
ATOM   463 C CE1 . PHE B 1 29 ? 13.536  -2.898  -9.153  1.00 31.23 ? 456 PHE B CE1 1 
ATOM   464 C CE2 . PHE B 1 29 ? 14.221  -5.177  -8.780  1.00 30.96 ? 456 PHE B CE2 1 
ATOM   465 C CZ  . PHE B 1 29 ? 14.215  -4.036  -9.569  1.00 30.74 ? 456 PHE B CZ  1 
ATOM   466 N N   . VAL B 1 30 ? 9.611   -5.867  -4.340  1.00 27.28 ? 457 VAL B N   1 
ATOM   467 C CA  . VAL B 1 30 ? 8.823   -6.137  -3.133  1.00 28.96 ? 457 VAL B CA  1 
ATOM   468 C C   . VAL B 1 30 ? 9.749   -6.648  -2.028  1.00 28.66 ? 457 VAL B C   1 
ATOM   469 O O   . VAL B 1 30 ? 10.528  -7.599  -2.234  1.00 30.25 ? 457 VAL B O   1 
ATOM   470 C CB  . VAL B 1 30 ? 7.723   -7.194  -3.395  1.00 29.75 ? 457 VAL B CB  1 
ATOM   471 C CG1 . VAL B 1 30 ? 6.817   -7.323  -2.181  1.00 31.22 ? 457 VAL B CG1 1 
ATOM   472 C CG2 . VAL B 1 30 ? 6.894   -6.851  -4.641  1.00 27.68 ? 457 VAL B CG2 1 
ATOM   473 N N   . ASN B 1 31 ? 9.667   -6.042  -0.853  1.00 30.15 ? 458 ASN B N   1 
ATOM   474 C CA  . ASN B 1 31 ? 10.404  -6.558  0.310   1.00 29.45 ? 458 ASN B CA  1 
ATOM   475 C C   . ASN B 1 31 ? 9.430   -7.290  1.208   1.00 29.81 ? 458 ASN B C   1 
ATOM   476 O O   . ASN B 1 31 ? 8.602   -6.672  1.904   1.00 25.38 ? 458 ASN B O   1 
ATOM   477 C CB  . ASN B 1 31 ? 11.117  -5.425  1.094   1.00 31.05 ? 458 ASN B CB  1 
ATOM   478 C CG  . ASN B 1 31 ? 11.994  -5.968  2.226   1.00 35.74 ? 458 ASN B CG  1 
ATOM   479 O OD1 . ASN B 1 31 ? 11.754  -7.070  2.749   1.00 30.28 ? 458 ASN B OD1 1 
ATOM   480 N ND2 . ASN B 1 31 ? 13.022  -5.202  2.598   1.00 35.17 ? 458 ASN B ND2 1 
ATOM   481 N N   . HIS B 1 32 ? 9.552   -8.613  1.228   1.00 32.14 ? 459 HIS B N   1 
ATOM   482 C CA  . HIS B 1 32 ? 8.580   -9.441  1.932   1.00 33.40 ? 459 HIS B CA  1 
ATOM   483 C C   . HIS B 1 32 ? 8.821   -9.491  3.440   1.00 35.10 ? 459 HIS B C   1 
ATOM   484 O O   . HIS B 1 32 ? 7.947   -9.891  4.161   1.00 37.72 ? 459 HIS B O   1 
ATOM   485 C CB  . HIS B 1 32 ? 8.506   -10.844 1.334   1.00 31.40 ? 459 HIS B CB  1 
ATOM   486 C CG  . HIS B 1 32 ? 7.822   -10.884 0.004   1.00 28.98 ? 459 HIS B CG  1 
ATOM   487 N ND1 . HIS B 1 32 ? 6.455   -10.831 -0.128  1.00 28.75 ? 459 HIS B ND1 1 
ATOM   488 C CD2 . HIS B 1 32 ? 8.316   -10.946 -1.258  1.00 29.75 ? 459 HIS B CD2 1 
ATOM   489 C CE1 . HIS B 1 32 ? 6.129   -10.884 -1.411  1.00 28.79 ? 459 HIS B CE1 1 
ATOM   490 N NE2 . HIS B 1 32 ? 7.241   -10.945 -2.120  1.00 30.71 ? 459 HIS B NE2 1 
ATOM   491 N N   . ASN B 1 33 ? 9.999   -9.083  3.900   1.00 36.56 ? 460 ASN B N   1 
ATOM   492 C CA  . ASN B 1 33 ? 10.260  -8.919  5.350   1.00 38.68 ? 460 ASN B CA  1 
ATOM   493 C C   . ASN B 1 33 ? 9.561   -7.709  5.946   1.00 37.45 ? 460 ASN B C   1 
ATOM   494 O O   . ASN B 1 33 ? 8.922   -7.823  6.961   1.00 41.74 ? 460 ASN B O   1 
ATOM   495 C CB  . ASN B 1 33 ? 11.755  -8.768  5.612   1.00 39.44 ? 460 ASN B CB  1 
ATOM   496 C CG  . ASN B 1 33 ? 12.495  -10.052 5.431   1.00 38.99 ? 460 ASN B CG  1 
ATOM   497 O OD1 . ASN B 1 33 ? 12.036  -11.112 5.879   1.00 40.67 ? 460 ASN B OD1 1 
ATOM   498 N ND2 . ASN B 1 33 ? 13.640  -9.988  4.759   1.00 38.87 ? 460 ASN B ND2 1 
ATOM   499 N N   . THR B 1 34 ? 9.709   -6.542  5.330   1.00 36.24 ? 461 THR B N   1 
ATOM   500 C CA  . THR B 1 34 ? 9.069   -5.317  5.853   1.00 38.31 ? 461 THR B CA  1 
ATOM   501 C C   . THR B 1 34 ? 7.698   -5.059  5.235   1.00 37.42 ? 461 THR B C   1 
ATOM   502 O O   . THR B 1 34 ? 6.964   -4.184  5.690   1.00 37.14 ? 461 THR B O   1 
ATOM   503 C CB  . THR B 1 34 ? 9.940   -4.069  5.621   1.00 37.99 ? 461 THR B CB  1 
ATOM   504 O OG1 . THR B 1 34 ? 10.320  -3.996  4.249   1.00 36.18 ? 461 THR B OG1 1 
ATOM   505 C CG2 . THR B 1 34 ? 11.204  -4.136  6.475   1.00 40.33 ? 461 THR B CG2 1 
ATOM   506 N N   . ARG B 1 35 ? 7.354   -5.826  4.211   1.00 31.65 ? 462 ARG B N   1 
ATOM   507 C CA  . ARG B 1 35 ? 6.086   -5.656  3.490   1.00 35.13 ? 462 ARG B CA  1 
ATOM   508 C C   . ARG B 1 35 ? 5.952   -4.296  2.844   1.00 35.54 ? 462 ARG B C   1 
ATOM   509 O O   . ARG B 1 35 ? 4.958   -3.647  2.986   1.00 35.51 ? 462 ARG B O   1 
ATOM   510 C CB  . ARG B 1 35 ? 4.855   -6.018  4.372   1.00 38.49 ? 462 ARG B CB  1 
ATOM   511 C CG  . ARG B 1 35 ? 4.938   -7.473  4.824   1.00 39.97 ? 462 ARG B CG  1 
ATOM   512 C CD  . ARG B 1 35 ? 3.742   -8.105  5.525   1.00 46.92 ? 462 ARG B CD  1 
ATOM   513 N NE  . ARG B 1 35 ? 4.087   -9.541  5.705   1.00 51.05 ? 462 ARG B NE  1 
ATOM   514 C CZ  . ARG B 1 35 ? 3.859   -10.298 6.786   1.00 54.41 ? 462 ARG B CZ  1 
ATOM   515 N NH1 . ARG B 1 35 ? 3.219   -9.823  7.855   1.00 59.71 ? 462 ARG B NH1 1 
ATOM   516 N NH2 . ARG B 1 35 ? 4.272   -11.574 6.788   1.00 54.06 ? 462 ARG B NH2 1 
ATOM   517 N N   . ILE B 1 36 ? 6.959   -3.901  2.081   1.00 34.78 ? 463 ILE B N   1 
ATOM   518 C CA  . ILE B 1 36 ? 6.864   -2.680  1.299   1.00 38.02 ? 463 ILE B CA  1 
ATOM   519 C C   . ILE B 1 36 ? 7.207   -2.931  -0.167  1.00 33.77 ? 463 ILE B C   1 
ATOM   520 O O   . ILE B 1 36 ? 7.683   -3.989  -0.528  1.00 35.54 ? 463 ILE B O   1 
ATOM   521 C CB  . ILE B 1 36 ? 7.781   -1.558  1.852   1.00 41.31 ? 463 ILE B CB  1 
ATOM   522 C CG1 . ILE B 1 36 ? 9.263   -1.960  1.717   1.00 46.81 ? 463 ILE B CG1 1 
ATOM   523 C CG2 . ILE B 1 36 ? 7.412   -1.243  3.290   1.00 42.11 ? 463 ILE B CG2 1 
ATOM   524 C CD1 . ILE B 1 36 ? 10.232  -0.860  2.069   1.00 52.13 ? 463 ILE B CD1 1 
ATOM   525 N N   . THR B 1 37 ? 6.932   -1.925  -0.976  1.00 31.97 ? 464 THR B N   1 
ATOM   526 C CA  . THR B 1 37 ? 7.246   -1.908  -2.378  1.00 33.00 ? 464 THR B CA  1 
ATOM   527 C C   . THR B 1 37 ? 7.936   -0.604  -2.696  1.00 31.64 ? 464 THR B C   1 
ATOM   528 O O   . THR B 1 37 ? 7.739   0.390   -2.006  1.00 35.52 ? 464 THR B O   1 
ATOM   529 C CB  . THR B 1 37 ? 5.986   -2.074  -3.275  1.00 35.42 ? 464 THR B CB  1 
ATOM   530 O OG1 . THR B 1 37 ? 5.123   -0.939  -3.165  1.00 34.85 ? 464 THR B OG1 1 
ATOM   531 C CG2 . THR B 1 37 ? 5.229   -3.334  -2.899  1.00 39.49 ? 464 THR B CG2 1 
ATOM   532 N N   . GLN B 1 38 ? 8.783   -0.626  -3.717  1.00 28.52 ? 465 GLN B N   1 
ATOM   533 C CA  . GLN B 1 38 ? 9.505   0.566   -4.172  1.00 28.89 ? 465 GLN B CA  1 
ATOM   534 C C   . GLN B 1 38 ? 9.974   0.366   -5.639  1.00 26.20 ? 465 GLN B C   1 
ATOM   535 O O   . GLN B 1 38 ? 10.068  -0.768  -6.103  1.00 24.43 ? 465 GLN B O   1 
ATOM   536 C CB  . GLN B 1 38 ? 10.708  0.827   -3.255  1.00 27.45 ? 465 GLN B CB  1 
ATOM   537 C CG  . GLN B 1 38 ? 11.802  -0.211  -3.398  1.00 27.45 ? 465 GLN B CG  1 
ATOM   538 C CD  . GLN B 1 38 ? 12.922  -0.019  -2.388  1.00 30.32 ? 465 GLN B CD  1 
ATOM   539 O OE1 . GLN B 1 38 ? 12.660  0.358   -1.266  1.00 30.53 ? 465 GLN B OE1 1 
ATOM   540 N NE2 . GLN B 1 38 ? 14.182  -0.308  -2.793  1.00 31.07 ? 465 GLN B NE2 1 
ATOM   541 N N   . TRP B 1 39 ? 10.327  1.460   -6.319  1.00 26.98 ? 466 TRP B N   1 
ATOM   542 C CA  . TRP B 1 39 ? 10.827  1.410   -7.682  1.00 27.59 ? 466 TRP B CA  1 
ATOM   543 C C   . TRP B 1 39 ? 12.319  1.021   -7.736  1.00 28.88 ? 466 TRP B C   1 
ATOM   544 O O   . TRP B 1 39 ? 12.792  0.478   -8.724  1.00 32.33 ? 466 TRP B O   1 
ATOM   545 C CB  . TRP B 1 39 ? 10.634  2.763   -8.352  1.00 31.88 ? 466 TRP B CB  1 
ATOM   546 C CG  . TRP B 1 39 ? 9.205   3.236   -8.538  1.00 31.45 ? 466 TRP B CG  1 
ATOM   547 C CD1 . TRP B 1 39 ? 8.683   4.424   -8.111  1.00 31.02 ? 466 TRP B CD1 1 
ATOM   548 C CD2 . TRP B 1 39 ? 8.144   2.561   -9.224  1.00 30.80 ? 466 TRP B CD2 1 
ATOM   549 N NE1 . TRP B 1 39 ? 7.386   4.540   -8.510  1.00 33.23 ? 466 TRP B NE1 1 
ATOM   550 C CE2 . TRP B 1 39 ? 7.014   3.402   -9.169  1.00 33.99 ? 466 TRP B CE2 1 
ATOM   551 C CE3 . TRP B 1 39 ? 8.039   1.332   -9.881  1.00 31.93 ? 466 TRP B CE3 1 
ATOM   552 C CZ2 . TRP B 1 39 ? 5.800   3.054   -9.744  1.00 33.17 ? 466 TRP B CZ2 1 
ATOM   553 C CZ3 . TRP B 1 39 ? 6.838   0.981   -10.438 1.00 30.06 ? 466 TRP B CZ3 1 
ATOM   554 C CH2 . TRP B 1 39 ? 5.728   1.824   -10.354 1.00 31.30 ? 466 TRP B CH2 1 
ATOM   555 N N   . GLU B 1 40 ? 13.044  1.268   -6.653  1.00 28.92 ? 467 GLU B N   1 
ATOM   556 C CA  . GLU B 1 40 ? 14.495  1.095   -6.620  1.00 31.45 ? 467 GLU B CA  1 
ATOM   557 C C   . GLU B 1 40 ? 14.938  -0.356  -6.479  1.00 28.80 ? 467 GLU B C   1 
ATOM   558 O O   . GLU B 1 40 ? 14.473  -1.055  -5.604  1.00 30.62 ? 467 GLU B O   1 
ATOM   559 C CB  . GLU B 1 40 ? 15.102  1.901   -5.456  1.00 34.96 ? 467 GLU B CB  1 
ATOM   560 C CG  . GLU B 1 40 ? 15.013  3.408   -5.613  1.00 39.78 ? 467 GLU B CG  1 
ATOM   561 C CD  . GLU B 1 40 ? 13.615  3.955   -5.392  1.00 42.37 ? 467 GLU B CD  1 
ATOM   562 O OE1 . GLU B 1 40 ? 12.816  3.317   -4.669  1.00 34.31 ? 467 GLU B OE1 1 
ATOM   563 O OE2 . GLU B 1 40 ? 13.327  5.032   -5.957  1.00 42.22 ? 467 GLU B OE2 1 
ATOM   564 N N   . ASP B 1 41 ? 15.853  -0.793  -7.341  1.00 28.62 ? 468 ASP B N   1 
ATOM   565 C CA  . ASP B 1 41 ? 16.457  -2.110  -7.229  1.00 27.74 ? 468 ASP B CA  1 
ATOM   566 C C   . ASP B 1 41 ? 17.363  -2.112  -5.980  1.00 29.27 ? 468 ASP B C   1 
ATOM   567 O O   . ASP B 1 41 ? 18.283  -1.306  -5.897  1.00 31.72 ? 468 ASP B O   1 
ATOM   568 C CB  . ASP B 1 41 ? 17.275  -2.369  -8.496  1.00 29.23 ? 468 ASP B CB  1 
ATOM   569 C CG  . ASP B 1 41 ? 17.842  -3.791  -8.604  1.00 27.54 ? 468 ASP B CG  1 
ATOM   570 O OD1 . ASP B 1 41 ? 18.047  -4.543  -7.619  1.00 28.13 ? 468 ASP B OD1 1 
ATOM   571 O OD2 . ASP B 1 41 ? 18.142  -4.158  -9.744  1.00 31.54 ? 468 ASP B OD2 1 
ATOM   572 N N   . PRO B 1 42 ? 17.118  -3.027  -5.023  1.00 28.99 ? 469 PRO B N   1 
ATOM   573 C CA  . PRO B 1 42 ? 17.939  -3.131  -3.818  1.00 31.35 ? 469 PRO B CA  1 
ATOM   574 C C   . PRO B 1 42 ? 19.404  -3.380  -4.134  1.00 33.28 ? 469 PRO B C   1 
ATOM   575 O O   . PRO B 1 42 ? 20.287  -2.925  -3.398  1.00 33.97 ? 469 PRO B O   1 
ATOM   576 C CB  . PRO B 1 42 ? 17.324  -4.341  -3.052  1.00 28.70 ? 469 PRO B CB  1 
ATOM   577 C CG  . PRO B 1 42 ? 16.032  -4.569  -3.651  1.00 31.14 ? 469 PRO B CG  1 
ATOM   578 C CD  . PRO B 1 42 ? 16.070  -4.065  -5.059  1.00 27.88 ? 469 PRO B CD  1 
ATOM   579 N N   . ARG B 1 43 ? 19.672  -4.061  -5.249  1.00 33.84 ? 470 ARG B N   1 
ATOM   580 C CA  . ARG B 1 43 ? 21.051  -4.334  -5.641  1.00 36.59 ? 470 ARG B CA  1 
ATOM   581 C C   . ARG B 1 43 ? 21.866  -3.086  -6.022  1.00 39.13 ? 470 ARG B C   1 
ATOM   582 O O   . ARG B 1 43 ? 23.101  -3.146  -6.031  1.00 38.54 ? 470 ARG B O   1 
ATOM   583 C CB  . ARG B 1 43 ? 21.089  -5.335  -6.768  1.00 34.51 ? 470 ARG B CB  1 
ATOM   584 C CG  . ARG B 1 43 ? 20.499  -6.666  -6.373  1.00 32.47 ? 470 ARG B CG  1 
ATOM   585 C CD  . ARG B 1 43 ? 20.347  -7.537  -7.585  1.00 33.40 ? 470 ARG B CD  1 
ATOM   586 N NE  . ARG B 1 43 ? 19.296  -7.044  -8.460  1.00 31.65 ? 470 ARG B NE  1 
ATOM   587 C CZ  . ARG B 1 43 ? 18.666  -7.798  -9.350  1.00 36.89 ? 470 ARG B CZ  1 
ATOM   588 N NH1 . ARG B 1 43 ? 18.962  -9.100  -9.507  1.00 40.56 ? 470 ARG B NH1 1 
ATOM   589 N NH2 . ARG B 1 43 ? 17.729  -7.253  -10.089 1.00 36.45 ? 470 ARG B NH2 1 
ATOM   590 N N   . SER B 1 44 ? 21.183  -1.972  -6.328  1.00 39.08 ? 471 SER B N   1 
ATOM   591 C CA  . SER B 1 44 ? 21.847  -0.672  -6.532  1.00 43.93 ? 471 SER B CA  1 
ATOM   592 C C   . SER B 1 44 ? 22.348  -0.013  -5.214  1.00 45.14 ? 471 SER B C   1 
ATOM   593 O O   . SER B 1 44 ? 23.054  1.000   -5.268  1.00 44.64 ? 471 SER B O   1 
ATOM   594 C CB  . SER B 1 44 ? 20.921  0.302   -7.272  1.00 42.95 ? 471 SER B CB  1 
ATOM   595 O OG  . SER B 1 44 ? 20.655  -0.167  -8.568  1.00 42.32 ? 471 SER B OG  1 
ATOM   596 N N   . GLN B 1 45 ? 21.907  -0.553  -4.073  1.00 43.19 ? 472 GLN B N   1 
ATOM   597 C CA  . GLN B 1 45 ? 22.468  -0.285  -2.757  1.00 50.71 ? 472 GLN B CA  1 
ATOM   598 C C   . GLN B 1 45 ? 23.400  -1.436  -2.380  1.00 51.89 ? 472 GLN B C   1 
ATOM   599 O O   . GLN B 1 45 ? 23.985  -1.434  -1.300  1.00 57.86 ? 472 GLN B O   1 
ATOM   600 C CB  . GLN B 1 45 ? 21.359  -0.179  -1.684  1.00 52.43 ? 472 GLN B CB  1 
ATOM   601 C CG  . GLN B 1 45 ? 20.351  0.959   -1.877  1.00 55.04 ? 472 GLN B CG  1 
ATOM   602 C CD  . GLN B 1 45 ? 19.640  1.361   -0.577  1.00 58.77 ? 472 GLN B CD  1 
ATOM   603 O OE1 . GLN B 1 45 ? 19.440  0.535   0.319   1.00 65.39 ? 472 GLN B OE1 1 
ATOM   604 N NE2 . GLN B 1 45 ? 19.265  2.633   -0.468  1.00 56.44 ? 472 GLN B NE2 1 
ATOM   605 N N   A GLU C 2 4  ? -10.182 -9.619  1.676   0.50 50.28 ? 329 GLU C N   1 
ATOM   606 N N   B GLU C 2 4  ? -10.539 -8.062  -0.372  0.50 50.98 ? 329 GLU C N   1 
ATOM   607 C CA  A GLU C 2 4  ? -9.660  -8.571  0.762   0.50 50.58 ? 329 GLU C CA  1 
ATOM   608 C CA  B GLU C 2 4  ? -9.681  -8.568  0.740   0.50 49.80 ? 329 GLU C CA  1 
ATOM   609 C C   . GLU C 2 4  ? -9.141  -7.390  1.567   1.00 49.70 ? 329 GLU C C   1 
ATOM   610 O O   . GLU C 2 4  ? -9.373  -7.286  2.797   1.00 51.73 ? 329 GLU C O   1 
ATOM   611 C CB  A GLU C 2 4  ? -10.752 -8.098  -0.198  0.50 52.19 ? 329 GLU C CB  1 
ATOM   612 C CB  B GLU C 2 4  ? -8.532  -9.417  0.171   0.50 46.75 ? 329 GLU C CB  1 
ATOM   613 N N   . ALA C 2 5  ? -8.428  -6.502  0.902   1.00 44.33 ? 330 ALA C N   1 
ATOM   614 C CA  . ALA C 2 5  ? -7.949  -5.301  1.565   1.00 42.24 ? 330 ALA C CA  1 
ATOM   615 C C   . ALA C 2 5  ? -8.545  -4.098  0.854   1.00 39.02 ? 330 ALA C C   1 
ATOM   616 O O   . ALA C 2 5  ? -9.012  -4.216  -0.292  1.00 38.06 ? 330 ALA C O   1 
ATOM   617 C CB  . ALA C 2 5  ? -6.441  -5.254  1.556   1.00 46.33 ? 330 ALA C CB  1 
ATOM   618 N N   . PRO C 2 6  ? -8.588  -2.948  1.543   1.00 36.16 ? 331 PRO C N   1 
ATOM   619 C CA  . PRO C 2 6  ? -9.032  -1.699  0.925   1.00 35.43 ? 331 PRO C CA  1 
ATOM   620 C C   . PRO C 2 6  ? -8.043  -1.230  -0.129  1.00 34.18 ? 331 PRO C C   1 
ATOM   621 O O   . PRO C 2 6  ? -6.954  -1.772  -0.212  1.00 34.55 ? 331 PRO C O   1 
ATOM   622 C CB  . PRO C 2 6  ? -9.076  -0.701  2.088   1.00 35.47 ? 331 PRO C CB  1 
ATOM   623 C CG  . PRO C 2 6  ? -8.419  -1.358  3.243   1.00 36.22 ? 331 PRO C CG  1 
ATOM   624 C CD  . PRO C 2 6  ? -8.324  -2.819  2.991   1.00 36.72 ? 331 PRO C CD  1 
ATOM   625 N N   . PRO C 2 7  ? -8.406  -0.207  -0.914  1.00 36.49 ? 332 PRO C N   1 
ATOM   626 C CA  . PRO C 2 7  ? -7.492  0.185   -1.994  1.00 36.50 ? 332 PRO C CA  1 
ATOM   627 C C   . PRO C 2 7  ? -6.153  0.709   -1.466  1.00 33.21 ? 332 PRO C C   1 
ATOM   628 O O   . PRO C 2 7  ? -6.093  1.152   -0.328  1.00 35.69 ? 332 PRO C O   1 
ATOM   629 C CB  . PRO C 2 7  ? -8.265  1.286   -2.740  1.00 38.44 ? 332 PRO C CB  1 
ATOM   630 C CG  . PRO C 2 7  ? -9.697  1.136   -2.325  1.00 40.47 ? 332 PRO C CG  1 
ATOM   631 C CD  . PRO C 2 7  ? -9.673  0.552   -0.937  1.00 37.24 ? 332 PRO C CD  1 
ATOM   632 N N   . CYS C 2 8  ? -5.086  0.609   -2.266  1.00 34.27 ? 333 CYS C N   1 
ATOM   633 C CA  . CYS C 2 8  ? -3.811  1.268   -1.938  1.00 34.03 ? 333 CYS C CA  1 
ATOM   634 C C   . CYS C 2 8  ? -4.071  2.780   -1.902  1.00 34.56 ? 333 CYS C C   1 
ATOM   635 O O   . CYS C 2 8  ? -4.778  3.334   -2.756  1.00 31.08 ? 333 CYS C O   1 
ATOM   636 C CB  . CYS C 2 8  ? -2.677  0.957   -2.963  1.00 36.57 ? 333 CYS C CB  1 
ATOM   637 S SG  . CYS C 2 8  ? -2.358  -0.817  -3.243  1.00 42.86 ? 333 CYS C SG  1 
ATOM   638 N N   . TYR C 2 9  ? -3.537  3.418   -0.889  1.00 30.09 ? 334 TYR C N   1 
ATOM   639 C CA  . TYR C 2 9  ? -3.543  4.833   -0.786  1.00 36.69 ? 334 TYR C CA  1 
ATOM   640 C C   . TYR C 2 9  ? -3.288  5.523   -2.117  1.00 35.57 ? 334 TYR C C   1 
ATOM   641 O O   . TYR C 2 9  ? -3.990  6.450   -2.484  1.00 31.71 ? 334 TYR C O   1 
ATOM   642 C CB  . TYR C 2 9  ? -2.456  5.276   0.197   1.00 36.14 ? 334 TYR C CB  1 
ATOM   643 C CG  . TYR C 2 9  ? -2.501  6.758   0.488   1.00 35.45 ? 334 TYR C CG  1 
ATOM   644 C CD1 . TYR C 2 9  ? -3.373  7.260   1.438   1.00 36.37 ? 334 TYR C CD1 1 
ATOM   645 C CD2 . TYR C 2 9  ? -1.673  7.653   -0.200  1.00 35.58 ? 334 TYR C CD2 1 
ATOM   646 C CE1 . TYR C 2 9  ? -3.411  8.607   1.727   1.00 36.57 ? 334 TYR C CE1 1 
ATOM   647 C CE2 . TYR C 2 9  ? -1.711  9.006   0.062   1.00 36.13 ? 334 TYR C CE2 1 
ATOM   648 C CZ  . TYR C 2 9  ? -2.571  9.476   1.033   1.00 37.13 ? 334 TYR C CZ  1 
ATOM   649 O OH  . TYR C 2 9  ? -2.615  10.814  1.291   1.00 40.33 ? 334 TYR C OH  1 
ATOM   650 N N   . MET C 2 10 ? -2.264  5.092   -2.828  1.00 41.99 ? 335 MET C N   1 
ATOM   651 C CA  . MET C 2 10 ? -1.898  5.777   -4.052  1.00 46.38 ? 335 MET C CA  1 
ATOM   652 C C   . MET C 2 10 ? -2.926  5.574   -5.169  1.00 45.41 ? 335 MET C C   1 
ATOM   653 O O   . MET C 2 10 ? -2.918  6.324   -6.134  1.00 48.99 ? 335 MET C O   1 
ATOM   654 C CB  . MET C 2 10 ? -0.490  5.381   -4.466  1.00 55.72 ? 335 MET C CB  1 
ATOM   655 C CG  . MET C 2 10 ? 0.550   5.846   -3.446  1.00 62.20 ? 335 MET C CG  1 
ATOM   656 S SD  . MET C 2 10 ? 0.745   7.644   -3.315  1.00 69.44 ? 335 MET C SD  1 
ATOM   657 C CE  . MET C 2 10 ? 0.868   8.088   -5.056  1.00 65.13 ? 335 MET C CE  1 
ATOM   658 N N   . ASP C 2 11 ? -3.820  4.590   -5.014  1.00 42.03 ? 336 ASP C N   1 
ATOM   659 C CA  . ASP C 2 11 ? -5.060  4.483   -5.809  1.00 48.13 ? 336 ASP C CA  1 
ATOM   660 C C   . ASP C 2 11 ? -6.172  5.394   -5.248  1.00 48.79 ? 336 ASP C C   1 
ATOM   661 O O   . ASP C 2 11 ? -6.922  5.994   -5.998  1.00 51.16 ? 336 ASP C O   1 
ATOM   662 C CB  . ASP C 2 11 ? -5.601  3.046   -5.812  1.00 53.42 ? 336 ASP C CB  1 
ATOM   663 C CG  . ASP C 2 11 ? -4.559  2.006   -6.224  1.00 60.16 ? 336 ASP C CG  1 
ATOM   664 O OD1 . ASP C 2 11 ? -3.672  2.308   -7.041  1.00 64.23 ? 336 ASP C OD1 1 
ATOM   665 O OD2 . ASP C 2 11 ? -4.650  0.859   -5.734  1.00 73.95 ? 336 ASP C OD2 1 
ATOM   666 N N   . VAL C 2 12 ? -6.287  5.455   -3.922  1.00 54.10 ? 337 VAL C N   1 
ATOM   667 C CA  . VAL C 2 12 ? -7.228  6.360   -3.225  1.00 57.11 ? 337 VAL C CA  1 
ATOM   668 C C   . VAL C 2 12 ? -7.047  7.793   -3.717  1.00 57.85 ? 337 VAL C C   1 
ATOM   669 O O   . VAL C 2 12 ? -7.917  8.324   -4.399  1.00 58.02 ? 337 VAL C O   1 
ATOM   670 C CB  . VAL C 2 12 ? -7.029  6.313   -1.674  1.00 59.70 ? 337 VAL C CB  1 
ATOM   671 C CG1 . VAL C 2 12 ? -7.678  7.509   -0.970  1.00 62.19 ? 337 VAL C CG1 1 
ATOM   672 C CG2 . VAL C 2 12 ? -7.543  4.995   -1.098  1.00 58.03 ? 337 VAL C CG2 1 
ATOM   673 N N   . ILE C 2 13 ? -5.907  8.405   -3.387  1.00 53.90 ? 338 ILE C N   1 
ATOM   674 C CA  . ILE C 2 13 ? -5.630  9.804   -3.790  1.00 57.05 ? 338 ILE C CA  1 
ATOM   675 C C   . ILE C 2 13 ? -5.431  9.958   -5.293  1.00 60.87 ? 338 ILE C C   1 
ATOM   676 O O   . ILE C 2 13 ? -5.299  11.069  -5.768  1.00 64.17 ? 338 ILE C O   1 
ATOM   677 C CB  . ILE C 2 13 ? -4.406  10.419  -3.062  1.00 49.93 ? 338 ILE C CB  1 
ATOM   678 C CG1 . ILE C 2 13 ? -3.101  9.656   -3.397  1.00 50.39 ? 338 ILE C CG1 1 
ATOM   679 C CG2 . ILE C 2 13 ? -4.675  10.497  -1.568  1.00 47.23 ? 338 ILE C CG2 1 
ATOM   680 C CD1 . ILE C 2 13 ? -2.335  10.196  -4.587  1.00 54.35 ? 338 ILE C CD1 1 
HETATM 681 N N   . NH2 C 2 14 ? -5.412  8.864   -6.064  1.00 63.06 ? 339 NH2 C N   1 
ATOM   682 N N   A GLU D 2 4  ? 4.507   8.756   -9.409  0.50 54.00 ? 329 GLU D N   1 
ATOM   683 N N   B GLU D 2 4  ? 2.449   6.965   -9.937  0.50 52.11 ? 329 GLU D N   1 
ATOM   684 C CA  A GLU D 2 4  ? 3.668   7.528   -9.243  0.50 50.92 ? 329 GLU D CA  1 
ATOM   685 C CA  B GLU D 2 4  ? 3.693   7.504   -9.295  0.50 51.02 ? 329 GLU D CA  1 
ATOM   686 C C   . GLU D 2 4  ? 4.286   6.587   -8.217  1.00 46.10 ? 329 GLU D C   1 
ATOM   687 O O   . GLU D 2 4  ? 5.488   6.638   -7.940  1.00 43.98 ? 329 GLU D O   1 
ATOM   688 C CB  A GLU D 2 4  ? 3.500   6.808   -10.584 0.50 52.51 ? 329 GLU D CB  1 
ATOM   689 C CB  B GLU D 2 4  ? 3.428   8.890   -8.700  0.50 53.71 ? 329 GLU D CB  1 
ATOM   690 N N   . ALA D 2 5  ? 3.463   5.745   -7.620  1.00 44.19 ? 330 ALA D N   1 
ATOM   691 C CA  . ALA D 2 5  ? 3.969   4.768   -6.697  1.00 41.76 ? 330 ALA D CA  1 
ATOM   692 C C   . ALA D 2 5  ? 3.689   3.399   -7.254  1.00 39.11 ? 330 ALA D C   1 
ATOM   693 O O   . ALA D 2 5  ? 2.732   3.213   -7.983  1.00 40.19 ? 330 ALA D O   1 
ATOM   694 C CB  . ALA D 2 5  ? 3.312   4.921   -5.351  1.00 43.18 ? 330 ALA D CB  1 
ATOM   695 N N   . PRO D 2 6  ? 4.541   2.428   -6.909  1.00 37.35 ? 331 PRO D N   1 
ATOM   696 C CA  . PRO D 2 6  ? 4.274   1.053   -7.264  1.00 35.90 ? 331 PRO D CA  1 
ATOM   697 C C   . PRO D 2 6  ? 3.165   0.475   -6.432  1.00 36.73 ? 331 PRO D C   1 
ATOM   698 O O   . PRO D 2 6  ? 2.866   1.023   -5.352  1.00 36.46 ? 331 PRO D O   1 
ATOM   699 C CB  . PRO D 2 6  ? 5.578   0.365   -6.947  1.00 36.01 ? 331 PRO D CB  1 
ATOM   700 C CG  . PRO D 2 6  ? 6.143   1.142   -5.811  1.00 34.08 ? 331 PRO D CG  1 
ATOM   701 C CD  . PRO D 2 6  ? 5.695   2.555   -6.005  1.00 34.35 ? 331 PRO D CD  1 
ATOM   702 N N   . PRO D 2 7  ? 2.554   -0.633  -6.904  1.00 38.31 ? 332 PRO D N   1 
ATOM   703 C CA  . PRO D 2 7  ? 1.453   -1.207  -6.156  1.00 39.47 ? 332 PRO D CA  1 
ATOM   704 C C   . PRO D 2 7  ? 1.808   -1.467  -4.710  1.00 36.05 ? 332 PRO D C   1 
ATOM   705 O O   . PRO D 2 7  ? 2.952   -1.851  -4.404  1.00 38.62 ? 332 PRO D O   1 
ATOM   706 C CB  . PRO D 2 7  ? 1.159   -2.511  -6.913  1.00 41.62 ? 332 PRO D CB  1 
ATOM   707 C CG  . PRO D 2 7  ? 1.503   -2.164  -8.336  1.00 43.91 ? 332 PRO D CG  1 
ATOM   708 C CD  . PRO D 2 7  ? 2.729   -1.301  -8.214  1.00 40.69 ? 332 PRO D CD  1 
ATOM   709 N N   . CYS D 2 8  ? 0.860   -1.224  -3.811  1.00 34.07 ? 333 CYS D N   1 
ATOM   710 C CA  . CYS D 2 8  ? 1.135   -1.485  -2.401  1.00 35.19 ? 333 CYS D CA  1 
ATOM   711 C C   . CYS D 2 8  ? 1.168   -3.002  -2.157  1.00 34.47 ? 333 CYS D C   1 
ATOM   712 O O   . CYS D 2 8  ? 0.598   -3.792  -2.936  1.00 32.10 ? 333 CYS D O   1 
ATOM   713 C CB  . CYS D 2 8  ? 0.139   -0.789  -1.485  1.00 37.68 ? 333 CYS D CB  1 
ATOM   714 S SG  . CYS D 2 8  ? -1.510  -1.509  -1.511  1.00 42.72 ? 333 CYS D SG  1 
ATOM   715 N N   . TYR D 2 9  ? 1.829   -3.383  -1.070  1.00 33.56 ? 334 TYR D N   1 
ATOM   716 C CA  . TYR D 2 9  ? 2.073   -4.762  -0.755  1.00 35.23 ? 334 TYR D CA  1 
ATOM   717 C C   . TYR D 2 9  ? 0.791   -5.581  -0.731  1.00 41.08 ? 334 TYR D C   1 
ATOM   718 O O   . TYR D 2 9  ? 0.811   -6.720  -1.178  1.00 44.88 ? 334 TYR D O   1 
ATOM   719 C CB  . TYR D 2 9  ? 2.844   -4.892  0.548   1.00 36.26 ? 334 TYR D CB  1 
ATOM   720 C CG  . TYR D 2 9  ? 3.319   -6.302  0.804   1.00 37.81 ? 334 TYR D CG  1 
ATOM   721 C CD1 . TYR D 2 9  ? 4.507   -6.765  0.255   1.00 35.32 ? 334 TYR D CD1 1 
ATOM   722 C CD2 . TYR D 2 9  ? 2.549   -7.187  1.572   1.00 38.79 ? 334 TYR D CD2 1 
ATOM   723 C CE1 . TYR D 2 9  ? 4.924   -8.063  0.475   1.00 36.79 ? 334 TYR D CE1 1 
ATOM   724 C CE2 . TYR D 2 9  ? 2.958   -8.485  1.797   1.00 40.01 ? 334 TYR D CE2 1 
ATOM   725 C CZ  . TYR D 2 9  ? 4.147   -8.909  1.245   1.00 39.42 ? 334 TYR D CZ  1 
ATOM   726 O OH  . TYR D 2 9  ? 4.558   -10.181 1.451   1.00 41.25 ? 334 TYR D OH  1 
ATOM   727 N N   . MET D 2 10 ? -0.321  -5.004  -0.256  1.00 42.59 ? 335 MET D N   1 
ATOM   728 C CA  . MET D 2 10 ? -1.575  -5.748  -0.126  1.00 47.66 ? 335 MET D CA  1 
ATOM   729 C C   . MET D 2 10 ? -2.205  -6.072  -1.481  1.00 47.65 ? 335 MET D C   1 
ATOM   730 O O   . MET D 2 10 ? -3.017  -6.978  -1.579  1.00 46.39 ? 335 MET D O   1 
ATOM   731 C CB  . MET D 2 10 ? -2.592  -5.019  0.779   1.00 53.44 ? 335 MET D CB  1 
ATOM   732 C CG  . MET D 2 10 ? -2.460  -5.285  2.283   1.00 59.08 ? 335 MET D CG  1 
ATOM   733 S SD  . MET D 2 10 ? -2.297  -7.018  2.825   1.00 72.56 ? 335 MET D SD  1 
ATOM   734 C CE  . MET D 2 10 ? -3.924  -7.727  2.575   1.00 66.91 ? 335 MET D CE  1 
ATOM   735 N N   . ASP D 2 11 ? -1.853  -5.327  -2.525  1.00 49.23 ? 336 ASP D N   1 
ATOM   736 C CA  . ASP D 2 11 ? -2.323  -5.659  -3.886  1.00 51.33 ? 336 ASP D CA  1 
ATOM   737 C C   . ASP D 2 11 ? -1.386  -6.677  -4.554  1.00 51.26 ? 336 ASP D C   1 
ATOM   738 O O   . ASP D 2 11 ? -1.824  -7.503  -5.358  1.00 51.44 ? 336 ASP D O   1 
ATOM   739 C CB  . ASP D 2 11 ? -2.453  -4.394  -4.721  1.00 54.45 ? 336 ASP D CB  1 
ATOM   740 C CG  . ASP D 2 11 ? -3.682  -3.592  -4.344  1.00 58.27 ? 336 ASP D CG  1 
ATOM   741 O OD1 . ASP D 2 11 ? -3.994  -3.524  -3.143  1.00 59.38 ? 336 ASP D OD1 1 
ATOM   742 O OD2 . ASP D 2 11 ? -4.346  -3.053  -5.244  1.00 59.88 ? 336 ASP D OD2 1 
ATOM   743 N N   . VAL D 2 12 ? -0.104  -6.627  -4.193  1.00 45.93 ? 337 VAL D N   1 
ATOM   744 C CA  . VAL D 2 12 ? 0.891   -7.585  -4.677  1.00 47.41 ? 337 VAL D CA  1 
ATOM   745 C C   . VAL D 2 12 ? 0.407   -8.986  -4.316  1.00 48.48 ? 337 VAL D C   1 
ATOM   746 O O   . VAL D 2 12 ? 0.017   -9.760  -5.198  1.00 49.81 ? 337 VAL D O   1 
ATOM   747 C CB  . VAL D 2 12 ? 2.295   -7.300  -4.069  1.00 48.71 ? 337 VAL D CB  1 
ATOM   748 C CG1 . VAL D 2 12 ? 3.265   -8.473  -4.252  1.00 51.05 ? 337 VAL D CG1 1 
ATOM   749 C CG2 . VAL D 2 12 ? 2.877   -6.020  -4.666  1.00 48.16 ? 337 VAL D CG2 1 
ATOM   750 N N   . ILE D 2 13 ? 0.378   -9.274  -3.014  1.00 44.41 ? 338 ILE D N   1 
ATOM   751 C CA  . ILE D 2 13 ? 0.015   -10.608 -2.518  1.00 47.53 ? 338 ILE D CA  1 
ATOM   752 C C   . ILE D 2 13 ? -1.481  -10.876 -2.675  1.00 49.08 ? 338 ILE D C   1 
ATOM   753 O O   . ILE D 2 13 ? -1.907  -12.009 -2.626  1.00 53.58 ? 338 ILE D O   1 
ATOM   754 C CB  . ILE D 2 13 ? 0.422   -10.803 -1.031  1.00 47.57 ? 338 ILE D CB  1 
ATOM   755 C CG1 . ILE D 2 13 ? -0.285  -9.775  -0.119  1.00 45.59 ? 338 ILE D CG1 1 
ATOM   756 C CG2 . ILE D 2 13 ? 1.938   -10.697 -0.885  1.00 45.97 ? 338 ILE D CG2 1 
ATOM   757 C CD1 . ILE D 2 13 ? -0.510  -10.238 1.300   1.00 46.73 ? 338 ILE D CD1 1 
HETATM 758 N N   . NH2 D 2 14 ? -2.309  -9.858  -2.866  1.00 48.08 ? 339 NH2 D N   1 
HETATM 759 O O   . HOH E 3 .  ? -19.267 8.444   10.307  1.00 46.05 ? 501 HOH A O   1 
HETATM 760 O O   . HOH F 3 .  ? 13.124  -13.203 -5.470  1.00 29.92 ? 501 HOH B O   1 
HETATM 761 O O   . HOH F 3 .  ? 12.323  -11.665 -8.059  1.00 27.20 ? 502 HOH B O   1 
HETATM 762 O O   . HOH F 3 .  ? 17.175  -12.473 -8.170  1.00 36.28 ? 503 HOH B O   1 
HETATM 763 O O   . HOH F 3 .  ? 1.484   0.943   -10.354 1.00 39.67 ? 504 HOH B O   1 
HETATM 764 O O   . HOH F 3 .  ? 14.471  -8.151  3.279   1.00 37.53 ? 505 HOH B O   1 
HETATM 765 O O   . HOH F 3 .  ? 10.056  3.894   -4.709  1.00 30.60 ? 506 HOH B O   1 
HETATM 766 O O   . HOH F 3 .  ? 11.860  4.210   -2.481  1.00 38.44 ? 507 HOH B O   1 
HETATM 767 O O   . HOH F 3 .  ? -0.357  -3.227  -11.149 1.00 52.09 ? 508 HOH B O   1 
HETATM 768 O O   . HOH G 3 .  ? 3.016   -1.270  0.318   1.00 34.19 ? 501 HOH D O   1 
# 
loop_
_atom_site_anisotrop.id 
_atom_site_anisotrop.type_symbol 
_atom_site_anisotrop.pdbx_label_atom_id 
_atom_site_anisotrop.pdbx_label_alt_id 
_atom_site_anisotrop.pdbx_label_comp_id 
_atom_site_anisotrop.pdbx_label_asym_id 
_atom_site_anisotrop.pdbx_label_seq_id 
_atom_site_anisotrop.pdbx_PDB_ins_code 
_atom_site_anisotrop.U[1][1] 
_atom_site_anisotrop.U[2][2] 
_atom_site_anisotrop.U[3][3] 
_atom_site_anisotrop.U[1][2] 
_atom_site_anisotrop.U[1][3] 
_atom_site_anisotrop.U[2][3] 
_atom_site_anisotrop.pdbx_auth_seq_id 
_atom_site_anisotrop.pdbx_auth_comp_id 
_atom_site_anisotrop.pdbx_auth_asym_id 
_atom_site_anisotrop.pdbx_auth_atom_id 
1   N N   A LEU A 10 ? 0.7891 0.8940 0.6827 -0.0571 0.2843  -0.1244 437 LEU A N   
2   N N   B LEU A 10 ? 0.9082 1.0047 0.6563 -0.1015 0.3474  -0.1600 437 LEU A N   
3   C CA  A LEU A 10 ? 0.8723 0.9506 0.6715 -0.0746 0.3028  -0.1424 437 LEU A CA  
4   C CA  B LEU A 10 ? 0.8439 0.9208 0.6518 -0.0721 0.2955  -0.1369 437 LEU A CA  
5   C C   A LEU A 10 ? 0.8647 0.8850 0.6134 -0.0674 0.2578  -0.1310 437 LEU A C   
6   C C   B LEU A 10 ? 0.8496 0.8687 0.6010 -0.0662 0.2549  -0.1295 437 LEU A C   
7   O O   A LEU A 10 ? 0.8543 0.8499 0.5696 -0.0827 0.2237  -0.0906 437 LEU A O   
8   O O   B LEU A 10 ? 0.8386 0.8317 0.5541 -0.0813 0.2205  -0.0900 437 LEU A O   
9   C CB  A LEU A 10 ? 0.9139 0.9970 0.6344 -0.1230 0.3259  -0.1183 437 LEU A CB  
10  C CB  B LEU A 10 ? 0.7808 0.8900 0.6987 -0.0319 0.2991  -0.1665 437 LEU A CB  
11  N N   . GLY A 11 ? 0.8673 0.8668 0.6185 -0.0441 0.2573  -0.1678 438 GLY A N   
12  C CA  . GLY A 11 ? 0.8694 0.8146 0.5693 -0.0429 0.2197  -0.1630 438 GLY A CA  
13  C C   . GLY A 11 ? 0.8005 0.7302 0.5556 -0.0192 0.1760  -0.1435 438 GLY A C   
14  O O   . GLY A 11 ? 0.7166 0.6704 0.5258 -0.0130 0.1655  -0.1200 438 GLY A O   
15  N N   . PRO A 12 ? 0.8266 0.7128 0.5616 -0.0104 0.1504  -0.1541 439 PRO A N   
16  C CA  . PRO A 12 ? 0.7478 0.6191 0.5247 0.0051  0.1125  -0.1352 439 PRO A CA  
17  C C   . PRO A 12 ? 0.7343 0.6106 0.4958 -0.0138 0.0872  -0.0925 439 PRO A C   
18  O O   . PRO A 12 ? 0.6902 0.5694 0.4030 -0.0378 0.0907  -0.0766 439 PRO A O   
19  C CB  . PRO A 12 ? 0.8317 0.6509 0.5752 0.0087  0.0945  -0.1559 439 PRO A CB  
20  C CG  . PRO A 12 ? 0.8949 0.6979 0.5538 -0.0175 0.1084  -0.1679 439 PRO A CG  
21  C CD  . PRO A 12 ? 0.9130 0.7585 0.5681 -0.0254 0.1512  -0.1760 439 PRO A CD  
22  N N   . LEU A 13 ? 0.6740 0.5516 0.4775 -0.0039 0.0617  -0.0744 440 LEU A N   
23  C CA  . LEU A 13 ? 0.6312 0.5153 0.4297 -0.0180 0.0399  -0.0421 440 LEU A CA  
24  C C   . LEU A 13 ? 0.6357 0.4901 0.3826 -0.0348 0.0184  -0.0379 440 LEU A C   
25  O O   . LEU A 13 ? 0.6782 0.5011 0.4040 -0.0326 0.0137  -0.0581 440 LEU A O   
26  C CB  . LEU A 13 ? 0.6030 0.4993 0.4531 -0.0066 0.0243  -0.0299 440 LEU A CB  
27  C CG  . LEU A 13 ? 0.5880 0.5163 0.4861 0.0025  0.0378  -0.0268 440 LEU A CG  
28  C CD1 . LEU A 13 ? 0.5507 0.4821 0.4875 0.0149  0.0236  -0.0267 440 LEU A CD1 
29  C CD2 . LEU A 13 ? 0.5584 0.5032 0.4590 -0.0100 0.0371  -0.0043 440 LEU A CD2 
30  N N   . PRO A 14 ? 0.6113 0.4737 0.3425 -0.0522 0.0019  -0.0119 441 PRO A N   
31  C CA  . PRO A 14 ? 0.6411 0.4829 0.3390 -0.0689 -0.0259 -0.0052 441 PRO A CA  
32  C C   . PRO A 14 ? 0.6143 0.4516 0.3450 -0.0642 -0.0428 -0.0046 441 PRO A C   
33  O O   . PRO A 14 ? 0.5469 0.4038 0.3257 -0.0513 -0.0388 0.0004  441 PRO A O   
34  C CB  . PRO A 14 ? 0.6316 0.4914 0.3298 -0.0830 -0.0446 0.0258  441 PRO A CB  
35  C CG  . PRO A 14 ? 0.6159 0.4937 0.3309 -0.0772 -0.0245 0.0344  441 PRO A CG  
36  C CD  . PRO A 14 ? 0.5903 0.4773 0.3401 -0.0567 0.0028  0.0125  441 PRO A CD  
37  N N   . PRO A 15 ? 0.6647 0.4739 0.3634 -0.0793 -0.0623 -0.0095 442 PRO A N   
38  C CA  . PRO A 15 ? 0.6475 0.4489 0.3705 -0.0819 -0.0773 -0.0062 442 PRO A CA  
39  C C   . PRO A 15 ? 0.5708 0.4167 0.3451 -0.0839 -0.0825 0.0164  442 PRO A C   
40  O O   . PRO A 15 ? 0.5016 0.3768 0.2910 -0.0889 -0.0889 0.0315  442 PRO A O   
41  C CB  . PRO A 15 ? 0.7184 0.4872 0.3980 -0.1060 -0.1009 -0.0102 442 PRO A CB  
42  C CG  . PRO A 15 ? 0.7430 0.5170 0.3834 -0.1188 -0.1058 -0.0062 442 PRO A CG  
43  C CD  . PRO A 15 ? 0.7364 0.5241 0.3752 -0.1019 -0.0770 -0.0113 442 PRO A CD  
44  N N   . GLY A 16 ? 0.5476 0.3974 0.3488 -0.0795 -0.0799 0.0179  443 GLY A N   
45  C CA  . GLY A 16 ? 0.4933 0.3873 0.3390 -0.0825 -0.0775 0.0316  443 GLY A CA  
46  C C   . GLY A 16 ? 0.4502 0.3651 0.3247 -0.0628 -0.0590 0.0290  443 GLY A C   
47  O O   . GLY A 16 ? 0.3757 0.3173 0.2788 -0.0642 -0.0533 0.0323  443 GLY A O   
48  N N   . TRP A 17 ? 0.4530 0.3574 0.3184 -0.0477 -0.0480 0.0208  444 TRP A N   
49  C CA  . TRP A 17 ? 0.4140 0.3401 0.3100 -0.0328 -0.0327 0.0196  444 TRP A CA  
50  C C   . TRP A 17 ? 0.4323 0.3461 0.3337 -0.0209 -0.0278 0.0091  444 TRP A C   
51  O O   . TRP A 17 ? 0.4683 0.3518 0.3505 -0.0168 -0.0320 -0.0007 444 TRP A O   
52  C CB  . TRP A 17 ? 0.4168 0.3448 0.3045 -0.0291 -0.0233 0.0211  444 TRP A CB  
53  C CG  . TRP A 17 ? 0.4340 0.3746 0.3258 -0.0387 -0.0351 0.0379  444 TRP A CG  
54  C CD1 . TRP A 17 ? 0.5284 0.4578 0.3889 -0.0532 -0.0524 0.0457  444 TRP A CD1 
55  C CD2 . TRP A 17 ? 0.4353 0.3985 0.3684 -0.0337 -0.0361 0.0493  444 TRP A CD2 
56  N NE1 . TRP A 17 ? 0.5027 0.4493 0.3870 -0.0568 -0.0675 0.0645  444 TRP A NE1 
57  C CE2 . TRP A 17 ? 0.4674 0.4326 0.3987 -0.0432 -0.0571 0.0662  444 TRP A CE2 
58  C CE3 . TRP A 17 ? 0.4481 0.4265 0.4214 -0.0224 -0.0249 0.0456  444 TRP A CE3 
59  C CZ2 . TRP A 17 ? 0.4862 0.4661 0.4615 -0.0378 -0.0679 0.0804  444 TRP A CZ2 
60  C CZ3 . TRP A 17 ? 0.4561 0.4463 0.4676 -0.0186 -0.0317 0.0558  444 TRP A CZ3 
61  C CH2 . TRP A 17 ? 0.4454 0.4356 0.4617 -0.0242 -0.0536 0.0735  444 TRP A CH2 
62  N N   . GLU A 18 ? 0.3931 0.3284 0.3239 -0.0144 -0.0215 0.0097  445 GLU A N   
63  C CA  . GLU A 18 ? 0.4049 0.3330 0.3464 -0.0044 -0.0238 0.0031  445 GLU A CA  
64  C C   . GLU A 18 ? 0.3691 0.3237 0.3434 0.0028  -0.0128 0.0003  445 GLU A C   
65  O O   . GLU A 18 ? 0.3344 0.3079 0.3213 -0.0024 -0.0077 0.0042  445 GLU A O   
66  C CB  . GLU A 18 ? 0.3964 0.3158 0.3250 -0.0167 -0.0384 0.0104  445 GLU A CB  
67  C CG  . GLU A 18 ? 0.4240 0.3241 0.3537 -0.0101 -0.0534 0.0100  445 GLU A CG  
68  C CD  . GLU A 18 ? 0.4835 0.3821 0.3925 -0.0292 -0.0657 0.0211  445 GLU A CD  
69  O OE1 . GLU A 18 ? 0.4261 0.3379 0.3186 -0.0491 -0.0592 0.0266  445 GLU A OE1 
70  O OE2 . GLU A 18 ? 0.5738 0.4610 0.4829 -0.0265 -0.0823 0.0244  445 GLU A OE2 
71  N N   . LYS A 19 ? 0.3514 0.3075 0.3459 0.0150  -0.0102 -0.0080 446 LYS A N   
72  C CA  . LYS A 19 ? 0.3566 0.3365 0.3853 0.0186  -0.0030 -0.0112 446 LYS A CA  
73  C C   . LYS A 19 ? 0.3619 0.3424 0.3959 0.0162  -0.0199 -0.0109 446 LYS A C   
74  O O   . LYS A 19 ? 0.3540 0.3163 0.3793 0.0194  -0.0379 -0.0093 446 LYS A O   
75  C CB  . LYS A 19 ? 0.4035 0.3936 0.4596 0.0301  0.0087  -0.0217 446 LYS A CB  
76  C CG  . LYS A 19 ? 0.4156 0.4338 0.5094 0.0275  0.0197  -0.0228 446 LYS A CG  
77  C CD  . LYS A 19 ? 0.4702 0.5098 0.5948 0.0336  0.0393  -0.0339 446 LYS A CD  
78  C CE  . LYS A 19 ? 0.4819 0.5402 0.6589 0.0466  0.0273  -0.0445 446 LYS A CE  
79  N NZ  . LYS A 19 ? 0.5171 0.5947 0.7266 0.0593  0.0475  -0.0628 446 LYS A NZ  
80  N N   . ARG A 20 ? 0.3525 0.3485 0.3973 0.0091  -0.0169 -0.0126 447 ARG A N   
81  C CA  . ARG A 20 ? 0.4007 0.3983 0.4425 0.0023  -0.0324 -0.0151 447 ARG A CA  
82  C C   . ARG A 20 ? 0.4047 0.4200 0.4780 0.0010  -0.0287 -0.0237 447 ARG A C   
83  O O   . ARG A 20 ? 0.3500 0.3744 0.4481 0.0037  -0.0128 -0.0251 447 ARG A O   
84  C CB  . ARG A 20 ? 0.4292 0.4229 0.4339 -0.0140 -0.0327 -0.0139 447 ARG A CB  
85  C CG  . ARG A 20 ? 0.4652 0.4388 0.4364 -0.0202 -0.0417 -0.0027 447 ARG A CG  
86  C CD  . ARG A 20 ? 0.5437 0.5160 0.4749 -0.0434 -0.0456 0.0004  447 ARG A CD  
87  N NE  . ARG A 20 ? 0.6147 0.5713 0.5186 -0.0548 -0.0493 0.0125  447 ARG A NE  
88  C CZ  . ARG A 20 ? 0.6105 0.5645 0.4743 -0.0812 -0.0513 0.0199  447 ARG A CZ  
89  N NH1 . ARG A 20 ? 0.5694 0.5364 0.4098 -0.0980 -0.0469 0.0132  447 ARG A NH1 
90  N NH2 . ARG A 20 ? 0.5634 0.5015 0.4065 -0.0946 -0.0562 0.0328  447 ARG A NH2 
91  N N   . THR A 21 ? 0.4410 0.4560 0.5063 -0.0076 -0.0464 -0.0275 448 THR A N   
92  C CA  . THR A 21 ? 0.4312 0.4583 0.5195 -0.0141 -0.0490 -0.0381 448 THR A CA  
93  C C   . THR A 21 ? 0.4458 0.4662 0.4939 -0.0316 -0.0518 -0.0491 448 THR A C   
94  O O   . THR A 21 ? 0.5173 0.5273 0.5217 -0.0431 -0.0673 -0.0441 448 THR A O   
95  C CB  . THR A 21 ? 0.4381 0.4757 0.5595 -0.0096 -0.0720 -0.0358 448 THR A CB  
96  O OG1 . THR A 21 ? 0.3600 0.4084 0.5187 0.0074  -0.0619 -0.0320 448 THR A OG1 
97  C CG2 . THR A 21 ? 0.4445 0.4974 0.5978 -0.0194 -0.0760 -0.0467 448 THR A CG2 
98  N N   . ASP A 22 ? 0.4242 0.4475 0.4846 -0.0354 -0.0361 -0.0650 449 ASP A N   
99  C CA  . ASP A 22 ? 0.4300 0.4497 0.4551 -0.0517 -0.0326 -0.0852 449 ASP A CA  
100 C C   . ASP A 22 ? 0.5038 0.5195 0.5081 -0.0683 -0.0577 -0.0925 449 ASP A C   
101 O O   . ASP A 22 ? 0.4870 0.5066 0.5149 -0.0650 -0.0818 -0.0798 449 ASP A O   
102 C CB  . ASP A 22 ? 0.4382 0.4576 0.4910 -0.0464 -0.0093 -0.1050 449 ASP A CB  
103 C CG  . ASP A 22 ? 0.4455 0.4569 0.5385 -0.0461 -0.0140 -0.1142 449 ASP A CG  
104 O OD1 . ASP A 22 ? 0.4813 0.4951 0.5829 -0.0532 -0.0331 -0.1097 449 ASP A OD1 
105 O OD2 . ASP A 22 ? 0.4618 0.4637 0.5841 -0.0392 0.0001  -0.1261 449 ASP A OD2 
106 N N   . SER A 23 ? 0.5596 0.5701 0.5218 -0.0869 -0.0526 -0.1151 450 SER A N   
107 C CA  . SER A 23 ? 0.6543 0.6571 0.5756 -0.1097 -0.0801 -0.1219 450 SER A CA  
108 C C   . SER A 23 ? 0.6091 0.6120 0.5749 -0.1100 -0.0944 -0.1329 450 SER A C   
109 O O   . SER A 23 ? 0.6563 0.6563 0.6036 -0.1266 -0.1262 -0.1323 450 SER A O   
110 C CB  . SER A 23 ? 0.6921 0.6899 0.5450 -0.1341 -0.0637 -0.1488 450 SER A CB  
111 O OG  . SER A 23 ? 0.6808 0.6797 0.5639 -0.1270 -0.0338 -0.1830 450 SER A OG  
112 N N   . ASN A 24 ? 0.5867 0.5911 0.6103 -0.0951 -0.0741 -0.1403 451 ASN A N   
113 C CA  . ASN A 24 ? 0.5903 0.5947 0.6637 -0.0989 -0.0870 -0.1453 451 ASN A CA  
114 C C   . ASN A 24 ? 0.5111 0.5368 0.6449 -0.0863 -0.0949 -0.1189 451 ASN A C   
115 O O   . ASN A 24 ? 0.4647 0.4974 0.6451 -0.0928 -0.1019 -0.1207 451 ASN A O   
116 C CB  . ASN A 24 ? 0.6016 0.5880 0.7034 -0.0951 -0.0635 -0.1668 451 ASN A CB  
117 C CG  . ASN A 24 ? 0.6900 0.6566 0.7491 -0.1095 -0.0568 -0.2055 451 ASN A CG  
118 O OD1 . ASN A 24 ? 0.7663 0.7320 0.7704 -0.1309 -0.0744 -0.2173 451 ASN A OD1 
119 N ND2 . ASN A 24 ? 0.6964 0.6459 0.7798 -0.0985 -0.0325 -0.2269 451 ASN A ND2 
120 N N   . GLY A 25 ? 0.4730 0.5095 0.6069 -0.0701 -0.0906 -0.0976 452 GLY A N   
121 C CA  . GLY A 25 ? 0.4453 0.5042 0.6351 -0.0565 -0.0888 -0.0798 452 GLY A CA  
122 C C   . GLY A 25 ? 0.4192 0.4781 0.6324 -0.0450 -0.0573 -0.0720 452 GLY A C   
123 O O   . GLY A 25 ? 0.4183 0.4978 0.6699 -0.0376 -0.0496 -0.0606 452 GLY A O   
124 N N   . ARG A 26 ? 0.4197 0.4577 0.6106 -0.0439 -0.0398 -0.0783 453 ARG A N   
125 C CA  . ARG A 26 ? 0.3856 0.4179 0.5932 -0.0355 -0.0182 -0.0657 453 ARG A CA  
126 C C   . ARG A 26 ? 0.3611 0.3966 0.5444 -0.0224 -0.0102 -0.0529 453 ARG A C   
127 O O   . ARG A 26 ? 0.3822 0.4116 0.5302 -0.0199 -0.0121 -0.0568 453 ARG A O   
128 C CB  . ARG A 26 ? 0.4493 0.4563 0.6590 -0.0368 -0.0096 -0.0766 453 ARG A CB  
129 C CG  . ARG A 26 ? 0.5701 0.5628 0.7984 -0.0510 -0.0187 -0.0954 453 ARG A CG  
130 C CD  . ARG A 26 ? 0.7076 0.6693 0.9421 -0.0467 -0.0110 -0.1128 453 ARG A CD  
131 N NE  . ARG A 26 ? 0.7733 0.7314 0.9767 -0.0473 -0.0086 -0.1446 453 ARG A NE  
132 C CZ  . ARG A 26 ? 0.9202 0.8609 1.1326 -0.0385 0.0035  -0.1686 453 ARG A CZ  
133 N NH1 . ARG A 26 ? 0.9565 0.8756 1.2115 -0.0255 0.0066  -0.1599 453 ARG A NH1 
134 N NH2 . ARG A 26 ? 0.9929 0.9380 1.1724 -0.0432 0.0121  -0.2018 453 ARG A NH2 
135 N N   . VAL A 27 ? 0.3230 0.3681 0.5225 -0.0179 0.0004  -0.0386 454 VAL A N   
136 C CA  . VAL A 27 ? 0.2940 0.3381 0.4696 -0.0076 0.0073  -0.0292 454 VAL A CA  
137 C C   . VAL A 27 ? 0.3173 0.3441 0.4726 -0.0062 0.0144  -0.0230 454 VAL A C   
138 O O   . VAL A 27 ? 0.2954 0.3115 0.4663 -0.0105 0.0183  -0.0190 454 VAL A O   
139 C CB  . VAL A 27 ? 0.3173 0.3783 0.5129 -0.0060 0.0209  -0.0223 454 VAL A CB  
140 C CG1 . VAL A 27 ? 0.3250 0.3783 0.4886 0.0029  0.0286  -0.0171 454 VAL A CG1 
141 C CG2 . VAL A 27 ? 0.3326 0.4199 0.5675 -0.0034 0.0118  -0.0310 454 VAL A CG2 
142 N N   . TYR A 28 ? 0.2953 0.3182 0.4214 -0.0011 0.0121  -0.0215 455 TYR A N   
143 C CA  . TYR A 28 ? 0.3222 0.3371 0.4385 0.0009  0.0158  -0.0139 455 TYR A CA  
144 C C   . TYR A 28 ? 0.3513 0.3639 0.4370 0.0030  0.0141  -0.0061 455 TYR A C   
145 O O   . TYR A 28 ? 0.3220 0.3336 0.3946 0.0054  0.0108  -0.0081 455 TYR A O   
146 C CB  . TYR A 28 ? 0.3041 0.3207 0.4283 0.0009  0.0155  -0.0272 455 TYR A CB  
147 C CG  . TYR A 28 ? 0.3419 0.3664 0.4380 -0.0047 0.0132  -0.0378 455 TYR A CG  
148 C CD1 . TYR A 28 ? 0.3376 0.3623 0.4220 -0.0119 0.0061  -0.0482 455 TYR A CD1 
149 C CD2 . TYR A 28 ? 0.3264 0.3575 0.4052 -0.0074 0.0153  -0.0347 455 TYR A CD2 
150 C CE1 . TYR A 28 ? 0.3605 0.3869 0.4074 -0.0230 0.0008  -0.0528 455 TYR A CE1 
151 C CE2 . TYR A 28 ? 0.3595 0.3953 0.4058 -0.0195 0.0140  -0.0401 455 TYR A CE2 
152 C CZ  . TYR A 28 ? 0.3648 0.3959 0.3911 -0.0278 0.0068  -0.0481 455 TYR A CZ  
153 O OH  . TYR A 28 ? 0.3657 0.3963 0.3488 -0.0452 0.0026  -0.0482 455 TYR A OH  
154 N N   . PHE A 29 ? 0.3103 0.3195 0.3900 0.0025  0.0129  0.0024  456 PHE A N   
155 C CA  . PHE A 29 ? 0.3334 0.3369 0.3834 0.0006  0.0088  0.0093  456 PHE A CA  
156 C C   . PHE A 29 ? 0.3556 0.3684 0.4081 -0.0030 0.0034  0.0094  456 PHE A C   
157 O O   . PHE A 29 ? 0.3381 0.3617 0.4219 -0.0002 0.0036  0.0081  456 PHE A O   
158 C CB  . PHE A 29 ? 0.3625 0.3559 0.3977 -0.0023 0.0107  0.0221  456 PHE A CB  
159 C CG  . PHE A 29 ? 0.3390 0.3335 0.3767 -0.0027 0.0237  0.0196  456 PHE A CG  
160 C CD1 . PHE A 29 ? 0.3661 0.3643 0.4310 -0.0065 0.0286  0.0238  456 PHE A CD1 
161 C CD2 . PHE A 29 ? 0.3931 0.3861 0.4124 -0.0004 0.0318  0.0114  456 PHE A CD2 
162 C CE1 . PHE A 29 ? 0.3496 0.3568 0.4232 -0.0117 0.0429  0.0221  456 PHE A CE1 
163 C CE2 . PHE A 29 ? 0.4137 0.4192 0.4476 -0.0009 0.0486  0.0052  456 PHE A CE2 
164 C CZ  . PHE A 29 ? 0.3626 0.3789 0.4237 -0.0085 0.0550  0.0120  456 PHE A CZ  
165 N N   . VAL A 30 ? 0.3818 0.3910 0.4075 -0.0097 -0.0015 0.0096  457 VAL A N   
166 C CA  . VAL A 30 ? 0.3921 0.4176 0.4221 -0.0191 -0.0032 0.0089  457 VAL A CA  
167 C C   . VAL A 30 ? 0.3850 0.4013 0.3951 -0.0266 -0.0146 0.0203  457 VAL A C   
168 O O   . VAL A 30 ? 0.3465 0.3373 0.3234 -0.0281 -0.0199 0.0222  457 VAL A O   
169 C CB  . VAL A 30 ? 0.4395 0.4654 0.4467 -0.0305 -0.0016 0.0027  457 VAL A CB  
170 C CG1 . VAL A 30 ? 0.4857 0.5374 0.4998 -0.0461 0.0038  0.0009  457 VAL A CG1 
171 C CG2 . VAL A 30 ? 0.4563 0.4853 0.4690 -0.0273 0.0043  -0.0091 457 VAL A CG2 
172 N N   . ASN A 31 ? 0.3864 0.4241 0.4222 -0.0310 -0.0198 0.0250  458 ASN A N   
173 C CA  . ASN A 31 ? 0.3847 0.4163 0.4023 -0.0431 -0.0351 0.0353  458 ASN A CA  
174 C C   . ASN A 31 ? 0.3562 0.4122 0.3846 -0.0600 -0.0336 0.0328  458 ASN A C   
175 O O   . ASN A 31 ? 0.3178 0.4156 0.3971 -0.0601 -0.0268 0.0276  458 ASN A O   
176 C CB  . ASN A 31 ? 0.3690 0.4080 0.4087 -0.0397 -0.0501 0.0477  458 ASN A CB  
177 C CG  . ASN A 31 ? 0.4331 0.4662 0.4504 -0.0562 -0.0709 0.0578  458 ASN A CG  
178 O OD1 . ASN A 31 ? 0.4466 0.4731 0.4410 -0.0706 -0.0719 0.0539  458 ASN A OD1 
179 N ND2 . ASN A 31 ? 0.4827 0.5133 0.5029 -0.0574 -0.0914 0.0724  458 ASN A ND2 
180 N N   . HIS A 32 ? 0.3453 0.3752 0.3305 -0.0749 -0.0393 0.0355  459 HIS A N   
181 C CA  . HIS A 32 ? 0.3678 0.4116 0.3483 -0.0987 -0.0366 0.0367  459 HIS A CA  
182 C C   . HIS A 32 ? 0.3891 0.4626 0.3970 -0.1165 -0.0466 0.0434  459 HIS A C   
183 O O   . HIS A 32 ? 0.4091 0.5124 0.4303 -0.1393 -0.0387 0.0436  459 HIS A O   
184 C CB  . HIS A 32 ? 0.3857 0.3799 0.3117 -0.1090 -0.0464 0.0416  459 HIS A CB  
185 C CG  . HIS A 32 ? 0.3905 0.3690 0.3017 -0.0978 -0.0400 0.0367  459 HIS A CG  
186 N ND1 . HIS A 32 ? 0.3971 0.3923 0.3014 -0.1119 -0.0299 0.0358  459 HIS A ND1 
187 C CD2 . HIS A 32 ? 0.3993 0.3506 0.3024 -0.0763 -0.0432 0.0320  459 HIS A CD2 
188 C CE1 . HIS A 32 ? 0.3995 0.3741 0.2893 -0.0996 -0.0332 0.0331  459 HIS A CE1 
189 N NE2 . HIS A 32 ? 0.3768 0.3274 0.2726 -0.0768 -0.0411 0.0307  459 HIS A NE2 
190 N N   . ASN A 33 ? 0.3816 0.4492 0.3965 -0.1095 -0.0646 0.0497  460 ASN A N   
191 C CA  . ASN A 33 ? 0.4005 0.5007 0.4514 -0.1245 -0.0816 0.0576  460 ASN A CA  
192 C C   . ASN A 33 ? 0.3584 0.5207 0.4914 -0.1130 -0.0726 0.0524  460 ASN A C   
193 O O   . ASN A 33 ? 0.3828 0.5943 0.5637 -0.1290 -0.0696 0.0503  460 ASN A O   
194 C CB  . ASN A 33 ? 0.4136 0.4813 0.4339 -0.1235 -0.1093 0.0673  460 ASN A CB  
195 C CG  . ASN A 33 ? 0.4662 0.4751 0.4134 -0.1360 -0.1171 0.0648  460 ASN A CG  
196 O OD1 . ASN A 33 ? 0.5682 0.5675 0.5017 -0.1578 -0.1203 0.0651  460 ASN A OD1 
197 N ND2 . ASN A 33 ? 0.4795 0.4479 0.3815 -0.1234 -0.1182 0.0606  460 ASN A ND2 
198 N N   . THR A 34 ? 0.3474 0.5072 0.5018 -0.0857 -0.0681 0.0488  461 THR A N   
199 C CA  . THR A 34 ? 0.3180 0.5254 0.5581 -0.0679 -0.0652 0.0422  461 THR A CA  
200 C C   . THR A 34 ? 0.3166 0.5470 0.5808 -0.0587 -0.0301 0.0182  461 THR A C   
201 O O   . THR A 34 ? 0.2916 0.5657 0.6332 -0.0440 -0.0196 0.0028  461 THR A O   
202 C CB  . THR A 34 ? 0.3229 0.5044 0.5717 -0.0463 -0.0873 0.0555  461 THR A CB  
203 O OG1 . THR A 34 ? 0.3253 0.4610 0.5177 -0.0380 -0.0750 0.0538  461 THR A OG1 
204 C CG2 . THR A 34 ? 0.3494 0.5129 0.5727 -0.0592 -0.1252 0.0789  461 THR A CG2 
205 N N   . ARG A 35 ? 0.3503 0.5501 0.5497 -0.0675 -0.0141 0.0134  462 ARG A N   
206 C CA  . ARG A 35 ? 0.3810 0.5928 0.5797 -0.0654 0.0154  -0.0082 462 ARG A CA  
207 C C   . ARG A 35 ? 0.3933 0.5987 0.6265 -0.0374 0.0195  -0.0198 462 ARG A C   
208 O O   . ARG A 35 ? 0.4435 0.6746 0.7084 -0.0316 0.0429  -0.0448 462 ARG A O   
209 C CB  . ARG A 35 ? 0.4456 0.7181 0.6849 -0.0826 0.0408  -0.0259 462 ARG A CB  
210 C CG  . ARG A 35 ? 0.4964 0.7733 0.6955 -0.1188 0.0404  -0.0134 462 ARG A CG  
211 C CD  . ARG A 35 ? 0.5731 0.9240 0.8282 -0.1382 0.0681  -0.0306 462 ARG A CD  
212 N NE  . ARG A 35 ? 0.6135 0.9668 0.8219 -0.1815 0.0720  -0.0173 462 ARG A NE  
213 C CZ  . ARG A 35 ? 0.7421 1.1080 0.9078 -0.2120 0.1008  -0.0250 462 ARG A CZ  
214 N NH1 . ARG A 35 ? 0.7776 1.1371 0.8986 -0.2551 0.0981  -0.0059 462 ARG A NH1 
215 N NH2 . ARG A 35 ? 0.7755 1.1558 0.9361 -0.2039 0.1304  -0.0510 462 ARG A NH2 
216 N N   . ILE A 36 ? 0.3774 0.5473 0.6023 -0.0232 -0.0023 -0.0030 463 ILE A N   
217 C CA  . ILE A 36 ? 0.4153 0.5686 0.6661 -0.0015 -0.0018 -0.0087 463 ILE A CA  
218 C C   . ILE A 36 ? 0.3729 0.4858 0.5642 -0.0031 0.0024  -0.0063 463 ILE A C   
219 O O   . ILE A 36 ? 0.3598 0.4504 0.4989 -0.0132 -0.0045 0.0063  463 ILE A O   
220 C CB  . ILE A 36 ? 0.4502 0.5923 0.7367 0.0116  -0.0302 0.0119  463 ILE A CB  
221 C CG1 . ILE A 36 ? 0.5323 0.6344 0.7524 0.0013  -0.0493 0.0383  463 ILE A CG1 
222 C CG2 . ILE A 36 ? 0.4453 0.6330 0.8011 0.0137  -0.0414 0.0117  463 ILE A CG2 
223 C CD1 . ILE A 36 ? 0.6102 0.7039 0.8450 0.0021  -0.0829 0.0643  463 ILE A CD1 
224 N N   . THR A 37 ? 0.3717 0.4781 0.5787 0.0070  0.0137  -0.0223 464 THR A N   
225 C CA  . THR A 37 ? 0.3574 0.4332 0.5289 0.0070  0.0149  -0.0209 464 THR A CA  
226 C C   . THR A 37 ? 0.3783 0.4336 0.5815 0.0197  0.0060  -0.0138 464 THR A C   
227 O O   . THR A 37 ? 0.3571 0.4198 0.6151 0.0320  0.0034  -0.0216 464 THR A O   
228 C CB  . THR A 37 ? 0.3729 0.4559 0.5323 0.0015  0.0317  -0.0454 464 THR A CB  
229 O OG1 . THR A 37 ? 0.3646 0.4662 0.5729 0.0102  0.0443  -0.0699 464 THR A OG1 
230 C CG2 . THR A 37 ? 0.3651 0.4610 0.4831 -0.0171 0.0374  -0.0465 464 THR A CG2 
231 N N   . GLN A 38 ? 0.3426 0.3721 0.5163 0.0162  0.0014  0.0008  465 GLN A N   
232 C CA  . GLN A 38 ? 0.3448 0.3504 0.5388 0.0201  -0.0073 0.0136  465 GLN A CA  
233 C C   . GLN A 38 ? 0.3395 0.3310 0.5068 0.0116  0.0000  0.0166  465 GLN A C   
234 O O   . GLN A 38 ? 0.3201 0.3184 0.4536 0.0062  0.0067  0.0150  465 GLN A O   
235 C CB  . GLN A 38 ? 0.3597 0.3539 0.5498 0.0182  -0.0274 0.0422  465 GLN A CB  
236 C CG  . GLN A 38 ? 0.3571 0.3462 0.4867 0.0049  -0.0268 0.0562  465 GLN A CG  
237 C CD  . GLN A 38 ? 0.3990 0.3755 0.5098 -0.0027 -0.0488 0.0826  465 GLN A CD  
238 O OE1 . GLN A 38 ? 0.4224 0.4077 0.5687 0.0036  -0.0680 0.0892  465 GLN A OE1 
239 N NE2 . GLN A 38 ? 0.4142 0.3734 0.4692 -0.0173 -0.0461 0.0958  465 GLN A NE2 
240 N N   . TRP A 39 ? 0.3519 0.3239 0.5414 0.0102  -0.0028 0.0212  466 TRP A N   
241 C CA  . TRP A 39 ? 0.3831 0.3500 0.5612 -0.0007 0.0053  0.0230  466 TRP A CA  
242 C C   . TRP A 39 ? 0.3907 0.3547 0.5329 -0.0123 0.0086  0.0459  466 TRP A C   
243 O O   . TRP A 39 ? 0.4393 0.4149 0.5699 -0.0195 0.0216  0.0423  466 TRP A O   
244 C CB  . TRP A 39 ? 0.4100 0.3533 0.6233 -0.0040 0.0002  0.0225  466 TRP A CB  
245 C CG  . TRP A 39 ? 0.3885 0.3295 0.6353 0.0056  0.0006  -0.0083 466 TRP A CG  
246 C CD1 . TRP A 39 ? 0.4150 0.3319 0.7042 0.0152  -0.0085 -0.0160 466 TRP A CD1 
247 C CD2 . TRP A 39 ? 0.3769 0.3359 0.6146 0.0040  0.0093  -0.0366 466 TRP A CD2 
248 N NE1 . TRP A 39 ? 0.3914 0.3127 0.6962 0.0200  -0.0001 -0.0533 466 TRP A NE1 
249 C CE2 . TRP A 39 ? 0.3698 0.3167 0.6370 0.0106  0.0099  -0.0643 466 TRP A CE2 
250 C CE3 . TRP A 39 ? 0.3532 0.3341 0.5604 -0.0023 0.0138  -0.0411 466 TRP A CE3 
251 C CZ2 . TRP A 39 ? 0.3914 0.3487 0.6451 0.0058  0.0172  -0.0962 466 TRP A CZ2 
252 C CZ3 . TRP A 39 ? 0.3963 0.3850 0.5937 -0.0063 0.0146  -0.0669 466 TRP A CZ3 
253 C CH2 . TRP A 39 ? 0.3945 0.3721 0.6088 -0.0047 0.0175  -0.0942 466 TRP A CH2 
254 N N   . GLU A 40 ? 0.4176 0.3682 0.5438 -0.0148 -0.0037 0.0672  467 GLU A N   
255 C CA  . GLU A 40 ? 0.4417 0.3822 0.5244 -0.0320 -0.0012 0.0897  467 GLU A CA  
256 C C   . GLU A 40 ? 0.4489 0.4041 0.4901 -0.0324 0.0090  0.0810  467 GLU A C   
257 O O   . GLU A 40 ? 0.4523 0.4139 0.4899 -0.0231 0.0006  0.0735  467 GLU A O   
258 C CB  . GLU A 40 ? 0.4952 0.4085 0.5712 -0.0381 -0.0265 0.1195  467 GLU A CB  
259 C CG  . GLU A 40 ? 0.5524 0.4376 0.6701 -0.0387 -0.0410 0.1323  467 GLU A CG  
260 C CD  . GLU A 40 ? 0.5689 0.4572 0.7511 -0.0136 -0.0509 0.1104  467 GLU A CD  
261 O OE1 . GLU A 40 ? 0.4983 0.4132 0.6910 0.0010  -0.0496 0.0927  467 GLU A OE1 
262 O OE2 . GLU A 40 ? 0.5563 0.4200 0.7785 -0.0108 -0.0584 0.1093  467 GLU A OE2 
263 N N   . ASP A 41 ? 0.4998 0.4607 0.5123 -0.0447 0.0286  0.0802  468 ASP A N   
264 C CA  . ASP A 41 ? 0.4640 0.4325 0.4381 -0.0440 0.0399  0.0672  468 ASP A CA  
265 C C   . ASP A 41 ? 0.5026 0.4508 0.4283 -0.0551 0.0231  0.0856  468 ASP A C   
266 O O   . ASP A 41 ? 0.5604 0.4921 0.4594 -0.0736 0.0170  0.1099  468 ASP A O   
267 C CB  . ASP A 41 ? 0.4535 0.4381 0.4187 -0.0538 0.0693  0.0575  468 ASP A CB  
268 C CG  . ASP A 41 ? 0.4624 0.4541 0.4038 -0.0463 0.0833  0.0345  468 ASP A CG  
269 O OD1 . ASP A 41 ? 0.4347 0.4084 0.3381 -0.0455 0.0706  0.0346  468 ASP A OD1 
270 O OD2 . ASP A 41 ? 0.4835 0.4993 0.4511 -0.0406 0.1055  0.0145  468 ASP A OD2 
271 N N   . PRO A 42 ? 0.5371 0.4841 0.4505 -0.0472 0.0107  0.0770  469 PRO A N   
272 C CA  . PRO A 42 ? 0.5443 0.4743 0.4129 -0.0602 -0.0101 0.0932  469 PRO A CA  
273 C C   . PRO A 42 ? 0.6564 0.5732 0.4543 -0.0816 0.0046  0.0946  469 PRO A C   
274 O O   . PRO A 42 ? 0.7252 0.6228 0.4755 -0.1013 -0.0146 0.1171  469 PRO A O   
275 C CB  . PRO A 42 ? 0.5260 0.4611 0.3981 -0.0507 -0.0187 0.0771  469 PRO A CB  
276 C CG  . PRO A 42 ? 0.4821 0.4275 0.3734 -0.0369 0.0031  0.0520  469 PRO A CG  
277 C CD  . PRO A 42 ? 0.4496 0.4080 0.3847 -0.0310 0.0129  0.0547  469 PRO A CD  
278 N N   . ARG A 43 ? 0.6147 0.5432 0.4062 -0.0792 0.0379  0.0699  470 ARG A N   
279 C CA  . ARG A 43 ? 0.7134 0.6364 0.4395 -0.1002 0.0620  0.0625  470 ARG A CA  
280 C C   . ARG A 43 ? 0.7820 0.7012 0.4816 -0.1273 0.0685  0.0905  470 ARG A C   
281 O O   . ARG A 43 ? 0.8329 0.7412 0.4583 -0.1551 0.0807  0.0950  470 ARG A O   
282 C CB  . ARG A 43 ? 0.6851 0.6288 0.4306 -0.0864 0.0978  0.0249  470 ARG A CB  
283 C CG  . ARG A 43 ? 0.6462 0.5803 0.4023 -0.0649 0.0884  -0.0002 470 ARG A CG  
284 C CD  . ARG A 43 ? 0.6396 0.5941 0.4431 -0.0433 0.1136  -0.0322 470 ARG A CD  
285 N NE  . ARG A 43 ? 0.6004 0.5797 0.4742 -0.0306 0.1106  -0.0242 470 ARG A NE  
286 C CZ  . ARG A 43 ? 0.6026 0.6032 0.5327 -0.0109 0.1208  -0.0447 470 ARG A CZ  
287 N NH1 . ARG A 43 ? 0.6407 0.6415 0.5761 0.0033  0.1361  -0.0758 470 ARG A NH1 
288 N NH2 . ARG A 43 ? 0.5755 0.5955 0.5594 -0.0048 0.1128  -0.0355 470 ARG A NH2 
289 N N   . SER A 44 ? 0.8037 0.7275 0.5585 -0.1227 0.0598  0.1092  471 SER A N   
290 C CA  . SER A 44 ? 0.8887 0.7963 0.6224 -0.1502 0.0546  0.1441  471 SER A CA  
291 C C   . SER A 44 ? 0.9825 0.8536 0.6839 -0.1614 0.0083  0.1815  471 SER A C   
292 O O   . SER A 44 ? 1.0768 0.9227 0.7504 -0.1869 -0.0059 0.2175  471 SER A O   
293 C CB  . SER A 44 ? 0.8527 0.7700 0.6603 -0.1415 0.0573  0.1487  471 SER A CB  
294 O OG  . SER A 44 ? 0.8310 0.7851 0.6714 -0.1361 0.0949  0.1194  471 SER A OG  
295 N N   . GLN A 45 ? 0.9989 0.8674 0.7064 -0.1447 -0.0178 0.1751  472 GLN A N   
296 C CA  . GLN A 45 ? 1.0228 0.8665 0.7221 -0.1499 -0.0670 0.2080  472 GLN A CA  
297 C C   . GLN A 45 ? 1.0718 0.9075 0.7029 -0.1631 -0.0811 0.2036  472 GLN A C   
298 O O   . GLN A 45 ? 1.0478 0.8643 0.6590 -0.1744 -0.1251 0.2324  472 GLN A O   
299 C CB  . GLN A 45 ? 0.9874 0.8443 0.7816 -0.1169 -0.0891 0.2036  472 GLN A CB  
300 C CG  . GLN A 45 ? 0.9482 0.8121 0.8101 -0.1016 -0.0735 0.1970  472 GLN A CG  
301 C CD  . GLN A 45 ? 0.9142 0.7974 0.8600 -0.0698 -0.0828 0.1787  472 GLN A CD  
302 O OE1 . GLN A 45 ? 0.8579 0.7609 0.8139 -0.0584 -0.0870 0.1627  472 GLN A OE1 
303 N NE2 . GLN A 45 ? 0.8951 0.7722 0.8985 -0.0587 -0.0839 0.1792  472 GLN A NE2 
304 N N   A LEU B 10 ? 0.4418 0.7248 0.8264 0.0946  0.1042  0.0723  437 LEU B N   
305 N N   B LEU B 10 ? 0.4581 0.7023 0.7555 0.0472  0.0677  0.0626  437 LEU B N   
306 C CA  A LEU B 10 ? 0.4379 0.6848 0.7645 0.0712  0.0748  0.0608  437 LEU B CA  
307 C CA  B LEU B 10 ? 0.4569 0.7073 0.7897 0.0725  0.0756  0.0625  437 LEU B CA  
308 C C   . LEU B 10 ? 0.4490 0.6822 0.7826 0.0677  0.0446  0.0646  437 LEU B C   
309 O O   . LEU B 10 ? 0.4475 0.6818 0.7743 0.0436  0.0157  0.0739  437 LEU B O   
310 C CB  A LEU B 10 ? 0.4432 0.6475 0.6988 0.0767  0.0880  0.0336  437 LEU B CB  
311 C CB  B LEU B 10 ? 0.4481 0.7536 0.8599 0.0831  0.0908  0.0868  437 LEU B CB  
312 N N   . GLY B 11 ? 0.4248 0.6381 0.7640 0.0905  0.0531  0.0566  438 GLY B N   
313 C CA  . GLY B 11 ? 0.4063 0.6046 0.7536 0.0904  0.0288  0.0638  438 GLY B CA  
314 C C   . GLY B 11 ? 0.4276 0.5773 0.7124 0.0789  0.0158  0.0442  438 GLY B C   
315 O O   . GLY B 11 ? 0.3783 0.5112 0.6154 0.0684  0.0205  0.0269  438 GLY B O   
316 N N   . PRO B 12 ? 0.4372 0.5673 0.7262 0.0813  -0.0002 0.0505  439 PRO B N   
317 C CA  . PRO B 12 ? 0.4647 0.5546 0.7031 0.0686  -0.0117 0.0364  439 PRO B CA  
318 C C   . PRO B 12 ? 0.3994 0.4938 0.6097 0.0418  -0.0339 0.0431  439 PRO B C   
319 O O   . PRO B 12 ? 0.3546 0.4787 0.5856 0.0301  -0.0480 0.0612  439 PRO B O   
320 C CB  . PRO B 12 ? 0.4914 0.5608 0.7502 0.0807  -0.0183 0.0467  439 PRO B CB  
321 C CG  . PRO B 12 ? 0.4858 0.5953 0.8055 0.0918  -0.0250 0.0762  439 PRO B CG  
322 C CD  . PRO B 12 ? 0.4759 0.6223 0.8210 0.0977  -0.0062 0.0745  439 PRO B CD  
323 N N   . LEU B 13 ? 0.3986 0.4630 0.5625 0.0314  -0.0357 0.0282  440 LEU B N   
324 C CA  . LEU B 13 ? 0.3556 0.4131 0.4875 0.0096  -0.0508 0.0321  440 LEU B CA  
325 C C   . LEU B 13 ? 0.3319 0.3898 0.4705 0.0014  -0.0728 0.0520  440 LEU B C   
326 O O   . LEU B 13 ? 0.3074 0.3628 0.4707 0.0143  -0.0758 0.0618  440 LEU B O   
327 C CB  . LEU B 13 ? 0.4313 0.4600 0.5230 0.0050  -0.0452 0.0162  440 LEU B CB  
328 C CG  . LEU B 13 ? 0.4283 0.4594 0.5061 0.0102  -0.0293 0.0001  440 LEU B CG  
329 C CD1 . LEU B 13 ? 0.4381 0.4492 0.4924 0.0085  -0.0274 -0.0124 440 LEU B CD1 
330 C CD2 . LEU B 13 ? 0.4273 0.4680 0.4923 0.0002  -0.0273 0.0039  440 LEU B CD2 
331 N N   . PRO B 14 ? 0.3435 0.4007 0.4564 -0.0202 -0.0881 0.0585  441 PRO B N   
332 C CA  . PRO B 14 ? 0.3385 0.3940 0.4446 -0.0309 -0.1117 0.0775  441 PRO B CA  
333 C C   . PRO B 14 ? 0.3775 0.3984 0.4542 -0.0286 -0.1104 0.0767  441 PRO B C   
334 O O   . PRO B 14 ? 0.3351 0.3326 0.3888 -0.0263 -0.0933 0.0590  441 PRO B O   
335 C CB  . PRO B 14 ? 0.3829 0.4354 0.4530 -0.0581 -0.1242 0.0767  441 PRO B CB  
336 C CG  . PRO B 14 ? 0.3973 0.4688 0.4882 -0.0581 -0.1111 0.0680  441 PRO B CG  
337 C CD  . PRO B 14 ? 0.3757 0.4370 0.4704 -0.0361 -0.0857 0.0522  441 PRO B CD  
338 N N   . PRO B 15 ? 0.3929 0.4134 0.4739 -0.0294 -0.1286 0.0988  442 PRO B N   
339 C CA  . PRO B 15 ? 0.4448 0.4310 0.4950 -0.0307 -0.1266 0.1024  442 PRO B CA  
340 C C   . PRO B 15 ? 0.4235 0.3826 0.4184 -0.0460 -0.1146 0.0851  442 PRO B C   
341 O O   . PRO B 15 ? 0.4559 0.4140 0.4178 -0.0626 -0.1198 0.0806  442 PRO B O   
342 C CB  . PRO B 15 ? 0.4855 0.4800 0.5305 -0.0384 -0.1541 0.1328  442 PRO B CB  
343 C CG  . PRO B 15 ? 0.4647 0.5041 0.5676 -0.0296 -0.1683 0.1484  442 PRO B CG  
344 C CD  . PRO B 15 ? 0.4405 0.4960 0.5569 -0.0302 -0.1529 0.1256  442 PRO B CD  
345 N N   . GLY B 16 ? 0.4327 0.3704 0.4227 -0.0399 -0.0967 0.0748  443 GLY B N   
346 C CA  . GLY B 16 ? 0.4357 0.3523 0.3848 -0.0501 -0.0817 0.0635  443 GLY B CA  
347 C C   . GLY B 16 ? 0.4401 0.3634 0.3954 -0.0455 -0.0646 0.0424  443 GLY B C   
348 O O   . GLY B 16 ? 0.4699 0.3813 0.4065 -0.0487 -0.0495 0.0357  443 GLY B O   
349 N N   . TRP B 17 ? 0.3981 0.3429 0.3813 -0.0371 -0.0655 0.0349  444 TRP B N   
350 C CA  . TRP B 17 ? 0.3755 0.3282 0.3583 -0.0334 -0.0521 0.0196  444 TRP B CA  
351 C C   . TRP B 17 ? 0.3402 0.3005 0.3468 -0.0217 -0.0440 0.0082  444 TRP B C   
352 O O   . TRP B 17 ? 0.3275 0.2881 0.3572 -0.0139 -0.0470 0.0082  444 TRP B O   
353 C CB  . TRP B 17 ? 0.3897 0.3602 0.3811 -0.0343 -0.0562 0.0195  444 TRP B CB  
354 C CG  . TRP B 17 ? 0.3931 0.3524 0.3532 -0.0511 -0.0621 0.0233  444 TRP B CG  
355 C CD1 . TRP B 17 ? 0.4271 0.3878 0.3794 -0.0646 -0.0813 0.0353  444 TRP B CD1 
356 C CD2 . TRP B 17 ? 0.4101 0.3518 0.3404 -0.0573 -0.0493 0.0148  444 TRP B CD2 
357 N NE1 . TRP B 17 ? 0.4582 0.3996 0.3711 -0.0829 -0.0822 0.0308  444 TRP B NE1 
358 C CE2 . TRP B 17 ? 0.4689 0.3940 0.3676 -0.0772 -0.0598 0.0178  444 TRP B CE2 
359 C CE3 . TRP B 17 ? 0.4378 0.3752 0.3654 -0.0478 -0.0304 0.0063  444 TRP B CE3 
360 C CZ2 . TRP B 17 ? 0.4966 0.3920 0.3579 -0.0874 -0.0479 0.0090  444 TRP B CZ2 
361 C CZ3 . TRP B 17 ? 0.4584 0.3718 0.3562 -0.0539 -0.0182 0.0024  444 TRP B CZ3 
362 C CH2 . TRP B 17 ? 0.5210 0.4086 0.3839 -0.0735 -0.0249 0.0019  444 TRP B CH2 
363 N N   . GLU B 18 ? 0.3507 0.3160 0.3504 -0.0204 -0.0338 -0.0014 445 GLU B N   
364 C CA  . GLU B 18 ? 0.3921 0.3670 0.4070 -0.0136 -0.0305 -0.0135 445 GLU B CA  
365 C C   . GLU B 18 ? 0.3401 0.3317 0.3483 -0.0089 -0.0243 -0.0186 445 GLU B C   
366 O O   . GLU B 18 ? 0.3409 0.3311 0.3359 -0.0111 -0.0191 -0.0129 445 GLU B O   
367 C CB  . GLU B 18 ? 0.3995 0.3668 0.4178 -0.0201 -0.0292 -0.0149 445 GLU B CB  
368 C CG  . GLU B 18 ? 0.3750 0.3480 0.4054 -0.0202 -0.0310 -0.0293 445 GLU B CG  
369 C CD  . GLU B 18 ? 0.3553 0.3312 0.3951 -0.0317 -0.0308 -0.0278 445 GLU B CD  
370 O OE1 . GLU B 18 ? 0.3005 0.2709 0.3383 -0.0365 -0.0248 -0.0148 445 GLU B OE1 
371 O OE2 . GLU B 18 ? 0.3621 0.3475 0.4102 -0.0375 -0.0362 -0.0393 445 GLU B OE2 
372 N N   . LYS B 19 ? 0.3461 0.3491 0.3599 -0.0018 -0.0234 -0.0288 446 LYS B N   
373 C CA  . LYS B 19 ? 0.3700 0.3896 0.3739 0.0033  -0.0183 -0.0308 446 LYS B CA  
374 C C   . LYS B 19 ? 0.3877 0.4167 0.3894 0.0008  -0.0225 -0.0368 446 LYS B C   
375 O O   . LYS B 19 ? 0.4002 0.4230 0.4062 -0.0037 -0.0282 -0.0483 446 LYS B O   
376 C CB  . LYS B 19 ? 0.4339 0.4611 0.4387 0.0118  -0.0130 -0.0376 446 LYS B CB  
377 C CG  . LYS B 19 ? 0.4473 0.4908 0.4357 0.0169  -0.0068 -0.0367 446 LYS B CG  
378 C CD  . LYS B 19 ? 0.4735 0.5238 0.4576 0.0254  0.0037  -0.0430 446 LYS B CD  
379 C CE  . LYS B 19 ? 0.6017 0.6520 0.5618 0.0272  0.0027  -0.0598 446 LYS B CE  
380 N NZ  . LYS B 19 ? 0.6304 0.6781 0.5816 0.0372  0.0183  -0.0704 446 LYS B NZ  
381 N N   . ARG B 20 ? 0.3454 0.3895 0.3425 0.0034  -0.0201 -0.0282 447 ARG B N   
382 C CA  . ARG B 20 ? 0.3823 0.4482 0.3831 0.0012  -0.0279 -0.0291 447 ARG B CA  
383 C C   . ARG B 20 ? 0.3691 0.4556 0.3575 0.0103  -0.0267 -0.0208 447 ARG B C   
384 O O   . ARG B 20 ? 0.3223 0.4020 0.3019 0.0177  -0.0162 -0.0127 447 ARG B O   
385 C CB  . ARG B 20 ? 0.4282 0.4995 0.4475 -0.0023 -0.0254 -0.0178 447 ARG B CB  
386 C CG  . ARG B 20 ? 0.4760 0.5294 0.5061 -0.0125 -0.0255 -0.0207 447 ARG B CG  
387 C CD  . ARG B 20 ? 0.5258 0.5891 0.5709 -0.0249 -0.0377 -0.0296 447 ARG B CD  
388 N NE  . ARG B 20 ? 0.5719 0.6337 0.6381 -0.0340 -0.0332 -0.0207 447 ARG B NE  
389 C CZ  . ARG B 20 ? 0.5642 0.6558 0.6574 -0.0403 -0.0351 -0.0118 447 ARG B CZ  
390 N NH1 . ARG B 20 ? 0.5132 0.6420 0.6169 -0.0387 -0.0459 -0.0090 447 ARG B NH1 
391 N NH2 . ARG B 20 ? 0.5811 0.6693 0.6940 -0.0486 -0.0262 -0.0026 447 ARG B NH2 
392 N N   . THR B 21 ? 0.3657 0.4781 0.3544 0.0076  -0.0392 -0.0209 448 THR B N   
393 C CA  . THR B 21 ? 0.3772 0.5159 0.3575 0.0166  -0.0422 -0.0058 448 THR B CA  
394 C C   . THR B 21 ? 0.3762 0.5442 0.3870 0.0175  -0.0488 0.0113  448 THR B C   
395 O O   . THR B 21 ? 0.3562 0.5354 0.3875 0.0048  -0.0594 0.0051  448 THR B O   
396 C CB  . THR B 21 ? 0.4246 0.5755 0.3740 0.0116  -0.0555 -0.0185 448 THR B CB  
397 O OG1 . THR B 21 ? 0.4029 0.5284 0.3296 0.0141  -0.0434 -0.0329 448 THR B OG1 
398 C CG2 . THR B 21 ? 0.5213 0.7001 0.4566 0.0210  -0.0606 0.0011  448 THR B CG2 
399 N N   . ASP B 22 ? 0.3641 0.5444 0.3829 0.0331  -0.0403 0.0346  449 ASP B N   
400 C CA  . ASP B 22 ? 0.3837 0.6012 0.4398 0.0390  -0.0451 0.0559  449 ASP B CA  
401 C C   . ASP B 22 ? 0.4020 0.6674 0.4580 0.0352  -0.0721 0.0646  449 ASP B C   
402 O O   . ASP B 22 ? 0.4618 0.7257 0.4792 0.0281  -0.0848 0.0519  449 ASP B O   
403 C CB  . ASP B 22 ? 0.3687 0.5736 0.4394 0.0602  -0.0203 0.0788  449 ASP B CB  
404 C CG  . ASP B 22 ? 0.3887 0.5877 0.4380 0.0760  -0.0141 0.0951  449 ASP B CG  
405 O OD1 . ASP B 22 ? 0.4299 0.6519 0.4591 0.0748  -0.0314 0.0985  449 ASP B OD1 
406 O OD2 . ASP B 22 ? 0.3453 0.5129 0.3957 0.0894  0.0102  0.1059  449 ASP B OD2 
407 N N   . SER B 23 ? 0.4440 0.7540 0.5434 0.0389  -0.0809 0.0865  450 SER B N   
408 C CA  . SER B 23 ? 0.4644 0.8287 0.5685 0.0313  -0.1132 0.0977  450 SER B CA  
409 C C   . SER B 23 ? 0.5200 0.8891 0.5865 0.0460  -0.1173 0.1134  450 SER B C   
410 O O   . SER B 23 ? 0.5065 0.8975 0.5394 0.0338  -0.1436 0.1084  450 SER B O   
411 C CB  . SER B 23 ? 0.4456 0.8663 0.6176 0.0357  -0.1202 0.1261  450 SER B CB  
412 O OG  . SER B 23 ? 0.3965 0.8018 0.6013 0.0604  -0.0862 0.1450  450 SER B OG  
413 N N   . ASN B 24 ? 0.5366 0.8790 0.6031 0.0699  -0.0896 0.1307  451 ASN B N   
414 C CA  . ASN B 24 ? 0.5830 0.9179 0.6130 0.0844  -0.0858 0.1474  451 ASN B CA  
415 C C   . ASN B 24 ? 0.5635 0.8626 0.5342 0.0736  -0.0817 0.1215  451 ASN B C   
416 O O   . ASN B 24 ? 0.5414 0.8398 0.4777 0.0819  -0.0804 0.1353  451 ASN B O   
417 C CB  . ASN B 24 ? 0.5885 0.8939 0.6370 0.1105  -0.0535 0.1716  451 ASN B CB  
418 C CG  . ASN B 24 ? 0.6108 0.9553 0.7142 0.1315  -0.0530 0.2081  451 ASN B CG  
419 O OD1 . ASN B 24 ? 0.6528 1.0567 0.7759 0.1304  -0.0818 0.2268  451 ASN B OD1 
420 N ND2 . ASN B 24 ? 0.6150 0.9259 0.7434 0.1508  -0.0199 0.2190  451 ASN B ND2 
421 N N   . GLY B 25 ? 0.5309 0.8004 0.4927 0.0579  -0.0765 0.0881  452 GLY B N   
422 C CA  . GLY B 25 ? 0.5203 0.7595 0.4360 0.0505  -0.0692 0.0645  452 GLY B CA  
423 C C   . GLY B 25 ? 0.4783 0.6747 0.3961 0.0569  -0.0406 0.0608  452 GLY B C   
424 O O   . GLY B 25 ? 0.4924 0.6688 0.3840 0.0528  -0.0313 0.0453  452 GLY B O   
425 N N   . ARG B 26 ? 0.4720 0.6546 0.4211 0.0659  -0.0260 0.0745  453 ARG B N   
426 C CA  . ARG B 26 ? 0.4225 0.5646 0.3692 0.0675  -0.0031 0.0718  453 ARG B CA  
427 C C   . ARG B 26 ? 0.4305 0.5516 0.3849 0.0539  -0.0019 0.0469  453 ARG B C   
428 O O   . ARG B 26 ? 0.3697 0.4947 0.3450 0.0492  -0.0075 0.0415  453 ARG B O   
429 C CB  . ARG B 26 ? 0.4758 0.5997 0.4403 0.0818  0.0150  0.0948  453 ARG B CB  
430 C CG  . ARG B 26 ? 0.5121 0.5904 0.4644 0.0778  0.0360  0.0915  453 ARG B CG  
431 C CD  . ARG B 26 ? 0.5317 0.5757 0.4884 0.0894  0.0580  0.1108  453 ARG B CD  
432 N NE  . ARG B 26 ? 0.5542 0.5577 0.4969 0.0754  0.0708  0.1005  453 ARG B NE  
433 C CZ  . ARG B 26 ? 0.5323 0.4906 0.4695 0.0755  0.0907  0.1080  453 ARG B CZ  
434 N NH1 . ARG B 26 ? 0.6016 0.5429 0.5462 0.0936  0.1053  0.1264  453 ARG B NH1 
435 N NH2 . ARG B 26 ? 0.5338 0.4630 0.4602 0.0563  0.0959  0.0970  453 ARG B NH2 
436 N N   . VAL B 27 ? 0.3796 0.4813 0.3207 0.0482  0.0060  0.0354  454 VAL B N   
437 C CA  . VAL B 27 ? 0.3343 0.4197 0.2839 0.0376  0.0052  0.0168  454 VAL B CA  
438 C C   . VAL B 27 ? 0.3432 0.4028 0.3042 0.0343  0.0140  0.0207  454 VAL B C   
439 O O   . VAL B 27 ? 0.3388 0.3798 0.2943 0.0359  0.0264  0.0309  454 VAL B O   
440 C CB  . VAL B 27 ? 0.3422 0.4224 0.2826 0.0350  0.0119  0.0080  454 VAL B CB  
441 C CG1 . VAL B 27 ? 0.3383 0.4060 0.2941 0.0272  0.0091  -0.0061 454 VAL B CG1 
442 C CG2 . VAL B 27 ? 0.3636 0.4611 0.2808 0.0385  0.0083  0.0005  454 VAL B CG2 
443 N N   . TYR B 28 ? 0.3423 0.3951 0.3139 0.0273  0.0087  0.0117  455 TYR B N   
444 C CA  . TYR B 28 ? 0.3278 0.3519 0.2979 0.0215  0.0169  0.0126  455 TYR B CA  
445 C C   . TYR B 28 ? 0.3635 0.3801 0.3374 0.0109  0.0082  0.0014  455 TYR B C   
446 O O   . TYR B 28 ? 0.3332 0.3631 0.3149 0.0099  -0.0015 -0.0074 455 TYR B O   
447 C CB  . TYR B 28 ? 0.3539 0.3732 0.3296 0.0286  0.0268  0.0223  455 TYR B CB  
448 C CG  . TYR B 28 ? 0.3043 0.3462 0.2997 0.0278  0.0190  0.0207  455 TYR B CG  
449 C CD1 . TYR B 28 ? 0.2850 0.3633 0.2950 0.0317  0.0069  0.0244  455 TYR B CD1 
450 C CD2 . TYR B 28 ? 0.3318 0.3583 0.3288 0.0199  0.0227  0.0165  455 TYR B CD2 
451 C CE1 . TYR B 28 ? 0.2958 0.3970 0.3289 0.0261  -0.0020 0.0235  455 TYR B CE1 
452 C CE2 . TYR B 28 ? 0.3125 0.3599 0.3324 0.0166  0.0178  0.0175  455 TYR B CE2 
453 C CZ  . TYR B 28 ? 0.2907 0.3762 0.3318 0.0186  0.0049  0.0206  455 TYR B CZ  
454 O OH  . TYR B 28 ? 0.2887 0.3968 0.3566 0.0106  -0.0019 0.0219  455 TYR B OH  
455 N N   . PHE B 29 ? 0.3490 0.3397 0.3128 0.0027  0.0121  0.0022  456 PHE B N   
456 C CA  . PHE B 29 ? 0.3570 0.3398 0.3215 -0.0073 0.0023  -0.0027 456 PHE B CA  
457 C C   . PHE B 29 ? 0.3892 0.3520 0.3412 -0.0128 0.0069  -0.0010 456 PHE B C   
458 O O   . PHE B 29 ? 0.3963 0.3396 0.3308 -0.0121 0.0208  0.0019  456 PHE B O   
459 C CB  . PHE B 29 ? 0.3895 0.3662 0.3506 -0.0156 -0.0020 -0.0013 456 PHE B CB  
460 C CG  . PHE B 29 ? 0.3794 0.3786 0.3560 -0.0091 -0.0015 -0.0013 456 PHE B CG  
461 C CD1 . PHE B 29 ? 0.3924 0.3927 0.3626 -0.0051 0.0092  0.0041  456 PHE B CD1 
462 C CD2 . PHE B 29 ? 0.3643 0.3797 0.3597 -0.0050 -0.0080 -0.0053 456 PHE B CD2 
463 C CE1 . PHE B 29 ? 0.3955 0.4161 0.3747 0.0010  0.0131  0.0057  456 PHE B CE1 
464 C CE2 . PHE B 29 ? 0.3791 0.4130 0.3843 0.0027  -0.0014 -0.0065 456 PHE B CE2 
465 C CZ  . PHE B 29 ? 0.3783 0.4164 0.3733 0.0049  0.0089  -0.0008 456 PHE B CZ  
466 N N   . VAL B 30 ? 0.3702 0.3354 0.3307 -0.0167 -0.0011 -0.0024 457 VAL B N   
467 C CA  . VAL B 30 ? 0.4014 0.3495 0.3494 -0.0224 0.0057  0.0017  457 VAL B CA  
468 C C   . VAL B 30 ? 0.4097 0.3395 0.3395 -0.0338 -0.0051 0.0047  457 VAL B C   
469 O O   . VAL B 30 ? 0.4211 0.3600 0.3681 -0.0341 -0.0194 0.0058  457 VAL B O   
470 C CB  . VAL B 30 ? 0.3973 0.3623 0.3705 -0.0208 0.0056  0.0024  457 VAL B CB  
471 C CG1 . VAL B 30 ? 0.4242 0.3747 0.3872 -0.0258 0.0189  0.0099  457 VAL B CG1 
472 C CG2 . VAL B 30 ? 0.3542 0.3479 0.3494 -0.0119 0.0074  0.0014  457 VAL B CG2 
473 N N   . ASN B 31 ? 0.4500 0.3524 0.3430 -0.0424 0.0020  0.0071  458 ASN B N   
474 C CA  . ASN B 31 ? 0.4545 0.3411 0.3231 -0.0555 -0.0115 0.0135  458 ASN B CA  
475 C C   . ASN B 31 ? 0.4677 0.3415 0.3234 -0.0576 -0.0016 0.0203  458 ASN B C   
476 O O   . ASN B 31 ? 0.4288 0.2815 0.2540 -0.0592 0.0189  0.0192  458 ASN B O   
477 C CB  . ASN B 31 ? 0.4983 0.3588 0.3223 -0.0699 -0.0141 0.0103  458 ASN B CB  
478 C CG  . ASN B 31 ? 0.5691 0.4212 0.3675 -0.0858 -0.0359 0.0197  458 ASN B CG  
479 O OD1 . ASN B 31 ? 0.4986 0.3524 0.2993 -0.0846 -0.0407 0.0305  458 ASN B OD1 
480 N ND2 . ASN B 31 ? 0.5722 0.4166 0.3474 -0.1023 -0.0508 0.0179  458 ASN B ND2 
481 N N   . HIS B 32 ? 0.4866 0.3696 0.3650 -0.0572 -0.0129 0.0283  459 HIS B N   
482 C CA  . HIS B 32 ? 0.5069 0.3801 0.3820 -0.0601 -0.0023 0.0374  459 HIS B CA  
483 C C   . HIS B 32 ? 0.5550 0.4001 0.3785 -0.0720 -0.0032 0.0490  459 HIS B C   
484 O O   . HIS B 32 ? 0.5970 0.4296 0.4063 -0.0753 0.0125  0.0573  459 HIS B O   
485 C CB  . HIS B 32 ? 0.4632 0.3487 0.3811 -0.0566 -0.0111 0.0411  459 HIS B CB  
486 C CG  . HIS B 32 ? 0.4120 0.3207 0.3682 -0.0497 -0.0065 0.0290  459 HIS B CG  
487 N ND1 . HIS B 32 ? 0.4005 0.3202 0.3716 -0.0508 0.0088  0.0292  459 HIS B ND1 
488 C CD2 . HIS B 32 ? 0.4081 0.3336 0.3884 -0.0423 -0.0158 0.0176  459 HIS B CD2 
489 C CE1 . HIS B 32 ? 0.3825 0.3263 0.3846 -0.0465 0.0039  0.0189  459 HIS B CE1 
490 N NE2 . HIS B 32 ? 0.4066 0.3510 0.4092 -0.0412 -0.0097 0.0104  459 HIS B NE2 
491 N N   . ASN B 33 ? 0.5854 0.4230 0.3806 -0.0804 -0.0222 0.0507  460 ASN B N   
492 C CA  . ASN B 33 ? 0.6429 0.4522 0.3744 -0.0957 -0.0266 0.0598  460 ASN B CA  
493 C C   . ASN B 33 ? 0.6561 0.4342 0.3326 -0.1016 -0.0011 0.0468  460 ASN B C   
494 O O   . ASN B 33 ? 0.7339 0.4866 0.3652 -0.1073 0.0154  0.0524  460 ASN B O   
495 C CB  . ASN B 33 ? 0.6536 0.4702 0.3745 -0.1064 -0.0595 0.0658  460 ASN B CB  
496 C CG  . ASN B 33 ? 0.6253 0.4652 0.3907 -0.0993 -0.0820 0.0851  460 ASN B CG  
497 O OD1 . ASN B 33 ? 0.6487 0.4800 0.4164 -0.0959 -0.0785 0.1004  460 ASN B OD1 
498 N ND2 . ASN B 33 ? 0.6016 0.4694 0.4059 -0.0957 -0.1019 0.0860  460 ASN B ND2 
499 N N   . THR B 34 ? 0.6411 0.4168 0.3188 -0.0995 0.0048  0.0304  461 THR B N   
500 C CA  . THR B 34 ? 0.6973 0.4347 0.3233 -0.1022 0.0335  0.0167  461 THR B CA  
501 C C   . THR B 34 ? 0.6716 0.4175 0.3324 -0.0820 0.0677  0.0138  461 THR B C   
502 O O   . THR B 34 ? 0.6898 0.4046 0.3166 -0.0778 0.0993  0.0061  461 THR B O   
503 C CB  . THR B 34 ? 0.7063 0.4266 0.3105 -0.1125 0.0245  0.0018  461 THR B CB  
504 O OG1 . THR B 34 ? 0.6498 0.4066 0.3182 -0.1010 0.0148  0.0010  461 THR B OG1 
505 C CG2 . THR B 34 ? 0.7537 0.4640 0.3143 -0.1381 -0.0091 0.0051  461 THR B CG2 
506 N N   . ARG B 35 ? 0.5622 0.3498 0.2905 -0.0696 0.0617  0.0204  462 ARG B N   
507 C CA  . ARG B 35 ? 0.5844 0.3934 0.3568 -0.0525 0.0859  0.0213  462 ARG B CA  
508 C C   . ARG B 35 ? 0.5909 0.3935 0.3658 -0.0413 0.1002  0.0118  462 ARG B C   
509 O O   . ARG B 35 ? 0.5935 0.3873 0.3684 -0.0292 0.1307  0.0126  462 ARG B O   
510 C CB  . ARG B 35 ? 0.6327 0.4338 0.3958 -0.0505 0.1157  0.0309  462 ARG B CB  
511 C CG  . ARG B 35 ? 0.6459 0.4557 0.4170 -0.0610 0.1012  0.0443  462 ARG B CG  
512 C CD  . ARG B 35 ? 0.7313 0.5428 0.5085 -0.0616 0.1279  0.0585  462 ARG B CD  
513 N NE  . ARG B 35 ? 0.7770 0.5942 0.5682 -0.0724 0.1066  0.0718  462 ARG B NE  
514 C CZ  . ARG B 35 ? 0.8355 0.6339 0.5978 -0.0822 0.1155  0.0881  462 ARG B CZ  
515 N NH1 . ARG B 35 ? 0.9272 0.7010 0.6403 -0.0836 0.1482  0.0926  462 ARG B NH1 
516 N NH2 . ARG B 35 ? 0.8238 0.6247 0.6054 -0.0895 0.0941  0.1012  462 ARG B NH2 
517 N N   . ILE B 36 ? 0.5765 0.3855 0.3594 -0.0437 0.0793  0.0056  463 ILE B N   
518 C CA  . ILE B 36 ? 0.6160 0.4207 0.4079 -0.0325 0.0914  0.0004  463 ILE B CA  
519 C C   . ILE B 36 ? 0.5311 0.3782 0.3737 -0.0247 0.0724  0.0031  463 ILE B C   
520 O O   . ILE B 36 ? 0.5374 0.4103 0.4024 -0.0292 0.0504  0.0049  463 ILE B O   
521 C CB  . ILE B 36 ? 0.6915 0.4488 0.4293 -0.0464 0.0919  -0.0113 463 ILE B CB  
522 C CG1 . ILE B 36 ? 0.7565 0.5268 0.4948 -0.0643 0.0562  -0.0124 463 ILE B CG1 
523 C CG2 . ILE B 36 ? 0.7397 0.4470 0.4131 -0.0554 0.1130  -0.0178 463 ILE B CG2 
524 C CD1 . ILE B 36 ? 0.8499 0.5835 0.5472 -0.0830 0.0509  -0.0226 463 ILE B CD1 
525 N N   . THR B 37 ? 0.5033 0.3524 0.3590 -0.0117 0.0841  0.0041  464 THR B N   
526 C CA  . THR B 37 ? 0.4933 0.3762 0.3840 -0.0040 0.0704  0.0072  464 THR B CA  
527 C C   . THR B 37 ? 0.4908 0.3480 0.3633 -0.0045 0.0765  0.0050  464 THR B C   
528 O O   . THR B 37 ? 0.5647 0.3788 0.4061 -0.0049 0.0971  0.0018  464 THR B O   
529 C CB  . THR B 37 ? 0.4968 0.4185 0.4302 0.0137  0.0765  0.0177  464 THR B CB  
530 O OG1 . THR B 37 ? 0.4943 0.4016 0.4280 0.0296  0.1033  0.0258  464 THR B OG1 
531 C CG2 . THR B 37 ? 0.5341 0.4782 0.4880 0.0095  0.0721  0.0201  464 THR B CG2 
532 N N   . GLN B 38 ? 0.4383 0.3174 0.3277 -0.0058 0.0610  0.0062  465 GLN B N   
533 C CA  . GLN B 38 ? 0.4532 0.3124 0.3321 -0.0082 0.0665  0.0074  465 GLN B CA  
534 C C   . GLN B 38 ? 0.3964 0.2948 0.3041 -0.0011 0.0553  0.0141  465 GLN B C   
535 O O   . GLN B 38 ? 0.3561 0.2889 0.2832 0.0002  0.0405  0.0122  465 GLN B O   
536 C CB  . GLN B 38 ? 0.4555 0.2837 0.3036 -0.0329 0.0573  -0.0019 465 GLN B CB  
537 C CG  . GLN B 38 ? 0.4381 0.2997 0.3050 -0.0440 0.0312  -0.0022 465 GLN B CG  
538 C CD  . GLN B 38 ? 0.4897 0.3305 0.3318 -0.0700 0.0167  -0.0070 465 GLN B CD  
539 O OE1 . GLN B 38 ? 0.5193 0.3209 0.3198 -0.0815 0.0219  -0.0140 465 GLN B OE1 
540 N NE2 . GLN B 38 ? 0.4807 0.3508 0.3489 -0.0795 -0.0017 -0.0023 465 GLN B NE2 
541 N N   . TRP B 39 ? 0.4108 0.2980 0.3161 0.0021  0.0646  0.0213  466 TRP B N   
542 C CA  . TRP B 39 ? 0.4020 0.3212 0.3249 0.0080  0.0587  0.0292  466 TRP B CA  
543 C C   . TRP B 39 ? 0.4131 0.3427 0.3413 -0.0087 0.0462  0.0238  466 TRP B C   
544 O O   . TRP B 39 ? 0.4409 0.4028 0.3846 -0.0038 0.0406  0.0260  466 TRP B O   
545 C CB  . TRP B 39 ? 0.4639 0.3649 0.3823 0.0180  0.0759  0.0436  466 TRP B CB  
546 C CG  . TRP B 39 ? 0.4567 0.3567 0.3814 0.0403  0.0894  0.0562  466 TRP B CG  
547 C CD1 . TRP B 39 ? 0.4688 0.3261 0.3837 0.0493  0.1124  0.0639  466 TRP B CD1 
548 C CD2 . TRP B 39 ? 0.4263 0.3711 0.3727 0.0564  0.0808  0.0645  466 TRP B CD2 
549 N NE1 . TRP B 39 ? 0.4826 0.3611 0.4185 0.0738  0.1199  0.0801  466 TRP B NE1 
550 C CE2 . TRP B 39 ? 0.4664 0.4019 0.4229 0.0763  0.0982  0.0811  466 TRP B CE2 
551 C CE3 . TRP B 39 ? 0.4215 0.4116 0.3801 0.0549  0.0603  0.0594  466 TRP B CE3 
552 C CZ2 . TRP B 39 ? 0.4318 0.4119 0.4164 0.0932  0.0918  0.0957  466 TRP B CZ2 
553 C CZ3 . TRP B 39 ? 0.3793 0.4058 0.3571 0.0674  0.0531  0.0694  466 TRP B CZ3 
554 C CH2 . TRP B 39 ? 0.3894 0.4161 0.3835 0.0856  0.0667  0.0888  466 TRP B CH2 
555 N N   . GLU B 40 ? 0.4265 0.3303 0.3417 -0.0285 0.0419  0.0174  467 GLU B N   
556 C CA  . GLU B 40 ? 0.4491 0.3675 0.3782 -0.0458 0.0293  0.0175  467 GLU B CA  
557 C C   . GLU B 40 ? 0.3971 0.3493 0.3474 -0.0447 0.0122  0.0140  467 GLU B C   
558 O O   . GLU B 40 ? 0.4257 0.3708 0.3666 -0.0460 0.0043  0.0086  467 GLU B O   
559 C CB  . GLU B 40 ? 0.5141 0.3942 0.4198 -0.0720 0.0255  0.0126  467 GLU B CB  
560 C CG  . GLU B 40 ? 0.5958 0.4331 0.4822 -0.0779 0.0440  0.0152  467 GLU B CG  
561 C CD  . GLU B 40 ? 0.6493 0.4495 0.5107 -0.0604 0.0647  0.0132  467 GLU B CD  
562 O OE1 . GLU B 40 ? 0.5523 0.3496 0.4017 -0.0536 0.0637  0.0062  467 GLU B OE1 
563 O OE2 . GLU B 40 ? 0.6574 0.4320 0.5147 -0.0522 0.0840  0.0216  467 GLU B OE2 
564 N N   . ASP B 41 ? 0.3742 0.3602 0.3531 -0.0412 0.0100  0.0186  468 ASP B N   
565 C CA  . ASP B 41 ? 0.3455 0.3588 0.3494 -0.0380 -0.0024 0.0171  468 ASP B CA  
566 C C   . ASP B 41 ? 0.3638 0.3748 0.3733 -0.0589 -0.0202 0.0211  468 ASP B C   
567 O O   . ASP B 41 ? 0.3904 0.4051 0.4093 -0.0757 -0.0229 0.0276  468 ASP B O   
568 C CB  . ASP B 41 ? 0.3445 0.3901 0.3758 -0.0275 0.0068  0.0217  468 ASP B CB  
569 C CG  . ASP B 41 ? 0.3054 0.3754 0.3654 -0.0170 0.0014  0.0195  468 ASP B CG  
570 O OD1 . ASP B 41 ? 0.3094 0.3790 0.3801 -0.0211 -0.0136 0.0207  468 ASP B OD1 
571 O OD2 . ASP B 41 ? 0.3466 0.4344 0.4171 -0.0029 0.0149  0.0178  468 ASP B OD2 
572 N N   . PRO B 42 ? 0.3637 0.3701 0.3674 -0.0601 -0.0341 0.0193  469 PRO B N   
573 C CA  . PRO B 42 ? 0.3932 0.4009 0.3971 -0.0799 -0.0557 0.0261  469 PRO B CA  
574 C C   . PRO B 42 ? 0.3865 0.4373 0.4406 -0.0834 -0.0658 0.0395  469 PRO B C   
575 O O   . PRO B 42 ? 0.3905 0.4497 0.4504 -0.1067 -0.0842 0.0480  469 PRO B O   
576 C CB  . PRO B 42 ? 0.3651 0.3658 0.3595 -0.0724 -0.0644 0.0258  469 PRO B CB  
577 C CG  . PRO B 42 ? 0.4044 0.3918 0.3867 -0.0556 -0.0470 0.0160  469 PRO B CG  
578 C CD  . PRO B 42 ? 0.3531 0.3551 0.3511 -0.0443 -0.0314 0.0129  469 PRO B CD  
579 N N   . ARG B 43 ? 0.3722 0.4510 0.4625 -0.0614 -0.0531 0.0415  470 ARG B N   
580 C CA  . ARG B 43 ? 0.3736 0.4972 0.5195 -0.0594 -0.0554 0.0560  470 ARG B CA  
581 C C   . ARG B 43 ? 0.3956 0.5340 0.5570 -0.0777 -0.0507 0.0634  470 ARG B C   
582 O O   . ARG B 43 ? 0.3570 0.5375 0.5695 -0.0842 -0.0576 0.0797  470 ARG B O   
583 C CB  . ARG B 43 ? 0.3329 0.4734 0.5047 -0.0301 -0.0361 0.0528  470 ARG B CB  
584 C CG  . ARG B 43 ? 0.3137 0.4397 0.4802 -0.0153 -0.0416 0.0477  470 ARG B CG  
585 C CD  . ARG B 43 ? 0.3218 0.4490 0.4982 0.0101  -0.0196 0.0371  470 ARG B CD  
586 N NE  . ARG B 43 ? 0.3201 0.4269 0.4554 0.0122  -0.0056 0.0207  470 ARG B NE  
587 C CZ  . ARG B 43 ? 0.3956 0.4901 0.5157 0.0273  0.0070  0.0055  470 ARG B CZ  
588 N NH1 . ARG B 43 ? 0.4366 0.5281 0.5764 0.0428  0.0120  0.0008  470 ARG B NH1 
589 N NH2 . ARG B 43 ? 0.4055 0.4891 0.4901 0.0266  0.0139  -0.0048 470 ARG B NH2 
590 N N   . SER B 44 ? 0.4191 0.5239 0.5416 -0.0855 -0.0380 0.0545  471 SER B N   
591 C CA  . SER B 44 ? 0.4781 0.5832 0.6076 -0.1079 -0.0336 0.0615  471 SER B CA  
592 C C   . SER B 44 ? 0.5021 0.5932 0.6197 -0.1446 -0.0598 0.0634  471 SER B C   
593 O O   . SER B 44 ? 0.4916 0.5838 0.6205 -0.1696 -0.0605 0.0695  471 SER B O   
594 C CB  . SER B 44 ? 0.4911 0.5586 0.5821 -0.1021 -0.0105 0.0541  471 SER B CB  
595 O OG  . SER B 44 ? 0.4742 0.5598 0.5738 -0.0748 0.0099  0.0547  471 SER B OG  
596 N N   . GLN B 45 ? 0.4932 0.5664 0.5811 -0.1490 -0.0797 0.0573  472 GLN B N   
597 C CA  . GLN B 45 ? 0.5953 0.6630 0.6683 -0.1824 -0.1104 0.0601  472 GLN B CA  
598 C C   . GLN B 45 ? 0.5740 0.6983 0.6991 -0.1782 -0.1350 0.0794  472 GLN B C   
599 O O   . GLN B 45 ? 0.6479 0.7820 0.7685 -0.2042 -0.1670 0.0876  472 GLN B O   
600 C CB  . GLN B 45 ? 0.6611 0.6708 0.6602 -0.1886 -0.1143 0.0436  472 GLN B CB  
601 C CG  . GLN B 45 ? 0.7316 0.6804 0.6791 -0.1896 -0.0883 0.0261  472 GLN B CG  
602 C CD  . GLN B 45 ? 0.8230 0.7126 0.6972 -0.2070 -0.0929 0.0106  472 GLN B CD  
603 O OE1 . GLN B 45 ? 0.9131 0.8044 0.7669 -0.2069 -0.1087 0.0115  472 GLN B OE1 
604 N NE2 . GLN B 45 ? 0.8266 0.6595 0.6582 -0.2210 -0.0762 -0.0029 472 GLN B NE2 
605 N N   A GLU C 4  ? 0.7117 0.5687 0.6298 -0.0584 0.0377  -0.0441 329 GLU C N   
606 N N   B GLU C 4  ? 0.6764 0.6061 0.6543 -0.0508 0.0068  -0.0466 329 GLU C N   
607 C CA  A GLU C 4  ? 0.6958 0.5898 0.6361 -0.0431 0.0211  -0.0424 329 GLU C CA  
608 C CA  B GLU C 4  ? 0.6854 0.5801 0.6266 -0.0434 0.0209  -0.0425 329 GLU C CA  
609 C C   . GLU C 4  ? 0.6800 0.5845 0.6235 -0.0317 0.0229  -0.0359 329 GLU C C   
610 O O   . GLU C 4  ? 0.7199 0.6013 0.6442 -0.0386 0.0373  -0.0345 329 GLU C O   
611 C CB  A GLU C 4  ? 0.6895 0.6203 0.6731 -0.0536 0.0095  -0.0471 329 GLU C CB  
612 C CB  B GLU C 4  ? 0.6673 0.5322 0.5768 -0.0320 0.0161  -0.0417 329 GLU C CB  
613 N N   . ALA C 5  ? 0.5999 0.5280 0.5562 -0.0179 0.0110  -0.0329 330 ALA C N   
614 C CA  . ALA C 5  ? 0.5693 0.5060 0.5296 -0.0101 0.0103  -0.0280 330 ALA C CA  
615 C C   . ALA C 5  ? 0.5043 0.4772 0.5011 -0.0078 0.0076  -0.0290 330 ALA C C   
616 O O   . ALA C 5  ? 0.4823 0.4700 0.4936 -0.0103 -0.0029 -0.0305 330 ALA C O   
617 C CB  . ALA C 5  ? 0.6260 0.5554 0.5787 0.0035  -0.0019 -0.0210 330 ALA C CB  
618 N N   . PRO C 6  ? 0.4637 0.4412 0.4688 -0.0051 0.0146  -0.0278 331 PRO C N   
619 C CA  . PRO C 6  ? 0.4330 0.4384 0.4747 0.0009  0.0106  -0.0262 331 PRO C CA  
620 C C   . PRO C 6  ? 0.4181 0.4303 0.4501 0.0099  -0.0052 -0.0207 331 PRO C C   
621 O O   . PRO C 6  ? 0.4342 0.4342 0.4443 0.0128  -0.0067 -0.0196 331 PRO C O   
622 C CB  . PRO C 6  ? 0.4399 0.4310 0.4768 0.0008  0.0287  -0.0282 331 PRO C CB  
623 C CG  . PRO C 6  ? 0.4819 0.4311 0.4632 -0.0072 0.0335  -0.0288 331 PRO C CG  
624 C CD  . PRO C 6  ? 0.4947 0.4370 0.4635 -0.0106 0.0265  -0.0279 331 PRO C CD  
625 N N   . PRO C 7  ? 0.4361 0.4625 0.4876 0.0141  -0.0143 -0.0164 332 PRO C N   
626 C CA  . PRO C 7  ? 0.4468 0.4656 0.4742 0.0180  -0.0221 -0.0115 332 PRO C CA  
627 C C   . PRO C 7  ? 0.4087 0.4231 0.4300 0.0228  -0.0122 -0.0103 332 PRO C C   
628 O O   . PRO C 7  ? 0.4382 0.4517 0.4661 0.0225  -0.0082 -0.0114 332 PRO C O   
629 C CB  . PRO C 7  ? 0.4642 0.4886 0.5076 0.0206  -0.0376 -0.0040 332 PRO C CB  
630 C CG  . PRO C 7  ? 0.4663 0.5107 0.5606 0.0187  -0.0434 -0.0053 332 PRO C CG  
631 C CD  . PRO C 7  ? 0.4237 0.4681 0.5231 0.0155  -0.0173 -0.0146 332 PRO C CD  
632 N N   . CYS C 8  ? 0.4289 0.4351 0.4379 0.0240  -0.0067 -0.0090 333 CYS C N   
633 C CA  . CYS C 8  ? 0.4191 0.4291 0.4446 0.0264  0.0002  -0.0066 333 CYS C CA  
634 C C   . CYS C 8  ? 0.4252 0.4356 0.4522 0.0258  -0.0025 -0.0024 333 CYS C C   
635 O O   . CYS C 8  ? 0.3885 0.3909 0.4013 0.0262  -0.0064 0.0017  333 CYS C O   
636 C CB  . CYS C 8  ? 0.4535 0.4548 0.4811 0.0271  0.0189  -0.0075 333 CYS C CB  
637 S SG  . CYS C 8  ? 0.5380 0.5264 0.5637 0.0306  0.0308  -0.0140 333 CYS C SG  
638 N N   . TYR C 9  ? 0.3637 0.3757 0.4037 0.0236  -0.0049 -0.0023 334 TYR C N   
639 C CA  . TYR C 9  ? 0.4499 0.4543 0.4897 0.0217  -0.0035 0.0001  334 TYR C CA  
640 C C   . TYR C 9  ? 0.4413 0.4375 0.4727 0.0220  0.0044  0.0061  334 TYR C C   
641 O O   . TYR C 9  ? 0.3999 0.3837 0.4210 0.0247  0.0014  0.0110  334 TYR C O   
642 C CB  . TYR C 9  ? 0.4408 0.4412 0.4910 0.0133  -0.0100 -0.0007 334 TYR C CB  
643 C CG  . TYR C 9  ? 0.4410 0.4234 0.4824 0.0079  -0.0073 -0.0007 334 TYR C CG  
644 C CD1 . TYR C 9  ? 0.4684 0.4269 0.4862 0.0066  -0.0040 -0.0061 334 TYR C CD1 
645 C CD2 . TYR C 9  ? 0.4384 0.4200 0.4932 0.0030  -0.0010 0.0036  334 TYR C CD2 
646 C CE1 . TYR C 9  ? 0.4836 0.4159 0.4898 0.0021  0.0030  -0.0078 334 TYR C CE1 
647 C CE2 . TYR C 9  ? 0.4570 0.4153 0.5001 -0.0030 0.0021  0.0035  334 TYR C CE2 
648 C CZ  . TYR C 9  ? 0.4865 0.4195 0.5048 -0.0025 0.0027  -0.0024 334 TYR C CZ  
649 O OH  . TYR C 9  ? 0.5424 0.4434 0.5462 -0.0077 0.0101  -0.0041 334 TYR C OH  
650 N N   . MET C 10 ? 0.5212 0.5173 0.5566 0.0186  0.0174  0.0061  335 MET C N   
651 C CA  . MET C 10 ? 0.5931 0.5648 0.6040 0.0135  0.0338  0.0109  335 MET C CA  
652 C C   . MET C 10 ? 0.6088 0.5513 0.5651 0.0141  0.0257  0.0156  335 MET C C   
653 O O   . MET C 10 ? 0.6809 0.5863 0.5942 0.0084  0.0303  0.0231  335 MET C O   
654 C CB  . MET C 10 ? 0.7015 0.6760 0.7395 0.0079  0.0619  0.0074  335 MET C CB  
655 C CG  . MET C 10 ? 0.7524 0.7550 0.8556 0.0036  0.0572  0.0068  335 MET C CG  
656 S SD  . MET C 10 ? 0.8511 0.8382 0.9489 -0.0077 0.0570  0.0118  335 MET C SD  
657 C CE  . MET C 10 ? 0.8287 0.7710 0.8746 -0.0146 0.0940  0.0163  335 MET C CE  
658 N N   . ASP C 11 ? 0.5632 0.5161 0.5174 0.0181  0.0096  0.0124  336 ASP C N   
659 C CA  . ASP C 11 ? 0.6587 0.5915 0.5784 0.0169  -0.0152 0.0186  336 ASP C CA  
660 C C   . ASP C 11 ? 0.6491 0.5985 0.6060 0.0260  -0.0378 0.0257  336 ASP C C   
661 O O   . ASP C 11 ? 0.6915 0.6195 0.6328 0.0270  -0.0618 0.0375  336 ASP C O   
662 C CB  . ASP C 11 ? 0.7246 0.6643 0.6408 0.0145  -0.0233 0.0113  336 ASP C CB  
663 C CG  . ASP C 11 ? 0.8241 0.7460 0.7154 0.0094  0.0048  0.0021  336 ASP C CG  
664 O OD1 . ASP C 11 ? 0.8981 0.7870 0.7551 0.0035  0.0298  0.0020  336 ASP C OD1 
665 O OD2 . ASP C 11 ? 0.9885 0.9244 0.8967 0.0111  0.0062  -0.0055 336 ASP C OD2 
666 N N   . VAL C 12 ? 0.6906 0.6703 0.6946 0.0319  -0.0296 0.0188  337 VAL C N   
667 C CA  . VAL C 12 ? 0.7121 0.7010 0.7570 0.0411  -0.0340 0.0210  337 VAL C CA  
668 C C   . VAL C 12 ? 0.7336 0.6969 0.7674 0.0448  -0.0368 0.0315  337 VAL C C   
669 O O   . VAL C 12 ? 0.7368 0.6882 0.7793 0.0517  -0.0592 0.0438  337 VAL C O   
670 C CB  . VAL C 12 ? 0.7349 0.7343 0.7989 0.0402  -0.0133 0.0092  337 VAL C CB  
671 C CG1 . VAL C 12 ? 0.7609 0.7502 0.8517 0.0474  -0.0022 0.0082  337 VAL C CG1 
672 C CG2 . VAL C 12 ? 0.7052 0.7199 0.7794 0.0369  -0.0106 0.0013  337 VAL C CG2 
673 N N   . ILE C 13 ? 0.6927 0.6447 0.7106 0.0389  -0.0182 0.0284  338 ILE C N   
674 C CA  . ILE C 13 ? 0.7481 0.6687 0.7507 0.0392  -0.0158 0.0375  338 ILE C CA  
675 C C   . ILE C 13 ? 0.8264 0.7102 0.7761 0.0336  -0.0251 0.0508  338 ILE C C   
676 O O   . ILE C 13 ? 0.8883 0.7354 0.8143 0.0328  -0.0254 0.0614  338 ILE C O   
677 C CB  . ILE C 13 ? 0.6598 0.5756 0.6618 0.0285  0.0047  0.0301  338 ILE C CB  
678 C CG1 . ILE C 13 ? 0.6641 0.5910 0.6595 0.0160  0.0165  0.0261  338 ILE C CG1 
679 C CG2 . ILE C 13 ? 0.6149 0.5397 0.6396 0.0295  0.0103  0.0183  338 ILE C CG2 
680 C CD1 . ILE C 13 ? 0.7352 0.6307 0.6992 0.0062  0.0322  0.0339  338 ILE C CD1 
681 N N   . NH2 C 14 ? 0.8662 0.7460 0.7835 0.0272  -0.0308 0.0503  339 NH2 C N   
682 N N   A GLU D 4  ? 0.4337 0.6674 0.9504 -0.0408 -0.0756 0.4036  329 GLU D N   
683 N N   B GLU D 4  ? 0.4499 0.6705 0.8592 -0.0432 -0.0863 0.3736  329 GLU D N   
684 C CA  A GLU D 4  ? 0.4298 0.6431 0.8615 -0.0336 -0.0647 0.3592  329 GLU D CA  
685 C CA  B GLU D 4  ? 0.4317 0.6471 0.8595 -0.0341 -0.0650 0.3606  329 GLU D CA  
686 C C   . GLU D 4  ? 0.4053 0.5869 0.7592 -0.0178 -0.0335 0.2946  329 GLU D C   
687 O O   . GLU D 4  ? 0.3834 0.5684 0.7187 -0.0142 -0.0218 0.2903  329 GLU D O   
688 C CB  A GLU D 4  ? 0.4687 0.7204 0.8057 -0.0462 -0.0806 0.3916  329 GLU D CB  
689 C CB  B GLU D 4  ? 0.4230 0.6185 0.9990 -0.0342 -0.0750 0.3706  329 GLU D CB  
690 N N   . ALA D 5  ? 0.4006 0.5547 0.7236 -0.0112 -0.0239 0.2535  330 ALA D N   
691 C CA  . ALA D 5  ? 0.4011 0.5314 0.6541 -0.0018 -0.0016 0.2050  330 ALA D CA  
692 C C   . ALA D 5  ? 0.3934 0.5282 0.5644 -0.0006 -0.0057 0.1952  330 ALA D C   
693 O O   . ALA D 5  ? 0.4039 0.5456 0.5774 -0.0078 -0.0261 0.2126  330 ALA D O   
694 C CB  . ALA D 5  ? 0.4188 0.5149 0.7069 0.0029  0.0154  0.1655  330 ALA D CB  
695 N N   . PRO D 6  ? 0.3947 0.5215 0.5029 0.0069  0.0078  0.1681  331 PRO D N   
696 C CA  . PRO D 6  ? 0.3999 0.5181 0.4458 0.0102  0.0020  0.1478  331 PRO D CA  
697 C C   . PRO D 6  ? 0.4110 0.5058 0.4785 0.0072  -0.0027 0.1307  331 PRO D C   
698 O O   . PRO D 6  ? 0.3959 0.4822 0.5072 0.0060  0.0122  0.1244  331 PRO D O   
699 C CB  . PRO D 6  ? 0.4134 0.5298 0.4251 0.0205  0.0191  0.1290  331 PRO D CB  
700 C CG  . PRO D 6  ? 0.3768 0.4863 0.4318 0.0168  0.0282  0.1308  331 PRO D CG  
701 C CD  . PRO D 6  ? 0.3588 0.4768 0.4694 0.0103  0.0225  0.1546  331 PRO D CD  
702 N N   . PRO D 7  ? 0.4448 0.5287 0.4819 0.0053  -0.0226 0.1220  332 PRO D N   
703 C CA  . PRO D 7  ? 0.4513 0.5218 0.5264 0.0001  -0.0290 0.1190  332 PRO D CA  
704 C C   . PRO D 7  ? 0.4075 0.4722 0.4898 0.0018  -0.0037 0.1038  332 PRO D C   
705 O O   . PRO D 7  ? 0.4534 0.5133 0.5005 0.0056  0.0032  0.0904  332 PRO D O   
706 C CB  . PRO D 7  ? 0.4977 0.5501 0.5335 -0.0026 -0.0614 0.1074  332 PRO D CB  
707 C CG  . PRO D 7  ? 0.5424 0.6036 0.5220 -0.0037 -0.0762 0.1120  332 PRO D CG  
708 C CD  . PRO D 7  ? 0.4972 0.5811 0.4677 0.0058  -0.0425 0.1162  332 PRO D CD  
709 N N   . CYS D 8  ? 0.3649 0.4344 0.4948 -0.0025 0.0114  0.1094  333 CYS D N   
710 C CA  . CYS D 8  ? 0.3840 0.4534 0.4994 -0.0064 0.0355  0.0975  333 CYS D CA  
711 C C   . CYS D 8  ? 0.3813 0.4466 0.4817 -0.0133 0.0165  0.1027  333 CYS D C   
712 O O   . CYS D 8  ? 0.3476 0.4059 0.4659 -0.0139 -0.0125 0.1106  333 CYS D O   
713 C CB  . CYS D 8  ? 0.3966 0.4782 0.5568 -0.0069 0.0689  0.0970  333 CYS D CB  
714 S SG  . CYS D 8  ? 0.4288 0.5313 0.6630 -0.0105 0.0663  0.1267  333 CYS D SG  
715 N N   . TYR D 9  ? 0.3784 0.4453 0.4515 -0.0218 0.0259  0.1003  334 TYR D N   
716 C CA  . TYR D 9  ? 0.3996 0.4637 0.4752 -0.0305 0.0033  0.1124  334 TYR D CA  
717 C C   . TYR D 9  ? 0.4534 0.5269 0.5803 -0.0376 -0.0102 0.1357  334 TYR D C   
718 O O   . TYR D 9  ? 0.4989 0.5565 0.6495 -0.0391 -0.0454 0.1406  334 TYR D O   
719 C CB  . TYR D 9  ? 0.4204 0.4925 0.4646 -0.0466 0.0110  0.1200  334 TYR D CB  
720 C CG  . TYR D 9  ? 0.4335 0.5027 0.5001 -0.0569 -0.0206 0.1411  334 TYR D CG  
721 C CD1 . TYR D 9  ? 0.4050 0.4554 0.4812 -0.0475 -0.0407 0.1317  334 TYR D CD1 
722 C CD2 . TYR D 9  ? 0.4291 0.5187 0.5260 -0.0754 -0.0293 0.1754  334 TYR D CD2 
723 C CE1 . TYR D 9  ? 0.4102 0.4543 0.5332 -0.0545 -0.0712 0.1502  334 TYR D CE1 
724 C CE2 . TYR D 9  ? 0.4311 0.5171 0.5718 -0.0870 -0.0658 0.2019  334 TYR D CE2 
725 C CZ  . TYR D 9  ? 0.4268 0.4863 0.5843 -0.0755 -0.0880 0.1862  334 TYR D CZ  
726 O OH  . TYR D 9  ? 0.4302 0.4826 0.6543 -0.0840 -0.1250 0.2108  334 TYR D OH  
727 N N   . MET D 10 ? 0.4542 0.5521 0.6117 -0.0406 0.0173  0.1493  335 MET D N   
728 C CA  . MET D 10 ? 0.4889 0.6061 0.7157 -0.0493 0.0073  0.1838  335 MET D CA  
729 C C   . MET D 10 ? 0.4815 0.5765 0.7524 -0.0449 -0.0368 0.1871  335 MET D C   
730 O O   . MET D 10 ? 0.4441 0.5413 0.7768 -0.0552 -0.0675 0.2154  335 MET D O   
731 C CB  . MET D 10 ? 0.5374 0.6951 0.7977 -0.0501 0.0599  0.1990  335 MET D CB  
732 C CG  . MET D 10 ? 0.6104 0.8020 0.8322 -0.0656 0.0953  0.2130  335 MET D CG  
733 S SD  . MET D 10 ? 0.7691 0.9770 1.0108 -0.0919 0.0541  0.2641  335 MET D SD  
734 C CE  . MET D 10 ? 0.6437 0.8846 1.0137 -0.0969 0.0428  0.3191  335 MET D CE  
735 N N   . ASP D 11 ? 0.5187 0.5938 0.7580 -0.0338 -0.0448 0.1630  336 ASP D N   
736 C CA  . ASP D 11 ? 0.5499 0.6005 0.8000 -0.0354 -0.0941 0.1631  336 ASP D CA  
737 C C   . ASP D 11 ? 0.5802 0.5932 0.7740 -0.0317 -0.1277 0.1314  336 ASP D C   
738 O O   . ASP D 11 ? 0.5895 0.5733 0.7916 -0.0375 -0.1762 0.1256  336 ASP D O   
739 C CB  . ASP D 11 ? 0.5903 0.6455 0.8330 -0.0302 -0.0892 0.1622  336 ASP D CB  
740 C CG  . ASP D 11 ? 0.5974 0.6819 0.9344 -0.0327 -0.0698 0.1953  336 ASP D CG  
741 O OD1 . ASP D 11 ? 0.5912 0.7003 0.9646 -0.0304 -0.0270 0.2026  336 ASP D OD1 
742 O OD2 . ASP D 11 ? 0.6041 0.6894 0.9815 -0.0378 -0.0965 0.2162  336 ASP D OD2 
743 N N   . VAL D 12 ? 0.5291 0.5409 0.6749 -0.0218 -0.1028 0.1092  337 VAL D N   
744 C CA  . VAL D 12 ? 0.5685 0.5498 0.6829 -0.0126 -0.1216 0.0779  337 VAL D CA  
745 C C   . VAL D 12 ? 0.5682 0.5303 0.7434 -0.0229 -0.1596 0.0886  337 VAL D C   
746 O O   . VAL D 12 ? 0.5954 0.5207 0.7765 -0.0230 -0.2031 0.0690  337 VAL D O   
747 C CB  . VAL D 12 ? 0.5900 0.5824 0.6783 -0.0038 -0.0885 0.0691  337 VAL D CB  
748 C CG1 . VAL D 12 ? 0.6248 0.5916 0.7232 0.0065  -0.1038 0.0461  337 VAL D CG1 
749 C CG2 . VAL D 12 ? 0.5943 0.6009 0.6346 0.0066  -0.0611 0.0597  337 VAL D CG2 
750 N N   . ILE D 13 ? 0.4934 0.4811 0.7126 -0.0350 -0.1474 0.1227  338 ILE D N   
751 C CA  . ILE D 13 ? 0.5105 0.4899 0.8054 -0.0490 -0.1848 0.1486  338 ILE D CA  
752 C C   . ILE D 13 ? 0.5066 0.4913 0.8667 -0.0635 -0.2138 0.1808  338 ILE D C   
753 O O   . ILE D 13 ? 0.5446 0.5124 0.9784 -0.0752 -0.2596 0.2000  338 ILE D O   
754 C CB  . ILE D 13 ? 0.4914 0.5087 0.8073 -0.0651 -0.1649 0.1898  338 ILE D CB  
755 C CG1 . ILE D 13 ? 0.4562 0.5242 0.7516 -0.0756 -0.1178 0.2193  338 ILE D CG1 
756 C CG2 . ILE D 13 ? 0.4876 0.4955 0.7633 -0.0554 -0.1518 0.1670  338 ILE D CG2 
757 C CD1 . ILE D 13 ? 0.4467 0.5598 0.7688 -0.1009 -0.1075 0.2733  338 ILE D CD1 
758 N N   . NH2 D 14 ? 0.4881 0.4963 0.8424 -0.0638 -0.1923 0.1925  339 NH2 D N   
# 
